data_1X4M
#
_entry.id   1X4M
#
_entity_poly.entity_id   1
_entity_poly.type   'polypeptide(L)'
_entity_poly.pdbx_seq_one_letter_code
;GSSGSSGHGDGPGNAVQEIMIPASKAGLVIGKGGETIKQLQERAGVKMVMIQDGPQNTGADKPLRITGDPYKVQQAKEMV
LELIRDQGSGPSSG
;
_entity_poly.pdbx_strand_id   A
#
# COMPACT_ATOMS: atom_id res chain seq x y z
N GLY A 1 44.78 -21.95 3.91
CA GLY A 1 43.80 -22.99 3.67
C GLY A 1 43.06 -22.81 2.35
N SER A 2 41.74 -22.75 2.43
CA SER A 2 40.92 -22.58 1.22
C SER A 2 41.00 -21.15 0.71
N SER A 3 40.82 -20.20 1.62
CA SER A 3 40.87 -18.78 1.25
C SER A 3 39.91 -18.49 0.10
N GLY A 4 38.65 -18.90 0.26
CA GLY A 4 37.65 -18.68 -0.76
C GLY A 4 36.36 -18.12 -0.20
N SER A 5 36.43 -16.96 0.44
CA SER A 5 35.26 -16.33 1.03
C SER A 5 34.55 -15.45 0.01
N SER A 6 33.49 -15.98 -0.59
CA SER A 6 32.72 -15.24 -1.58
C SER A 6 31.37 -14.81 -1.01
N GLY A 7 30.67 -13.98 -1.77
CA GLY A 7 29.36 -13.50 -1.33
C GLY A 7 29.34 -12.01 -1.11
N HIS A 8 29.35 -11.24 -2.19
CA HIS A 8 29.33 -9.79 -2.10
C HIS A 8 29.11 -9.16 -3.47
N GLY A 9 28.41 -8.03 -3.50
CA GLY A 9 28.14 -7.35 -4.75
C GLY A 9 26.68 -6.96 -4.90
N ASP A 10 26.16 -6.26 -3.90
CA ASP A 10 24.77 -5.82 -3.91
C ASP A 10 24.69 -4.30 -3.87
N GLY A 11 24.59 -3.68 -5.04
CA GLY A 11 24.50 -2.23 -5.12
C GLY A 11 23.20 -1.70 -4.54
N PRO A 12 22.82 -0.48 -4.94
CA PRO A 12 21.59 0.16 -4.48
C PRO A 12 20.34 -0.51 -5.04
N GLY A 13 19.29 -0.55 -4.22
CA GLY A 13 18.05 -1.17 -4.66
C GLY A 13 16.86 -0.71 -3.84
N ASN A 14 15.66 -0.91 -4.36
CA ASN A 14 14.44 -0.52 -3.68
C ASN A 14 13.29 -1.46 -4.01
N ALA A 15 12.54 -1.85 -2.98
CA ALA A 15 11.41 -2.75 -3.15
C ALA A 15 10.15 -1.98 -3.54
N VAL A 16 9.34 -2.58 -4.42
CA VAL A 16 8.10 -1.96 -4.86
C VAL A 16 6.97 -2.98 -4.94
N GLN A 17 5.80 -2.60 -4.45
CA GLN A 17 4.64 -3.48 -4.47
C GLN A 17 3.40 -2.74 -4.96
N GLU A 18 2.68 -3.36 -5.89
CA GLU A 18 1.48 -2.76 -6.44
C GLU A 18 0.22 -3.44 -5.90
N ILE A 19 -0.79 -2.63 -5.58
CA ILE A 19 -2.04 -3.17 -5.05
C ILE A 19 -3.24 -2.47 -5.68
N MET A 20 -4.37 -3.16 -5.71
CA MET A 20 -5.60 -2.62 -6.29
C MET A 20 -6.41 -1.88 -5.23
N ILE A 21 -6.68 -0.61 -5.49
CA ILE A 21 -7.45 0.21 -4.56
C ILE A 21 -8.71 0.77 -5.23
N PRO A 22 -9.85 0.67 -4.53
CA PRO A 22 -11.13 1.17 -5.04
C PRO A 22 -11.18 2.69 -5.09
N ALA A 23 -11.14 3.24 -6.29
CA ALA A 23 -11.19 4.68 -6.47
C ALA A 23 -12.08 5.35 -5.43
N SER A 24 -13.13 4.63 -5.01
CA SER A 24 -14.06 5.14 -4.02
C SER A 24 -13.33 5.48 -2.72
N LYS A 25 -12.56 4.51 -2.22
CA LYS A 25 -11.81 4.70 -0.98
C LYS A 25 -10.51 5.46 -1.25
N ALA A 26 -10.10 5.50 -2.51
CA ALA A 26 -8.87 6.20 -2.88
C ALA A 26 -8.88 7.65 -2.41
N GLY A 27 -10.06 8.28 -2.46
CA GLY A 27 -10.17 9.65 -2.03
C GLY A 27 -10.19 9.79 -0.53
N LEU A 28 -10.15 8.66 0.17
CA LEU A 28 -10.15 8.66 1.63
C LEU A 28 -8.75 8.43 2.19
N VAL A 29 -7.94 7.68 1.45
CA VAL A 29 -6.57 7.40 1.87
C VAL A 29 -5.60 8.41 1.29
N ILE A 30 -5.96 8.96 0.14
CA ILE A 30 -5.11 9.96 -0.53
C ILE A 30 -5.36 11.35 0.03
N GLY A 31 -6.62 11.77 0.03
CA GLY A 31 -6.97 13.08 0.55
C GLY A 31 -7.01 14.13 -0.54
N LYS A 32 -7.34 15.36 -0.17
CA LYS A 32 -7.43 16.46 -1.12
C LYS A 32 -6.05 16.75 -1.74
N GLY A 33 -5.71 15.99 -2.78
CA GLY A 33 -4.44 16.18 -3.43
C GLY A 33 -3.43 15.11 -3.06
N GLY A 34 -3.51 14.63 -1.83
CA GLY A 34 -2.58 13.60 -1.38
C GLY A 34 -1.90 13.97 -0.07
N GLU A 35 -2.69 14.44 0.89
CA GLU A 35 -2.16 14.83 2.19
C GLU A 35 -2.12 13.63 3.15
N THR A 36 -3.16 12.80 3.08
CA THR A 36 -3.26 11.63 3.94
C THR A 36 -2.19 10.60 3.58
N ILE A 37 -2.27 10.07 2.37
CA ILE A 37 -1.31 9.07 1.91
C ILE A 37 0.12 9.53 2.16
N LYS A 38 0.31 10.84 2.21
CA LYS A 38 1.64 11.41 2.46
C LYS A 38 2.13 11.04 3.85
N GLN A 39 1.22 11.04 4.82
CA GLN A 39 1.58 10.72 6.19
C GLN A 39 1.77 9.21 6.36
N LEU A 40 1.10 8.43 5.51
CA LEU A 40 1.20 6.98 5.56
C LEU A 40 2.59 6.51 5.18
N GLN A 41 3.32 7.34 4.44
CA GLN A 41 4.66 7.01 4.01
C GLN A 41 5.62 6.97 5.19
N GLU A 42 5.37 7.82 6.19
CA GLU A 42 6.20 7.87 7.38
C GLU A 42 5.84 6.75 8.34
N ARG A 43 4.54 6.47 8.45
CA ARG A 43 4.06 5.43 9.35
C ARG A 43 4.69 4.08 9.00
N ALA A 44 4.98 3.88 7.72
CA ALA A 44 5.58 2.64 7.26
C ALA A 44 7.03 2.85 6.83
N GLY A 45 7.37 4.10 6.54
CA GLY A 45 8.72 4.42 6.11
C GLY A 45 8.94 4.20 4.63
N VAL A 46 7.84 4.00 3.90
CA VAL A 46 7.93 3.77 2.46
C VAL A 46 7.18 4.86 1.69
N LYS A 47 7.45 4.95 0.39
CA LYS A 47 6.81 5.95 -0.46
C LYS A 47 5.56 5.37 -1.11
N MET A 48 4.47 6.14 -1.08
CA MET A 48 3.21 5.71 -1.66
C MET A 48 2.86 6.56 -2.89
N VAL A 49 2.65 5.91 -4.02
CA VAL A 49 2.30 6.61 -5.26
C VAL A 49 1.17 5.91 -5.98
N MET A 50 0.01 6.55 -6.02
CA MET A 50 -1.16 5.99 -6.69
C MET A 50 -1.00 6.07 -8.21
N ILE A 51 -1.18 4.93 -8.88
CA ILE A 51 -1.05 4.87 -10.32
C ILE A 51 -2.42 4.99 -11.00
N GLN A 52 -2.44 5.61 -12.17
CA GLN A 52 -3.68 5.79 -12.91
C GLN A 52 -3.54 5.28 -14.35
N ASP A 53 -2.56 5.82 -15.07
CA ASP A 53 -2.32 5.43 -16.45
C ASP A 53 -3.63 5.26 -17.21
N GLY A 54 -4.52 6.23 -17.05
CA GLY A 54 -5.81 6.17 -17.73
C GLY A 54 -6.35 4.77 -17.82
N PRO A 55 -7.02 4.31 -16.75
CA PRO A 55 -7.62 2.98 -16.69
C PRO A 55 -8.80 2.81 -17.63
N GLN A 56 -8.53 2.32 -18.83
CA GLN A 56 -9.58 2.12 -19.82
C GLN A 56 -9.83 0.63 -20.06
N ASN A 57 -10.99 0.31 -20.61
CA ASN A 57 -11.35 -1.08 -20.89
C ASN A 57 -10.85 -2.00 -19.79
N THR A 58 -11.12 -1.62 -18.54
CA THR A 58 -10.70 -2.41 -17.39
C THR A 58 -11.59 -2.12 -16.18
N GLY A 59 -11.62 -3.07 -15.25
CA GLY A 59 -12.43 -2.90 -14.06
C GLY A 59 -12.10 -1.63 -13.30
N ALA A 60 -13.11 -0.99 -12.74
CA ALA A 60 -12.93 0.25 -11.99
C ALA A 60 -12.05 0.02 -10.77
N ASP A 61 -10.78 0.40 -10.87
CA ASP A 61 -9.84 0.25 -9.76
C ASP A 61 -8.67 1.20 -9.91
N LYS A 62 -7.87 1.31 -8.85
CA LYS A 62 -6.71 2.20 -8.85
C LYS A 62 -5.49 1.51 -8.28
N PRO A 63 -4.59 1.05 -9.16
CA PRO A 63 -3.36 0.37 -8.76
C PRO A 63 -2.37 1.29 -8.08
N LEU A 64 -2.17 1.10 -6.78
CA LEU A 64 -1.25 1.92 -6.01
C LEU A 64 0.13 1.29 -5.96
N ARG A 65 1.16 2.10 -6.23
CA ARG A 65 2.53 1.62 -6.22
C ARG A 65 3.26 2.08 -4.96
N ILE A 66 3.68 1.12 -4.14
CA ILE A 66 4.39 1.42 -2.90
C ILE A 66 5.87 1.05 -3.01
N THR A 67 6.72 2.07 -3.07
CA THR A 67 8.16 1.85 -3.18
C THR A 67 8.85 2.06 -1.83
N GLY A 68 10.03 1.47 -1.67
CA GLY A 68 10.76 1.60 -0.43
C GLY A 68 11.68 0.42 -0.17
N ASP A 69 11.28 -0.43 0.79
CA ASP A 69 12.08 -1.60 1.13
C ASP A 69 11.23 -2.87 1.04
N PRO A 70 11.90 -4.02 0.92
CA PRO A 70 11.23 -5.32 0.82
C PRO A 70 10.56 -5.73 2.13
N TYR A 71 11.13 -5.29 3.24
CA TYR A 71 10.59 -5.61 4.55
C TYR A 71 9.61 -4.54 5.02
N LYS A 72 9.74 -3.35 4.45
CA LYS A 72 8.87 -2.23 4.80
C LYS A 72 7.67 -2.16 3.86
N VAL A 73 7.95 -2.09 2.56
CA VAL A 73 6.91 -2.01 1.55
C VAL A 73 5.79 -3.02 1.85
N GLN A 74 6.16 -4.15 2.41
CA GLN A 74 5.21 -5.20 2.74
C GLN A 74 4.29 -4.75 3.87
N GLN A 75 4.84 -4.01 4.82
CA GLN A 75 4.06 -3.52 5.96
C GLN A 75 3.03 -2.50 5.51
N ALA A 76 3.49 -1.44 4.85
CA ALA A 76 2.60 -0.39 4.37
C ALA A 76 1.44 -0.98 3.57
N LYS A 77 1.76 -1.81 2.59
CA LYS A 77 0.73 -2.44 1.75
C LYS A 77 -0.49 -2.80 2.58
N GLU A 78 -0.25 -3.32 3.78
CA GLU A 78 -1.35 -3.71 4.67
C GLU A 78 -2.04 -2.48 5.25
N MET A 79 -1.24 -1.48 5.62
CA MET A 79 -1.78 -0.25 6.19
C MET A 79 -2.77 0.41 5.23
N VAL A 80 -2.48 0.32 3.94
CA VAL A 80 -3.35 0.91 2.92
C VAL A 80 -4.55 0.02 2.64
N LEU A 81 -4.29 -1.25 2.35
CA LEU A 81 -5.36 -2.20 2.07
C LEU A 81 -6.42 -2.18 3.17
N GLU A 82 -5.97 -2.03 4.41
CA GLU A 82 -6.88 -1.99 5.55
C GLU A 82 -7.66 -0.68 5.58
N LEU A 83 -7.13 0.33 4.88
CA LEU A 83 -7.77 1.63 4.82
C LEU A 83 -9.03 1.60 3.95
N ILE A 84 -8.93 0.92 2.82
CA ILE A 84 -10.06 0.80 1.90
C ILE A 84 -10.96 -0.36 2.29
N ARG A 85 -10.41 -1.31 3.05
CA ARG A 85 -11.17 -2.47 3.49
C ARG A 85 -12.32 -2.05 4.40
N ASP A 86 -13.31 -2.94 4.55
CA ASP A 86 -14.46 -2.66 5.40
C ASP A 86 -14.92 -3.92 6.12
N GLN A 87 -15.56 -3.73 7.27
CA GLN A 87 -16.04 -4.86 8.07
C GLN A 87 -17.53 -4.70 8.39
N GLY A 88 -18.13 -5.76 8.91
CA GLY A 88 -19.54 -5.71 9.25
C GLY A 88 -19.82 -4.79 10.42
N SER A 89 -19.37 -5.17 11.60
CA SER A 89 -19.58 -4.37 12.81
C SER A 89 -18.61 -3.19 12.85
N GLY A 90 -19.16 -1.98 12.85
CA GLY A 90 -18.34 -0.79 12.90
C GLY A 90 -18.29 -0.16 14.27
N PRO A 91 -17.14 0.42 14.62
CA PRO A 91 -16.94 1.07 15.91
C PRO A 91 -17.75 2.36 16.06
N SER A 92 -17.64 3.22 15.06
CA SER A 92 -18.36 4.49 15.07
C SER A 92 -19.87 4.26 14.99
N SER A 93 -20.63 5.18 15.58
CA SER A 93 -22.08 5.07 15.58
C SER A 93 -22.66 5.43 14.21
N GLY A 94 -22.27 6.59 13.70
CA GLY A 94 -22.76 7.03 12.41
C GLY A 94 -22.00 6.38 11.25
N GLY A 1 -5.30 -25.89 17.90
CA GLY A 1 -4.78 -25.31 16.67
C GLY A 1 -3.35 -24.86 16.81
N SER A 2 -2.69 -24.58 15.68
CA SER A 2 -1.31 -24.15 15.67
C SER A 2 -0.86 -23.75 14.27
N SER A 3 -0.23 -22.59 14.16
CA SER A 3 0.24 -22.08 12.88
C SER A 3 1.45 -21.17 13.06
N GLY A 4 2.38 -21.22 12.11
CA GLY A 4 3.56 -20.40 12.18
C GLY A 4 4.45 -20.55 10.97
N SER A 5 5.30 -19.54 10.71
CA SER A 5 6.20 -19.57 9.57
C SER A 5 7.41 -18.70 9.82
N SER A 6 8.59 -19.23 9.53
CA SER A 6 9.84 -18.50 9.72
C SER A 6 10.65 -18.45 8.43
N GLY A 7 11.46 -17.40 8.29
CA GLY A 7 12.27 -17.25 7.10
C GLY A 7 12.96 -15.90 7.03
N HIS A 8 13.54 -15.59 5.88
CA HIS A 8 14.22 -14.31 5.69
C HIS A 8 13.69 -13.57 4.46
N GLY A 9 14.23 -12.39 4.21
CA GLY A 9 13.80 -11.61 3.07
C GLY A 9 14.66 -10.37 2.85
N ASP A 10 15.61 -10.49 1.93
CA ASP A 10 16.51 -9.38 1.63
C ASP A 10 16.83 -9.34 0.13
N GLY A 11 17.15 -8.14 -0.37
CA GLY A 11 17.47 -7.99 -1.77
C GLY A 11 18.08 -6.64 -2.08
N PRO A 12 19.01 -6.62 -3.06
CA PRO A 12 19.69 -5.39 -3.47
C PRO A 12 18.76 -4.42 -4.20
N GLY A 13 18.66 -3.20 -3.69
CA GLY A 13 17.80 -2.21 -4.30
C GLY A 13 16.51 -2.00 -3.54
N ASN A 14 15.76 -0.98 -3.93
CA ASN A 14 14.48 -0.68 -3.27
C ASN A 14 13.38 -1.63 -3.73
N ALA A 15 12.51 -1.99 -2.81
CA ALA A 15 11.40 -2.90 -3.13
C ALA A 15 10.14 -2.13 -3.50
N VAL A 16 9.30 -2.74 -4.31
CA VAL A 16 8.06 -2.11 -4.74
C VAL A 16 6.91 -3.12 -4.79
N GLN A 17 5.72 -2.68 -4.37
CA GLN A 17 4.56 -3.55 -4.37
C GLN A 17 3.34 -2.81 -4.92
N GLU A 18 2.68 -3.42 -5.91
CA GLU A 18 1.51 -2.82 -6.53
C GLU A 18 0.23 -3.48 -6.01
N ILE A 19 -0.74 -2.66 -5.63
CA ILE A 19 -2.00 -3.16 -5.12
C ILE A 19 -3.19 -2.37 -5.70
N MET A 20 -4.27 -3.07 -6.00
CA MET A 20 -5.46 -2.45 -6.54
C MET A 20 -6.25 -1.73 -5.46
N ILE A 21 -6.57 -0.46 -5.70
CA ILE A 21 -7.33 0.33 -4.74
C ILE A 21 -8.61 0.87 -5.36
N PRO A 22 -9.74 0.71 -4.65
CA PRO A 22 -11.05 1.18 -5.11
C PRO A 22 -11.15 2.70 -5.11
N ALA A 23 -11.21 3.29 -6.30
CA ALA A 23 -11.31 4.73 -6.43
C ALA A 23 -12.21 5.32 -5.34
N SER A 24 -13.20 4.55 -4.93
CA SER A 24 -14.13 4.99 -3.90
C SER A 24 -13.41 5.29 -2.59
N LYS A 25 -12.62 4.33 -2.13
CA LYS A 25 -11.86 4.49 -0.89
C LYS A 25 -10.56 5.25 -1.15
N ALA A 26 -10.13 5.29 -2.41
CA ALA A 26 -8.92 5.99 -2.78
C ALA A 26 -8.90 7.40 -2.22
N GLY A 27 -9.93 8.17 -2.53
CA GLY A 27 -10.01 9.54 -2.05
C GLY A 27 -9.96 9.62 -0.53
N LEU A 28 -10.37 8.55 0.14
CA LEU A 28 -10.35 8.51 1.59
C LEU A 28 -8.94 8.25 2.12
N VAL A 29 -8.18 7.45 1.38
CA VAL A 29 -6.81 7.13 1.78
C VAL A 29 -5.83 8.18 1.26
N ILE A 30 -6.25 8.91 0.23
CA ILE A 30 -5.41 9.95 -0.36
C ILE A 30 -5.63 11.29 0.31
N GLY A 31 -6.89 11.59 0.60
CA GLY A 31 -7.22 12.85 1.25
C GLY A 31 -7.35 13.99 0.26
N LYS A 32 -7.49 15.22 0.78
CA LYS A 32 -7.62 16.39 -0.06
C LYS A 32 -6.26 16.82 -0.61
N GLY A 33 -5.85 16.20 -1.71
CA GLY A 33 -4.57 16.53 -2.31
C GLY A 33 -3.42 15.74 -1.71
N GLY A 34 -3.65 14.46 -1.45
CA GLY A 34 -2.62 13.62 -0.87
C GLY A 34 -2.14 14.13 0.48
N GLU A 35 -3.09 14.37 1.38
CA GLU A 35 -2.75 14.87 2.71
C GLU A 35 -2.53 13.71 3.68
N THR A 36 -3.38 12.70 3.59
CA THR A 36 -3.30 11.54 4.47
C THR A 36 -2.19 10.58 3.98
N ILE A 37 -2.38 10.04 2.79
CA ILE A 37 -1.41 9.11 2.21
C ILE A 37 0.02 9.55 2.52
N LYS A 38 0.28 10.84 2.33
CA LYS A 38 1.61 11.40 2.59
C LYS A 38 2.11 10.99 3.97
N GLN A 39 1.22 11.03 4.95
CA GLN A 39 1.57 10.66 6.32
C GLN A 39 1.87 9.17 6.43
N LEU A 40 1.11 8.37 5.67
CA LEU A 40 1.29 6.93 5.68
C LEU A 40 2.70 6.55 5.25
N GLN A 41 3.34 7.43 4.49
CA GLN A 41 4.69 7.18 4.02
C GLN A 41 5.68 7.14 5.18
N GLU A 42 5.34 7.84 6.26
CA GLU A 42 6.20 7.88 7.44
C GLU A 42 5.87 6.72 8.39
N ARG A 43 4.59 6.41 8.50
CA ARG A 43 4.15 5.32 9.37
C ARG A 43 4.89 4.03 9.06
N ALA A 44 5.18 3.81 7.78
CA ALA A 44 5.88 2.61 7.34
C ALA A 44 7.27 2.96 6.81
N GLY A 45 7.45 4.21 6.40
CA GLY A 45 8.72 4.65 5.88
C GLY A 45 8.90 4.31 4.41
N VAL A 46 7.79 4.30 3.67
CA VAL A 46 7.82 3.99 2.24
C VAL A 46 7.09 5.05 1.44
N LYS A 47 7.38 5.12 0.14
CA LYS A 47 6.75 6.08 -0.74
C LYS A 47 5.50 5.49 -1.40
N MET A 48 4.36 6.15 -1.21
CA MET A 48 3.11 5.69 -1.77
C MET A 48 2.74 6.51 -3.01
N VAL A 49 2.75 5.86 -4.18
CA VAL A 49 2.42 6.54 -5.42
C VAL A 49 1.24 5.85 -6.12
N MET A 50 0.11 6.54 -6.18
CA MET A 50 -1.09 6.00 -6.81
C MET A 50 -1.00 6.12 -8.32
N ILE A 51 -1.08 4.98 -9.01
CA ILE A 51 -1.01 4.97 -10.47
C ILE A 51 -2.40 4.86 -11.09
N GLN A 52 -2.65 5.62 -12.15
CA GLN A 52 -3.93 5.60 -12.83
C GLN A 52 -3.75 5.28 -14.31
N ASP A 53 -2.70 4.56 -14.64
CA ASP A 53 -2.41 4.18 -16.02
C ASP A 53 -2.97 2.80 -16.34
N GLY A 54 -4.16 2.51 -15.79
CA GLY A 54 -4.78 1.22 -16.02
C GLY A 54 -6.18 1.34 -16.58
N PRO A 55 -6.90 0.22 -16.64
CA PRO A 55 -8.27 0.18 -17.15
C PRO A 55 -9.26 0.87 -16.21
N GLN A 56 -9.36 2.19 -16.33
CA GLN A 56 -10.27 2.97 -15.50
C GLN A 56 -11.71 2.60 -15.77
N ASN A 57 -12.00 2.21 -17.02
CA ASN A 57 -13.35 1.83 -17.41
C ASN A 57 -13.66 0.40 -16.99
N THR A 58 -14.85 -0.06 -17.34
CA THR A 58 -15.28 -1.42 -16.99
C THR A 58 -14.74 -1.82 -15.62
N GLY A 59 -14.76 -0.89 -14.67
CA GLY A 59 -14.28 -1.18 -13.35
C GLY A 59 -13.89 0.07 -12.59
N ALA A 60 -13.85 -0.03 -11.26
CA ALA A 60 -13.49 1.10 -10.42
C ALA A 60 -12.34 0.76 -9.49
N ASP A 61 -11.12 0.94 -9.96
CA ASP A 61 -9.93 0.65 -9.17
C ASP A 61 -8.70 1.33 -9.76
N LYS A 62 -7.67 1.50 -8.93
CA LYS A 62 -6.43 2.13 -9.37
C LYS A 62 -5.22 1.42 -8.78
N PRO A 63 -4.26 1.06 -9.65
CA PRO A 63 -3.03 0.37 -9.23
C PRO A 63 -2.10 1.29 -8.43
N LEU A 64 -2.01 1.03 -7.13
CA LEU A 64 -1.16 1.83 -6.25
C LEU A 64 0.24 1.23 -6.16
N ARG A 65 1.25 2.01 -6.50
CA ARG A 65 2.63 1.56 -6.45
C ARG A 65 3.30 1.98 -5.14
N ILE A 66 3.65 1.00 -4.32
CA ILE A 66 4.30 1.26 -3.05
C ILE A 66 5.78 0.94 -3.10
N THR A 67 6.60 1.98 -3.19
CA THR A 67 8.05 1.81 -3.25
C THR A 67 8.70 2.08 -1.89
N GLY A 68 9.84 1.45 -1.66
CA GLY A 68 10.54 1.64 -0.40
C GLY A 68 11.50 0.50 -0.09
N ASP A 69 11.21 -0.23 0.99
CA ASP A 69 12.05 -1.35 1.40
C ASP A 69 11.32 -2.68 1.19
N PRO A 70 12.09 -3.77 1.10
CA PRO A 70 11.55 -5.11 0.89
C PRO A 70 10.80 -5.63 2.12
N TYR A 71 11.24 -5.20 3.30
CA TYR A 71 10.62 -5.62 4.55
C TYR A 71 9.57 -4.60 4.99
N LYS A 72 9.68 -3.39 4.48
CA LYS A 72 8.74 -2.32 4.83
C LYS A 72 7.60 -2.27 3.81
N VAL A 73 7.95 -2.16 2.54
CA VAL A 73 6.95 -2.10 1.48
C VAL A 73 5.78 -3.02 1.76
N GLN A 74 6.07 -4.17 2.38
CA GLN A 74 5.04 -5.14 2.71
C GLN A 74 4.14 -4.62 3.83
N GLN A 75 4.75 -3.96 4.81
CA GLN A 75 3.99 -3.42 5.94
C GLN A 75 3.01 -2.36 5.47
N ALA A 76 3.51 -1.34 4.78
CA ALA A 76 2.67 -0.26 4.28
C ALA A 76 1.45 -0.81 3.54
N LYS A 77 1.69 -1.78 2.66
CA LYS A 77 0.60 -2.39 1.90
C LYS A 77 -0.58 -2.71 2.79
N GLU A 78 -0.32 -3.35 3.92
CA GLU A 78 -1.37 -3.72 4.86
C GLU A 78 -2.10 -2.47 5.35
N MET A 79 -1.34 -1.45 5.70
CA MET A 79 -1.91 -0.20 6.19
C MET A 79 -2.90 0.38 5.18
N VAL A 80 -2.46 0.51 3.94
CA VAL A 80 -3.31 1.06 2.88
C VAL A 80 -4.50 0.15 2.62
N LEU A 81 -4.24 -1.15 2.53
CA LEU A 81 -5.29 -2.13 2.28
C LEU A 81 -6.35 -2.07 3.36
N GLU A 82 -5.95 -1.69 4.57
CA GLU A 82 -6.87 -1.61 5.70
C GLU A 82 -7.64 -0.29 5.65
N LEU A 83 -7.06 0.72 5.01
CA LEU A 83 -7.69 2.02 4.90
C LEU A 83 -8.95 1.95 4.04
N ILE A 84 -8.93 1.07 3.05
CA ILE A 84 -10.08 0.89 2.17
C ILE A 84 -11.05 -0.14 2.72
N ARG A 85 -10.58 -0.94 3.68
CA ARG A 85 -11.41 -1.96 4.29
C ARG A 85 -12.37 -1.36 5.31
N ASP A 86 -13.35 -2.14 5.73
CA ASP A 86 -14.33 -1.68 6.71
C ASP A 86 -14.30 -2.54 7.97
N GLN A 87 -14.32 -3.85 7.79
CA GLN A 87 -14.29 -4.78 8.90
C GLN A 87 -13.33 -4.30 9.98
N GLY A 88 -13.88 -3.95 11.14
CA GLY A 88 -13.06 -3.48 12.24
C GLY A 88 -13.37 -4.18 13.54
N SER A 89 -13.37 -5.51 13.51
CA SER A 89 -13.66 -6.30 14.70
C SER A 89 -12.55 -6.14 15.75
N GLY A 90 -12.93 -6.23 17.02
CA GLY A 90 -11.96 -6.09 18.09
C GLY A 90 -12.51 -5.31 19.27
N PRO A 91 -11.60 -4.73 20.07
CA PRO A 91 -11.97 -3.95 21.25
C PRO A 91 -12.62 -2.62 20.88
N SER A 92 -12.15 -2.02 19.79
CA SER A 92 -12.69 -0.74 19.33
C SER A 92 -14.10 -0.92 18.76
N SER A 93 -15.07 -0.26 19.39
CA SER A 93 -16.46 -0.34 18.95
C SER A 93 -16.82 -1.78 18.58
N GLY A 94 -16.45 -2.72 19.44
CA GLY A 94 -16.74 -4.12 19.18
C GLY A 94 -17.41 -4.80 20.36
N GLY A 1 24.43 -32.08 -0.80
CA GLY A 1 24.16 -32.97 0.31
C GLY A 1 22.82 -32.66 0.98
N SER A 2 22.74 -32.95 2.27
CA SER A 2 21.52 -32.72 3.02
C SER A 2 21.48 -31.29 3.56
N SER A 3 21.87 -30.34 2.72
CA SER A 3 21.89 -28.93 3.11
C SER A 3 21.20 -28.07 2.05
N GLY A 4 20.35 -27.15 2.52
CA GLY A 4 19.64 -26.27 1.60
C GLY A 4 20.30 -24.91 1.48
N SER A 5 19.77 -23.93 2.20
CA SER A 5 20.30 -22.58 2.16
C SER A 5 20.14 -21.89 3.51
N SER A 6 20.89 -20.81 3.71
CA SER A 6 20.82 -20.06 4.96
C SER A 6 20.63 -18.57 4.69
N GLY A 7 19.43 -18.07 4.98
CA GLY A 7 19.14 -16.67 4.76
C GLY A 7 17.91 -16.45 3.90
N HIS A 8 17.50 -15.19 3.77
CA HIS A 8 16.33 -14.86 2.96
C HIS A 8 16.71 -14.08 1.72
N GLY A 9 17.46 -13.00 1.91
CA GLY A 9 17.89 -12.18 0.79
C GLY A 9 18.92 -11.14 1.20
N ASP A 10 19.81 -10.80 0.27
CA ASP A 10 20.85 -9.81 0.54
C ASP A 10 21.30 -9.14 -0.75
N GLY A 11 21.07 -7.84 -0.86
CA GLY A 11 21.46 -7.10 -2.05
C GLY A 11 20.68 -5.81 -2.20
N PRO A 12 21.34 -4.79 -2.79
CA PRO A 12 20.71 -3.48 -3.02
C PRO A 12 19.63 -3.53 -4.08
N GLY A 13 18.41 -3.16 -3.69
CA GLY A 13 17.30 -3.17 -4.63
C GLY A 13 16.02 -2.65 -4.01
N ASN A 14 15.57 -1.48 -4.46
CA ASN A 14 14.35 -0.88 -3.94
C ASN A 14 13.15 -1.79 -4.17
N ALA A 15 12.45 -2.12 -3.08
CA ALA A 15 11.29 -2.99 -3.16
C ALA A 15 10.03 -2.18 -3.49
N VAL A 16 9.17 -2.75 -4.33
CA VAL A 16 7.93 -2.09 -4.73
C VAL A 16 6.76 -3.07 -4.74
N GLN A 17 5.64 -2.64 -4.21
CA GLN A 17 4.45 -3.50 -4.16
C GLN A 17 3.23 -2.75 -4.71
N GLU A 18 2.57 -3.36 -5.70
CA GLU A 18 1.39 -2.76 -6.32
C GLU A 18 0.11 -3.44 -5.83
N ILE A 19 -0.89 -2.64 -5.50
CA ILE A 19 -2.17 -3.16 -5.03
C ILE A 19 -3.34 -2.48 -5.74
N MET A 20 -4.48 -3.15 -5.75
CA MET A 20 -5.67 -2.62 -6.38
C MET A 20 -6.53 -1.84 -5.38
N ILE A 21 -6.62 -0.52 -5.57
CA ILE A 21 -7.39 0.33 -4.69
C ILE A 21 -8.64 0.85 -5.38
N PRO A 22 -9.77 0.81 -4.67
CA PRO A 22 -11.07 1.28 -5.20
C PRO A 22 -11.10 2.79 -5.37
N ALA A 23 -11.51 3.23 -6.56
CA ALA A 23 -11.60 4.66 -6.84
C ALA A 23 -12.44 5.39 -5.80
N SER A 24 -13.19 4.62 -5.02
CA SER A 24 -14.05 5.19 -3.98
C SER A 24 -13.24 5.53 -2.74
N LYS A 25 -12.47 4.56 -2.24
CA LYS A 25 -11.65 4.76 -1.06
C LYS A 25 -10.37 5.52 -1.41
N ALA A 26 -10.04 5.55 -2.69
CA ALA A 26 -8.85 6.25 -3.15
C ALA A 26 -8.81 7.68 -2.64
N GLY A 27 -9.96 8.35 -2.68
CA GLY A 27 -10.03 9.72 -2.21
C GLY A 27 -10.00 9.82 -0.70
N LEU A 28 -10.07 8.67 -0.03
CA LEU A 28 -10.05 8.64 1.43
C LEU A 28 -8.64 8.36 1.95
N VAL A 29 -7.97 7.38 1.34
CA VAL A 29 -6.62 7.03 1.74
C VAL A 29 -5.62 8.12 1.34
N ILE A 30 -5.99 8.91 0.35
CA ILE A 30 -5.14 9.99 -0.13
C ILE A 30 -5.50 11.32 0.53
N GLY A 31 -6.79 11.54 0.71
CA GLY A 31 -7.26 12.77 1.33
C GLY A 31 -7.39 13.90 0.33
N LYS A 32 -7.34 15.13 0.83
CA LYS A 32 -7.46 16.32 -0.02
C LYS A 32 -6.09 16.74 -0.56
N GLY A 33 -5.63 16.06 -1.61
CA GLY A 33 -4.35 16.38 -2.19
C GLY A 33 -3.20 15.72 -1.45
N GLY A 34 -3.28 14.41 -1.28
CA GLY A 34 -2.22 13.69 -0.58
C GLY A 34 -2.03 14.17 0.83
N GLU A 35 -3.12 14.20 1.60
CA GLU A 35 -3.07 14.64 2.99
C GLU A 35 -2.85 13.46 3.93
N THR A 36 -3.52 12.35 3.64
CA THR A 36 -3.40 11.15 4.45
C THR A 36 -2.27 10.25 3.96
N ILE A 37 -2.32 9.89 2.68
CA ILE A 37 -1.31 9.03 2.10
C ILE A 37 0.10 9.57 2.36
N LYS A 38 0.25 10.89 2.22
CA LYS A 38 1.54 11.53 2.45
C LYS A 38 2.08 11.17 3.82
N GLN A 39 1.21 11.10 4.81
CA GLN A 39 1.61 10.76 6.17
C GLN A 39 1.84 9.26 6.32
N LEU A 40 1.11 8.48 5.52
CA LEU A 40 1.23 7.03 5.56
C LEU A 40 2.65 6.59 5.17
N GLN A 41 3.36 7.46 4.48
CA GLN A 41 4.73 7.17 4.06
C GLN A 41 5.68 7.20 5.25
N GLU A 42 5.37 8.03 6.23
CA GLU A 42 6.21 8.16 7.42
C GLU A 42 5.96 7.00 8.38
N ARG A 43 4.69 6.67 8.58
CA ARG A 43 4.32 5.58 9.47
C ARG A 43 5.10 4.31 9.15
N ALA A 44 5.26 4.03 7.86
CA ALA A 44 5.99 2.86 7.41
C ALA A 44 7.37 3.23 6.90
N GLY A 45 7.52 4.48 6.45
CA GLY A 45 8.80 4.94 5.94
C GLY A 45 8.91 4.78 4.44
N VAL A 46 8.01 4.00 3.85
CA VAL A 46 8.01 3.76 2.42
C VAL A 46 7.25 4.86 1.69
N LYS A 47 7.42 4.92 0.37
CA LYS A 47 6.73 5.92 -0.45
C LYS A 47 5.48 5.34 -1.08
N MET A 48 4.39 6.11 -1.02
CA MET A 48 3.12 5.67 -1.59
C MET A 48 2.71 6.57 -2.75
N VAL A 49 2.42 5.97 -3.89
CA VAL A 49 2.02 6.71 -5.08
C VAL A 49 0.94 5.96 -5.85
N MET A 50 -0.22 6.59 -5.99
CA MET A 50 -1.33 5.99 -6.72
C MET A 50 -1.13 6.10 -8.23
N ILE A 51 -1.17 4.97 -8.92
CA ILE A 51 -0.99 4.94 -10.36
C ILE A 51 -2.34 4.94 -11.08
N GLN A 52 -2.54 5.92 -11.95
CA GLN A 52 -3.78 6.02 -12.70
C GLN A 52 -3.62 5.40 -14.10
N ASP A 53 -2.48 5.66 -14.72
CA ASP A 53 -2.21 5.13 -16.05
C ASP A 53 -1.08 4.10 -16.01
N GLY A 54 -1.42 2.83 -16.14
CA GLY A 54 -0.43 1.77 -16.11
C GLY A 54 -0.85 0.55 -16.89
N PRO A 55 -1.51 -0.39 -16.20
CA PRO A 55 -1.99 -1.64 -16.82
C PRO A 55 -3.14 -1.40 -17.79
N GLN A 56 -3.05 -2.00 -18.97
CA GLN A 56 -4.09 -1.85 -19.99
C GLN A 56 -5.47 -1.75 -19.33
N ASN A 57 -6.23 -0.73 -19.75
CA ASN A 57 -7.56 -0.52 -19.21
C ASN A 57 -8.24 -1.85 -18.89
N THR A 58 -8.55 -2.07 -17.61
CA THR A 58 -9.20 -3.30 -17.19
C THR A 58 -9.85 -3.12 -15.81
N GLY A 59 -10.99 -3.79 -15.62
CA GLY A 59 -11.69 -3.69 -14.35
C GLY A 59 -11.82 -2.25 -13.87
N ALA A 60 -12.22 -2.10 -12.61
CA ALA A 60 -12.38 -0.76 -12.03
C ALA A 60 -11.63 -0.65 -10.70
N ASP A 61 -10.39 -0.18 -10.76
CA ASP A 61 -9.57 -0.02 -9.57
C ASP A 61 -8.25 0.65 -9.90
N LYS A 62 -7.83 1.57 -9.05
CA LYS A 62 -6.58 2.29 -9.26
C LYS A 62 -5.41 1.56 -8.60
N PRO A 63 -4.45 1.12 -9.41
CA PRO A 63 -3.26 0.40 -8.93
C PRO A 63 -2.32 1.30 -8.15
N LEU A 64 -2.24 1.08 -6.84
CA LEU A 64 -1.37 1.87 -5.98
C LEU A 64 0.03 1.26 -5.91
N ARG A 65 1.03 2.07 -6.23
CA ARG A 65 2.42 1.60 -6.21
C ARG A 65 3.10 2.05 -4.92
N ILE A 66 3.62 1.08 -4.17
CA ILE A 66 4.31 1.37 -2.92
C ILE A 66 5.79 1.02 -3.02
N THR A 67 6.63 2.03 -3.18
CA THR A 67 8.07 1.83 -3.27
C THR A 67 8.75 2.06 -1.93
N GLY A 68 9.89 1.40 -1.73
CA GLY A 68 10.62 1.55 -0.49
C GLY A 68 11.51 0.36 -0.20
N ASP A 69 11.32 -0.25 0.97
CA ASP A 69 12.12 -1.41 1.37
C ASP A 69 11.32 -2.70 1.23
N PRO A 70 12.03 -3.83 1.12
CA PRO A 70 11.40 -5.15 0.97
C PRO A 70 10.70 -5.59 2.26
N TYR A 71 11.20 -5.12 3.40
CA TYR A 71 10.63 -5.48 4.69
C TYR A 71 9.57 -4.47 5.10
N LYS A 72 9.64 -3.26 4.55
CA LYS A 72 8.67 -2.22 4.86
C LYS A 72 7.55 -2.19 3.83
N VAL A 73 7.93 -2.05 2.56
CA VAL A 73 6.95 -2.01 1.48
C VAL A 73 5.82 -3.01 1.73
N GLN A 74 6.17 -4.16 2.31
CA GLN A 74 5.19 -5.20 2.60
C GLN A 74 4.32 -4.81 3.78
N GLN A 75 4.94 -4.18 4.79
CA GLN A 75 4.21 -3.77 5.98
C GLN A 75 3.24 -2.63 5.66
N ALA A 76 3.71 -1.65 4.90
CA ALA A 76 2.88 -0.51 4.51
C ALA A 76 1.66 -0.96 3.72
N LYS A 77 1.91 -1.78 2.70
CA LYS A 77 0.82 -2.28 1.85
C LYS A 77 -0.42 -2.58 2.68
N GLU A 78 -0.23 -3.33 3.77
CA GLU A 78 -1.35 -3.68 4.65
C GLU A 78 -1.98 -2.44 5.26
N MET A 79 -1.14 -1.52 5.73
CA MET A 79 -1.62 -0.28 6.33
C MET A 79 -2.60 0.43 5.41
N VAL A 80 -2.41 0.24 4.10
CA VAL A 80 -3.27 0.87 3.11
C VAL A 80 -4.46 -0.02 2.77
N LEU A 81 -4.18 -1.24 2.35
CA LEU A 81 -5.22 -2.20 2.00
C LEU A 81 -6.33 -2.21 3.05
N GLU A 82 -5.93 -2.13 4.32
CA GLU A 82 -6.89 -2.13 5.42
C GLU A 82 -7.69 -0.83 5.44
N LEU A 83 -7.08 0.24 4.95
CA LEU A 83 -7.73 1.55 4.90
C LEU A 83 -8.95 1.52 3.99
N ILE A 84 -8.74 1.11 2.74
CA ILE A 84 -9.82 1.03 1.77
C ILE A 84 -10.76 -0.13 2.07
N ARG A 85 -10.21 -1.18 2.69
CA ARG A 85 -11.00 -2.35 3.04
C ARG A 85 -12.07 -2.01 4.07
N ASP A 86 -13.01 -2.92 4.28
CA ASP A 86 -14.09 -2.71 5.23
C ASP A 86 -14.68 -4.04 5.70
N GLN A 87 -14.67 -4.26 7.01
CA GLN A 87 -15.21 -5.50 7.57
C GLN A 87 -16.01 -5.22 8.83
N GLY A 88 -17.33 -5.36 8.74
CA GLY A 88 -18.19 -5.12 9.87
C GLY A 88 -18.49 -3.65 10.06
N SER A 89 -19.04 -3.02 9.03
CA SER A 89 -19.37 -1.60 9.09
C SER A 89 -20.17 -1.28 10.36
N GLY A 90 -19.54 -0.56 11.28
CA GLY A 90 -20.20 -0.20 12.51
C GLY A 90 -19.39 0.78 13.34
N PRO A 91 -19.67 0.83 14.65
CA PRO A 91 -18.99 1.73 15.58
C PRO A 91 -17.53 1.32 15.81
N SER A 92 -17.13 0.21 15.18
CA SER A 92 -15.76 -0.29 15.33
C SER A 92 -14.77 0.67 14.70
N SER A 93 -15.15 1.28 13.58
CA SER A 93 -14.28 2.22 12.88
C SER A 93 -15.09 3.38 12.31
N GLY A 94 -14.41 4.49 12.04
CA GLY A 94 -15.07 5.65 11.49
C GLY A 94 -14.15 6.86 11.39
N GLY A 1 20.09 -35.38 -0.14
CA GLY A 1 20.72 -34.35 -0.95
C GLY A 1 19.76 -33.22 -1.30
N SER A 2 20.25 -31.99 -1.21
CA SER A 2 19.44 -30.81 -1.50
C SER A 2 19.50 -30.46 -2.98
N SER A 3 18.46 -30.84 -3.72
CA SER A 3 18.41 -30.56 -5.16
C SER A 3 17.33 -29.53 -5.47
N GLY A 4 17.73 -28.26 -5.58
CA GLY A 4 16.79 -27.21 -5.88
C GLY A 4 16.35 -26.46 -4.63
N SER A 5 16.83 -25.23 -4.48
CA SER A 5 16.48 -24.41 -3.32
C SER A 5 15.20 -23.62 -3.58
N SER A 6 14.23 -23.77 -2.68
CA SER A 6 12.96 -23.07 -2.81
C SER A 6 13.17 -21.60 -3.16
N GLY A 7 13.02 -21.26 -4.44
CA GLY A 7 13.21 -19.89 -4.87
C GLY A 7 14.38 -19.21 -4.18
N HIS A 8 15.59 -19.57 -4.59
CA HIS A 8 16.79 -18.99 -3.99
C HIS A 8 16.86 -17.49 -4.26
N GLY A 9 17.87 -16.83 -3.68
CA GLY A 9 18.02 -15.40 -3.87
C GLY A 9 17.01 -14.61 -3.06
N ASP A 10 17.38 -13.38 -2.71
CA ASP A 10 16.49 -12.51 -1.94
C ASP A 10 15.87 -11.44 -2.83
N GLY A 11 16.73 -10.65 -3.47
CA GLY A 11 16.24 -9.59 -4.34
C GLY A 11 16.77 -8.22 -3.95
N PRO A 12 18.00 -7.92 -4.39
CA PRO A 12 18.65 -6.64 -4.08
C PRO A 12 17.98 -5.47 -4.81
N GLY A 13 17.93 -4.32 -4.14
CA GLY A 13 17.32 -3.14 -4.75
C GLY A 13 16.03 -2.75 -4.06
N ASN A 14 15.66 -1.48 -4.20
CA ASN A 14 14.43 -0.96 -3.58
C ASN A 14 13.25 -1.86 -3.91
N ALA A 15 12.44 -2.16 -2.90
CA ALA A 15 11.26 -3.01 -3.08
C ALA A 15 10.06 -2.19 -3.53
N VAL A 16 9.23 -2.78 -4.37
CA VAL A 16 8.03 -2.11 -4.88
C VAL A 16 6.83 -3.04 -4.88
N GLN A 17 5.77 -2.65 -4.18
CA GLN A 17 4.56 -3.46 -4.11
C GLN A 17 3.37 -2.71 -4.70
N GLU A 18 2.69 -3.33 -5.64
CA GLU A 18 1.54 -2.72 -6.29
C GLU A 18 0.24 -3.37 -5.80
N ILE A 19 -0.76 -2.54 -5.52
CA ILE A 19 -2.05 -3.03 -5.05
C ILE A 19 -3.20 -2.34 -5.77
N MET A 20 -4.38 -2.97 -5.72
CA MET A 20 -5.56 -2.40 -6.37
C MET A 20 -6.40 -1.60 -5.39
N ILE A 21 -6.60 -0.32 -5.69
CA ILE A 21 -7.38 0.55 -4.82
C ILE A 21 -8.67 0.98 -5.50
N PRO A 22 -9.80 0.83 -4.80
CA PRO A 22 -11.12 1.20 -5.31
C PRO A 22 -11.28 2.71 -5.44
N ALA A 23 -11.74 3.17 -6.60
CA ALA A 23 -11.95 4.58 -6.85
C ALA A 23 -12.86 5.20 -5.78
N SER A 24 -13.55 4.34 -5.04
CA SER A 24 -14.46 4.79 -4.00
C SER A 24 -13.71 5.17 -2.73
N LYS A 25 -12.75 4.32 -2.36
CA LYS A 25 -11.94 4.56 -1.17
C LYS A 25 -10.65 5.30 -1.52
N ALA A 26 -10.49 5.61 -2.80
CA ALA A 26 -9.31 6.32 -3.27
C ALA A 26 -9.29 7.76 -2.76
N GLY A 27 -10.34 8.14 -2.04
CA GLY A 27 -10.43 9.48 -1.50
C GLY A 27 -10.30 9.51 0.01
N LEU A 28 -10.15 8.34 0.61
CA LEU A 28 -10.00 8.23 2.06
C LEU A 28 -8.54 8.06 2.46
N VAL A 29 -7.77 7.42 1.58
CA VAL A 29 -6.35 7.19 1.84
C VAL A 29 -5.50 8.32 1.28
N ILE A 30 -5.96 8.91 0.18
CA ILE A 30 -5.25 10.01 -0.46
C ILE A 30 -5.52 11.34 0.26
N GLY A 31 -6.77 11.55 0.64
CA GLY A 31 -7.13 12.78 1.33
C GLY A 31 -7.53 13.89 0.38
N LYS A 32 -7.07 15.10 0.65
CA LYS A 32 -7.38 16.25 -0.19
C LYS A 32 -6.14 16.75 -0.92
N GLY A 33 -5.67 15.96 -1.88
CA GLY A 33 -4.49 16.34 -2.65
C GLY A 33 -3.24 15.63 -2.16
N GLY A 34 -3.41 14.41 -1.67
CA GLY A 34 -2.27 13.65 -1.18
C GLY A 34 -1.85 14.06 0.21
N GLU A 35 -2.82 14.19 1.11
CA GLU A 35 -2.54 14.60 2.48
C GLU A 35 -2.35 13.37 3.38
N THR A 36 -3.39 12.56 3.49
CA THR A 36 -3.33 11.36 4.32
C THR A 36 -2.22 10.42 3.85
N ILE A 37 -2.39 9.86 2.66
CA ILE A 37 -1.41 8.94 2.10
C ILE A 37 0.01 9.42 2.39
N LYS A 38 0.22 10.72 2.34
CA LYS A 38 1.53 11.32 2.59
C LYS A 38 2.06 10.87 3.95
N GLN A 39 1.19 10.92 4.96
CA GLN A 39 1.57 10.52 6.32
C GLN A 39 1.90 9.03 6.37
N LEU A 40 1.19 8.24 5.58
CA LEU A 40 1.40 6.80 5.54
C LEU A 40 2.83 6.47 5.12
N GLN A 41 3.46 7.40 4.40
CA GLN A 41 4.83 7.22 3.94
C GLN A 41 5.81 7.28 5.10
N GLU A 42 5.37 7.87 6.21
CA GLU A 42 6.21 8.00 7.39
C GLU A 42 5.97 6.85 8.36
N ARG A 43 4.72 6.41 8.45
CA ARG A 43 4.35 5.32 9.34
C ARG A 43 5.04 4.02 8.93
N ALA A 44 5.31 3.89 7.64
CA ALA A 44 5.98 2.70 7.11
C ALA A 44 7.34 3.05 6.52
N GLY A 45 7.65 4.34 6.48
CA GLY A 45 8.93 4.77 5.94
C GLY A 45 9.10 4.39 4.49
N VAL A 46 8.03 4.52 3.71
CA VAL A 46 8.06 4.17 2.29
C VAL A 46 7.39 5.25 1.45
N LYS A 47 7.51 5.13 0.13
CA LYS A 47 6.91 6.09 -0.79
C LYS A 47 5.66 5.51 -1.44
N MET A 48 4.54 6.19 -1.25
CA MET A 48 3.27 5.74 -1.83
C MET A 48 2.87 6.61 -3.01
N VAL A 49 2.73 6.00 -4.18
CA VAL A 49 2.36 6.72 -5.39
C VAL A 49 1.25 5.98 -6.14
N MET A 50 0.13 6.68 -6.36
CA MET A 50 -1.00 6.10 -7.07
C MET A 50 -0.78 6.15 -8.58
N ILE A 51 -0.94 5.01 -9.24
CA ILE A 51 -0.76 4.92 -10.68
C ILE A 51 -2.11 4.94 -11.40
N GLN A 52 -2.23 5.80 -12.41
CA GLN A 52 -3.46 5.91 -13.18
C GLN A 52 -3.43 4.97 -14.38
N ASP A 53 -2.37 5.07 -15.17
CA ASP A 53 -2.23 4.23 -16.36
C ASP A 53 -2.78 2.83 -16.11
N GLY A 54 -3.51 2.30 -17.08
CA GLY A 54 -4.09 0.98 -16.95
C GLY A 54 -5.35 0.81 -17.78
N PRO A 55 -6.51 0.96 -17.13
CA PRO A 55 -7.81 0.82 -17.80
C PRO A 55 -8.09 1.97 -18.77
N GLN A 56 -9.32 2.05 -19.25
CA GLN A 56 -9.72 3.09 -20.18
C GLN A 56 -10.56 4.16 -19.49
N ASN A 57 -10.89 5.21 -20.22
CA ASN A 57 -11.69 6.31 -19.68
C ASN A 57 -12.89 5.76 -18.90
N THR A 58 -13.33 4.56 -19.29
CA THR A 58 -14.47 3.94 -18.62
C THR A 58 -14.35 4.02 -17.11
N GLY A 59 -13.11 4.02 -16.61
CA GLY A 59 -12.88 4.10 -15.19
C GLY A 59 -12.82 2.73 -14.53
N ALA A 60 -11.82 2.53 -13.68
CA ALA A 60 -11.65 1.26 -12.99
C ALA A 60 -10.70 1.40 -11.81
N ASP A 61 -10.44 0.30 -11.12
CA ASP A 61 -9.56 0.29 -9.97
C ASP A 61 -8.30 1.10 -10.25
N LYS A 62 -7.63 1.53 -9.19
CA LYS A 62 -6.40 2.31 -9.33
C LYS A 62 -5.22 1.60 -8.65
N PRO A 63 -4.28 1.12 -9.48
CA PRO A 63 -3.09 0.42 -8.99
C PRO A 63 -2.13 1.35 -8.25
N LEU A 64 -2.01 1.15 -6.95
CA LEU A 64 -1.12 1.97 -6.13
C LEU A 64 0.25 1.31 -5.98
N ARG A 65 1.30 2.04 -6.34
CA ARG A 65 2.66 1.52 -6.25
C ARG A 65 3.32 1.96 -4.94
N ILE A 66 3.87 1.00 -4.22
CA ILE A 66 4.52 1.28 -2.94
C ILE A 66 6.00 0.89 -2.98
N THR A 67 6.86 1.87 -3.16
CA THR A 67 8.30 1.63 -3.22
C THR A 67 8.97 1.88 -1.87
N GLY A 68 10.11 1.26 -1.65
CA GLY A 68 10.82 1.43 -0.39
C GLY A 68 11.43 0.13 0.12
N ASP A 69 11.88 0.15 1.36
CA ASP A 69 12.48 -1.04 1.98
C ASP A 69 11.61 -2.26 1.74
N PRO A 70 12.25 -3.41 1.48
CA PRO A 70 11.56 -4.68 1.23
C PRO A 70 10.90 -5.23 2.49
N TYR A 71 11.31 -4.73 3.65
CA TYR A 71 10.77 -5.17 4.93
C TYR A 71 9.62 -4.27 5.36
N LYS A 72 9.64 -3.01 4.89
CA LYS A 72 8.60 -2.05 5.23
C LYS A 72 7.51 -2.02 4.17
N VAL A 73 7.92 -1.91 2.91
CA VAL A 73 6.97 -1.88 1.80
C VAL A 73 5.84 -2.88 2.01
N GLN A 74 6.18 -4.06 2.52
CA GLN A 74 5.20 -5.10 2.77
C GLN A 74 4.23 -4.69 3.87
N GLN A 75 4.76 -4.04 4.91
CA GLN A 75 3.95 -3.59 6.03
C GLN A 75 2.96 -2.52 5.58
N ALA A 76 3.46 -1.47 4.94
CA ALA A 76 2.62 -0.39 4.46
C ALA A 76 1.45 -0.93 3.63
N LYS A 77 1.77 -1.78 2.67
CA LYS A 77 0.76 -2.37 1.80
C LYS A 77 -0.47 -2.80 2.60
N GLU A 78 -0.24 -3.08 3.88
CA GLU A 78 -1.33 -3.51 4.77
C GLU A 78 -2.09 -2.30 5.32
N MET A 79 -1.35 -1.23 5.59
CA MET A 79 -1.94 -0.01 6.13
C MET A 79 -2.96 0.56 5.16
N VAL A 80 -2.60 0.64 3.89
CA VAL A 80 -3.48 1.18 2.86
C VAL A 80 -4.66 0.24 2.60
N LEU A 81 -4.34 -1.03 2.40
CA LEU A 81 -5.37 -2.04 2.14
C LEU A 81 -6.43 -2.03 3.25
N GLU A 82 -5.98 -1.89 4.49
CA GLU A 82 -6.89 -1.85 5.63
C GLU A 82 -7.69 -0.55 5.65
N LEU A 83 -7.15 0.49 5.02
CA LEU A 83 -7.81 1.79 4.98
C LEU A 83 -9.03 1.74 4.07
N ILE A 84 -8.93 0.99 2.98
CA ILE A 84 -10.03 0.87 2.03
C ILE A 84 -11.03 -0.19 2.50
N ARG A 85 -10.62 -0.98 3.49
CA ARG A 85 -11.49 -2.03 4.02
C ARG A 85 -12.40 -1.48 5.12
N ASP A 86 -12.91 -0.27 4.89
CA ASP A 86 -13.81 0.37 5.85
C ASP A 86 -13.39 0.04 7.28
N GLN A 87 -12.09 0.11 7.55
CA GLN A 87 -11.57 -0.17 8.88
C GLN A 87 -11.08 1.10 9.56
N GLY A 88 -12.04 1.93 10.00
CA GLY A 88 -11.68 3.16 10.67
C GLY A 88 -10.67 2.96 11.78
N SER A 89 -10.86 1.91 12.56
CA SER A 89 -9.95 1.61 13.67
C SER A 89 -9.42 2.89 14.31
N GLY A 90 -10.33 3.81 14.62
CA GLY A 90 -9.94 5.06 15.22
C GLY A 90 -9.04 4.87 16.43
N PRO A 91 -8.13 5.83 16.66
CA PRO A 91 -7.19 5.78 17.78
C PRO A 91 -7.89 5.99 19.13
N SER A 92 -7.61 5.09 20.07
CA SER A 92 -8.22 5.18 21.39
C SER A 92 -7.64 4.10 22.32
N SER A 93 -7.22 4.53 23.50
CA SER A 93 -6.65 3.61 24.49
C SER A 93 -5.69 2.62 23.81
N GLY A 94 -4.86 3.15 22.91
CA GLY A 94 -3.90 2.30 22.21
C GLY A 94 -4.21 2.19 20.73
N GLY A 1 27.13 -23.32 24.01
CA GLY A 1 26.00 -22.41 24.08
C GLY A 1 26.39 -20.97 23.79
N SER A 2 26.49 -20.64 22.51
CA SER A 2 26.87 -19.29 22.10
C SER A 2 25.69 -18.57 21.44
N SER A 3 25.68 -17.25 21.54
CA SER A 3 24.61 -16.45 20.97
C SER A 3 25.02 -15.89 19.61
N GLY A 4 24.32 -16.32 18.56
CA GLY A 4 24.63 -15.86 17.22
C GLY A 4 23.48 -15.08 16.61
N SER A 5 23.47 -13.77 16.80
CA SER A 5 22.42 -12.92 16.26
C SER A 5 22.83 -12.34 14.91
N SER A 6 21.93 -12.43 13.94
CA SER A 6 22.20 -11.92 12.60
C SER A 6 20.91 -11.82 11.78
N GLY A 7 20.87 -10.87 10.86
CA GLY A 7 19.70 -10.69 10.03
C GLY A 7 19.97 -9.81 8.82
N HIS A 8 20.42 -10.42 7.73
CA HIS A 8 20.73 -9.69 6.52
C HIS A 8 19.54 -9.70 5.56
N GLY A 9 19.51 -8.73 4.64
CA GLY A 9 18.41 -8.66 3.68
C GLY A 9 18.78 -9.23 2.33
N ASP A 10 18.23 -10.39 2.01
CA ASP A 10 18.51 -11.04 0.73
C ASP A 10 18.03 -10.18 -0.43
N GLY A 11 18.94 -9.93 -1.37
CA GLY A 11 18.61 -9.11 -2.53
C GLY A 11 18.40 -7.65 -2.17
N PRO A 12 19.50 -6.90 -2.10
CA PRO A 12 19.47 -5.47 -1.76
C PRO A 12 18.84 -4.63 -2.87
N GLY A 13 18.48 -3.40 -2.53
CA GLY A 13 17.87 -2.52 -3.51
C GLY A 13 16.59 -1.88 -3.01
N ASN A 14 15.75 -1.44 -3.94
CA ASN A 14 14.48 -0.81 -3.58
C ASN A 14 13.30 -1.74 -3.86
N ALA A 15 12.54 -2.04 -2.82
CA ALA A 15 11.38 -2.92 -2.95
C ALA A 15 10.15 -2.14 -3.40
N VAL A 16 9.29 -2.79 -4.19
CA VAL A 16 8.08 -2.16 -4.68
C VAL A 16 6.92 -3.16 -4.72
N GLN A 17 5.73 -2.68 -4.36
CA GLN A 17 4.54 -3.52 -4.35
C GLN A 17 3.34 -2.77 -4.90
N GLU A 18 2.59 -3.44 -5.78
CA GLU A 18 1.42 -2.84 -6.40
C GLU A 18 0.13 -3.46 -5.84
N ILE A 19 -0.82 -2.61 -5.48
CA ILE A 19 -2.10 -3.08 -4.93
C ILE A 19 -3.26 -2.29 -5.52
N MET A 20 -4.35 -2.99 -5.81
CA MET A 20 -5.54 -2.35 -6.36
C MET A 20 -6.31 -1.59 -5.28
N ILE A 21 -6.66 -0.34 -5.58
CA ILE A 21 -7.40 0.48 -4.64
C ILE A 21 -8.68 1.02 -5.26
N PRO A 22 -9.80 0.84 -4.56
CA PRO A 22 -11.11 1.31 -5.03
C PRO A 22 -11.23 2.83 -5.00
N ALA A 23 -11.37 3.43 -6.18
CA ALA A 23 -11.49 4.88 -6.28
C ALA A 23 -12.34 5.45 -5.15
N SER A 24 -13.37 4.69 -4.77
CA SER A 24 -14.27 5.12 -3.70
C SER A 24 -13.49 5.39 -2.42
N LYS A 25 -12.64 4.44 -2.02
CA LYS A 25 -11.84 4.59 -0.81
C LYS A 25 -10.53 5.30 -1.11
N ALA A 26 -10.25 5.49 -2.39
CA ALA A 26 -9.03 6.16 -2.81
C ALA A 26 -8.96 7.59 -2.27
N GLY A 27 -10.07 8.31 -2.40
CA GLY A 27 -10.11 9.68 -1.92
C GLY A 27 -10.08 9.77 -0.40
N LEU A 28 -10.11 8.61 0.24
CA LEU A 28 -10.08 8.55 1.70
C LEU A 28 -8.66 8.39 2.22
N VAL A 29 -7.86 7.60 1.49
CA VAL A 29 -6.47 7.35 1.87
C VAL A 29 -5.55 8.39 1.25
N ILE A 30 -6.03 9.04 0.19
CA ILE A 30 -5.23 10.06 -0.50
C ILE A 30 -5.45 11.44 0.13
N GLY A 31 -6.70 11.73 0.49
CA GLY A 31 -7.01 13.01 1.09
C GLY A 31 -7.16 14.12 0.06
N LYS A 32 -7.11 15.36 0.53
CA LYS A 32 -7.25 16.51 -0.36
C LYS A 32 -5.94 16.79 -1.08
N GLY A 33 -5.62 15.96 -2.06
CA GLY A 33 -4.40 16.13 -2.82
C GLY A 33 -3.19 15.53 -2.12
N GLY A 34 -3.36 14.33 -1.58
CA GLY A 34 -2.27 13.67 -0.88
C GLY A 34 -2.09 14.19 0.53
N GLU A 35 -3.18 14.20 1.29
CA GLU A 35 -3.14 14.67 2.67
C GLU A 35 -2.91 13.52 3.63
N THR A 36 -3.55 12.37 3.36
CA THR A 36 -3.41 11.20 4.20
C THR A 36 -2.27 10.31 3.72
N ILE A 37 -2.42 9.76 2.51
CA ILE A 37 -1.39 8.89 1.94
C ILE A 37 0.00 9.44 2.20
N LYS A 38 0.16 10.75 2.08
CA LYS A 38 1.44 11.39 2.30
C LYS A 38 1.98 11.06 3.69
N GLN A 39 1.10 11.06 4.67
CA GLN A 39 1.48 10.75 6.05
C GLN A 39 1.78 9.26 6.20
N LEU A 40 1.05 8.43 5.48
CA LEU A 40 1.24 6.98 5.55
C LEU A 40 2.68 6.61 5.23
N GLN A 41 3.34 7.44 4.42
CA GLN A 41 4.72 7.19 4.03
C GLN A 41 5.64 7.27 5.25
N GLU A 42 5.18 7.96 6.29
CA GLU A 42 5.96 8.11 7.51
C GLU A 42 5.84 6.86 8.39
N ARG A 43 4.61 6.53 8.76
CA ARG A 43 4.37 5.37 9.60
C ARG A 43 5.24 4.18 9.17
N ALA A 44 5.22 3.88 7.87
CA ALA A 44 6.01 2.78 7.34
C ALA A 44 7.38 3.26 6.88
N GLY A 45 7.43 4.51 6.40
CA GLY A 45 8.69 5.07 5.94
C GLY A 45 8.90 4.84 4.46
N VAL A 46 7.95 4.18 3.81
CA VAL A 46 8.04 3.91 2.38
C VAL A 46 7.33 4.98 1.56
N LYS A 47 7.54 4.96 0.26
CA LYS A 47 6.91 5.93 -0.64
C LYS A 47 5.65 5.35 -1.26
N MET A 48 4.55 6.11 -1.17
CA MET A 48 3.27 5.67 -1.73
C MET A 48 2.87 6.56 -2.90
N VAL A 49 2.86 5.97 -4.10
CA VAL A 49 2.50 6.70 -5.31
C VAL A 49 1.42 5.96 -6.09
N MET A 50 0.22 6.53 -6.11
CA MET A 50 -0.90 5.92 -6.83
C MET A 50 -0.74 6.10 -8.33
N ILE A 51 -0.90 5.01 -9.08
CA ILE A 51 -0.78 5.04 -10.52
C ILE A 51 -2.14 5.25 -11.19
N GLN A 52 -2.21 6.22 -12.09
CA GLN A 52 -3.44 6.52 -12.81
C GLN A 52 -3.62 5.59 -14.00
N ASP A 53 -2.72 5.71 -14.98
CA ASP A 53 -2.77 4.89 -16.18
C ASP A 53 -2.59 3.42 -15.84
N GLY A 54 -2.81 2.56 -16.83
CA GLY A 54 -2.67 1.12 -16.60
C GLY A 54 -3.63 0.31 -17.44
N PRO A 55 -4.77 -0.06 -16.83
CA PRO A 55 -5.80 -0.85 -17.51
C PRO A 55 -6.53 -0.06 -18.59
N GLN A 56 -7.45 -0.72 -19.28
CA GLN A 56 -8.21 -0.07 -20.34
C GLN A 56 -9.64 0.22 -19.88
N ASN A 57 -9.76 0.93 -18.77
CA ASN A 57 -11.07 1.28 -18.22
C ASN A 57 -12.01 0.08 -18.26
N THR A 58 -11.53 -1.06 -17.76
CA THR A 58 -12.34 -2.28 -17.75
C THR A 58 -12.96 -2.51 -16.38
N GLY A 59 -12.38 -1.88 -15.35
CA GLY A 59 -12.90 -2.03 -14.01
C GLY A 59 -12.71 -0.77 -13.18
N ALA A 60 -13.34 -0.74 -12.01
CA ALA A 60 -13.23 0.41 -11.12
C ALA A 60 -12.18 0.18 -10.03
N ASP A 61 -10.93 0.43 -10.38
CA ASP A 61 -9.82 0.24 -9.45
C ASP A 61 -8.59 0.99 -9.91
N LYS A 62 -7.76 1.42 -8.96
CA LYS A 62 -6.54 2.15 -9.28
C LYS A 62 -5.33 1.46 -8.67
N PRO A 63 -4.38 1.06 -9.54
CA PRO A 63 -3.15 0.38 -9.11
C PRO A 63 -2.21 1.32 -8.35
N LEU A 64 -2.05 1.06 -7.06
CA LEU A 64 -1.17 1.87 -6.22
C LEU A 64 0.21 1.24 -6.10
N ARG A 65 1.24 2.01 -6.43
CA ARG A 65 2.61 1.52 -6.35
C ARG A 65 3.29 2.00 -5.06
N ILE A 66 3.76 1.04 -4.28
CA ILE A 66 4.43 1.36 -3.01
C ILE A 66 5.91 0.96 -3.06
N THR A 67 6.77 1.96 -3.22
CA THR A 67 8.21 1.72 -3.27
C THR A 67 8.87 1.97 -1.92
N GLY A 68 10.04 1.41 -1.73
CA GLY A 68 10.76 1.58 -0.47
C GLY A 68 11.66 0.40 -0.15
N ASP A 69 11.24 -0.42 0.81
CA ASP A 69 12.00 -1.58 1.21
C ASP A 69 11.13 -2.83 1.22
N PRO A 70 11.77 -4.01 1.21
CA PRO A 70 11.07 -5.29 1.22
C PRO A 70 10.40 -5.58 2.57
N TYR A 71 10.95 -5.01 3.63
CA TYR A 71 10.40 -5.19 4.97
C TYR A 71 9.39 -4.10 5.30
N LYS A 72 9.52 -2.96 4.62
CA LYS A 72 8.62 -1.83 4.85
C LYS A 72 7.46 -1.86 3.87
N VAL A 73 7.77 -1.90 2.58
CA VAL A 73 6.74 -1.94 1.54
C VAL A 73 5.64 -2.92 1.89
N GLN A 74 6.02 -4.03 2.52
CA GLN A 74 5.07 -5.06 2.91
C GLN A 74 4.17 -4.56 4.03
N GLN A 75 4.72 -3.72 4.90
CA GLN A 75 3.96 -3.18 6.02
C GLN A 75 3.00 -2.09 5.56
N ALA A 76 3.46 -1.26 4.62
CA ALA A 76 2.64 -0.18 4.09
C ALA A 76 1.48 -0.72 3.26
N LYS A 77 1.72 -1.86 2.61
CA LYS A 77 0.70 -2.49 1.77
C LYS A 77 -0.55 -2.80 2.59
N GLU A 78 -0.38 -3.59 3.64
CA GLU A 78 -1.50 -3.96 4.51
C GLU A 78 -2.12 -2.72 5.15
N MET A 79 -1.29 -1.75 5.48
CA MET A 79 -1.76 -0.52 6.10
C MET A 79 -2.75 0.21 5.19
N VAL A 80 -2.43 0.27 3.91
CA VAL A 80 -3.29 0.93 2.93
C VAL A 80 -4.50 0.07 2.59
N LEU A 81 -4.27 -1.25 2.50
CA LEU A 81 -5.34 -2.18 2.19
C LEU A 81 -6.44 -2.14 3.24
N GLU A 82 -6.04 -2.06 4.51
CA GLU A 82 -6.99 -2.01 5.62
C GLU A 82 -7.75 -0.70 5.61
N LEU A 83 -7.24 0.29 4.88
CA LEU A 83 -7.87 1.59 4.78
C LEU A 83 -9.09 1.54 3.88
N ILE A 84 -8.94 0.90 2.72
CA ILE A 84 -10.03 0.78 1.77
C ILE A 84 -10.97 -0.36 2.14
N ARG A 85 -10.40 -1.41 2.75
CA ARG A 85 -11.18 -2.57 3.15
C ARG A 85 -12.47 -2.14 3.86
N ASP A 86 -13.42 -3.06 3.97
CA ASP A 86 -14.69 -2.78 4.61
C ASP A 86 -14.49 -2.43 6.09
N GLN A 87 -15.49 -1.81 6.70
CA GLN A 87 -15.41 -1.43 8.10
C GLN A 87 -16.80 -1.18 8.67
N GLY A 88 -17.01 -1.56 9.93
CA GLY A 88 -18.29 -1.37 10.57
C GLY A 88 -18.17 -0.75 11.95
N SER A 89 -19.05 0.19 12.26
CA SER A 89 -19.04 0.87 13.56
C SER A 89 -20.20 0.40 14.42
N GLY A 90 -21.42 0.55 13.90
CA GLY A 90 -22.59 0.14 14.64
C GLY A 90 -23.42 -0.90 13.91
N PRO A 91 -23.01 -2.18 14.04
CA PRO A 91 -23.70 -3.29 13.38
C PRO A 91 -25.06 -3.56 13.99
N SER A 92 -25.25 -3.16 15.25
CA SER A 92 -26.51 -3.37 15.94
C SER A 92 -26.97 -2.08 16.62
N SER A 93 -28.26 -1.80 16.52
CA SER A 93 -28.84 -0.60 17.12
C SER A 93 -29.49 -0.91 18.45
N GLY A 94 -30.34 -1.94 18.46
CA GLY A 94 -31.02 -2.32 19.68
C GLY A 94 -32.36 -2.99 19.42
N GLY A 1 4.88 -34.76 7.30
CA GLY A 1 4.28 -33.44 7.30
C GLY A 1 5.31 -32.33 7.22
N SER A 2 5.10 -31.39 6.31
CA SER A 2 6.03 -30.27 6.13
C SER A 2 6.39 -29.65 7.47
N SER A 3 7.39 -28.78 7.46
CA SER A 3 7.85 -28.12 8.68
C SER A 3 7.86 -26.60 8.49
N GLY A 4 8.66 -26.14 7.53
CA GLY A 4 8.76 -24.72 7.26
C GLY A 4 10.19 -24.25 7.12
N SER A 5 10.44 -23.43 6.11
CA SER A 5 11.78 -22.91 5.87
C SER A 5 11.73 -21.46 5.40
N SER A 6 12.17 -20.55 6.27
CA SER A 6 12.17 -19.12 5.95
C SER A 6 12.68 -18.89 4.53
N GLY A 7 11.89 -18.17 3.73
CA GLY A 7 12.29 -17.87 2.37
C GLY A 7 13.38 -16.82 2.28
N HIS A 8 14.57 -17.25 1.87
CA HIS A 8 15.70 -16.32 1.75
C HIS A 8 15.54 -15.43 0.54
N GLY A 9 16.30 -14.33 0.51
CA GLY A 9 16.23 -13.40 -0.60
C GLY A 9 16.95 -12.10 -0.32
N ASP A 10 18.27 -12.10 -0.54
CA ASP A 10 19.08 -10.92 -0.31
C ASP A 10 19.56 -10.32 -1.63
N GLY A 11 18.78 -9.42 -2.19
CA GLY A 11 19.15 -8.80 -3.45
C GLY A 11 19.11 -7.27 -3.38
N PRO A 12 20.01 -6.63 -4.12
CA PRO A 12 20.10 -5.15 -4.16
C PRO A 12 18.90 -4.53 -4.88
N GLY A 13 18.60 -3.28 -4.53
CA GLY A 13 17.49 -2.59 -5.16
C GLY A 13 16.35 -2.34 -4.19
N ASN A 14 15.60 -1.26 -4.43
CA ASN A 14 14.48 -0.92 -3.57
C ASN A 14 13.30 -1.85 -3.82
N ALA A 15 12.56 -2.16 -2.75
CA ALA A 15 11.40 -3.04 -2.86
C ALA A 15 10.16 -2.25 -3.28
N VAL A 16 9.38 -2.84 -4.19
CA VAL A 16 8.16 -2.20 -4.68
C VAL A 16 6.99 -3.18 -4.70
N GLN A 17 5.80 -2.69 -4.37
CA GLN A 17 4.61 -3.53 -4.35
C GLN A 17 3.41 -2.77 -4.89
N GLU A 18 2.72 -3.37 -5.85
CA GLU A 18 1.54 -2.75 -6.45
C GLU A 18 0.26 -3.42 -5.98
N ILE A 19 -0.74 -2.60 -5.63
CA ILE A 19 -2.01 -3.12 -5.16
C ILE A 19 -3.18 -2.42 -5.84
N MET A 20 -4.37 -2.98 -5.68
CA MET A 20 -5.57 -2.41 -6.29
C MET A 20 -6.38 -1.62 -5.26
N ILE A 21 -6.60 -0.33 -5.55
CA ILE A 21 -7.35 0.53 -4.64
C ILE A 21 -8.61 1.06 -5.32
N PRO A 22 -9.77 0.83 -4.67
CA PRO A 22 -11.06 1.29 -5.20
C PRO A 22 -11.21 2.81 -5.14
N ALA A 23 -11.33 3.43 -6.32
CA ALA A 23 -11.48 4.87 -6.40
C ALA A 23 -12.38 5.40 -5.30
N SER A 24 -13.29 4.55 -4.83
CA SER A 24 -14.21 4.93 -3.77
C SER A 24 -13.47 5.22 -2.47
N LYS A 25 -12.65 4.27 -2.04
CA LYS A 25 -11.87 4.41 -0.82
C LYS A 25 -10.58 5.18 -1.08
N ALA A 26 -10.34 5.52 -2.34
CA ALA A 26 -9.15 6.26 -2.72
C ALA A 26 -9.17 7.68 -2.17
N GLY A 27 -10.29 8.37 -2.37
CA GLY A 27 -10.42 9.73 -1.89
C GLY A 27 -10.29 9.82 -0.38
N LEU A 28 -10.30 8.67 0.29
CA LEU A 28 -10.19 8.63 1.74
C LEU A 28 -8.73 8.44 2.17
N VAL A 29 -8.06 7.47 1.55
CA VAL A 29 -6.67 7.20 1.87
C VAL A 29 -5.74 8.25 1.27
N ILE A 30 -6.20 8.86 0.17
CA ILE A 30 -5.42 9.89 -0.50
C ILE A 30 -5.70 11.27 0.10
N GLY A 31 -6.97 11.53 0.39
CA GLY A 31 -7.35 12.81 0.95
C GLY A 31 -7.41 13.92 -0.08
N LYS A 32 -7.62 15.14 0.37
CA LYS A 32 -7.71 16.29 -0.52
C LYS A 32 -6.32 16.77 -0.94
N GLY A 33 -5.75 16.10 -1.94
CA GLY A 33 -4.43 16.46 -2.41
C GLY A 33 -3.33 15.65 -1.76
N GLY A 34 -3.53 14.33 -1.70
CA GLY A 34 -2.54 13.46 -1.09
C GLY A 34 -2.06 13.97 0.24
N GLU A 35 -3.00 14.25 1.15
CA GLU A 35 -2.67 14.75 2.47
C GLU A 35 -2.53 13.60 3.47
N THR A 36 -3.37 12.60 3.31
CA THR A 36 -3.35 11.44 4.20
C THR A 36 -2.29 10.43 3.76
N ILE A 37 -2.42 9.95 2.53
CA ILE A 37 -1.46 8.98 1.99
C ILE A 37 -0.03 9.46 2.18
N LYS A 38 0.16 10.77 2.17
CA LYS A 38 1.48 11.36 2.34
C LYS A 38 2.04 11.04 3.73
N GLN A 39 1.17 11.09 4.74
CA GLN A 39 1.59 10.80 6.11
C GLN A 39 1.81 9.31 6.30
N LEU A 40 1.09 8.50 5.53
CA LEU A 40 1.21 7.05 5.62
C LEU A 40 2.61 6.58 5.22
N GLN A 41 3.29 7.41 4.42
CA GLN A 41 4.64 7.09 3.98
C GLN A 41 5.62 7.07 5.16
N GLU A 42 5.34 7.88 6.16
CA GLU A 42 6.19 7.95 7.35
C GLU A 42 5.89 6.82 8.31
N ARG A 43 4.60 6.58 8.55
CA ARG A 43 4.17 5.53 9.46
C ARG A 43 4.86 4.21 9.12
N ALA A 44 5.07 3.98 7.83
CA ALA A 44 5.72 2.75 7.37
C ALA A 44 7.14 3.03 6.88
N GLY A 45 7.37 4.26 6.41
CA GLY A 45 8.68 4.64 5.91
C GLY A 45 8.88 4.25 4.46
N VAL A 46 7.80 4.32 3.68
CA VAL A 46 7.86 3.98 2.27
C VAL A 46 7.18 5.04 1.41
N LYS A 47 7.50 5.05 0.12
CA LYS A 47 6.91 6.02 -0.80
C LYS A 47 5.66 5.44 -1.46
N MET A 48 4.53 6.09 -1.23
CA MET A 48 3.26 5.65 -1.82
C MET A 48 2.88 6.52 -3.00
N VAL A 49 2.91 5.92 -4.20
CA VAL A 49 2.56 6.64 -5.42
C VAL A 49 1.41 5.94 -6.15
N MET A 50 0.29 6.65 -6.27
CA MET A 50 -0.87 6.10 -6.95
C MET A 50 -0.71 6.18 -8.47
N ILE A 51 -0.88 5.05 -9.13
CA ILE A 51 -0.75 4.99 -10.58
C ILE A 51 -2.11 5.15 -11.27
N GLN A 52 -2.35 6.34 -11.80
CA GLN A 52 -3.61 6.63 -12.48
C GLN A 52 -3.39 6.86 -13.97
N ASP A 53 -3.48 5.79 -14.75
CA ASP A 53 -3.28 5.86 -16.20
C ASP A 53 -4.62 6.01 -16.92
N GLY A 54 -5.50 5.03 -16.72
CA GLY A 54 -6.80 5.06 -17.36
C GLY A 54 -7.31 3.69 -17.72
N PRO A 55 -7.83 2.96 -16.72
CA PRO A 55 -8.35 1.61 -16.92
C PRO A 55 -9.65 1.60 -17.71
N GLN A 56 -9.62 0.94 -18.87
CA GLN A 56 -10.80 0.86 -19.74
C GLN A 56 -11.60 -0.40 -19.44
N ASN A 57 -10.98 -1.56 -19.66
CA ASN A 57 -11.65 -2.83 -19.41
C ASN A 57 -11.34 -3.35 -18.01
N THR A 58 -10.30 -2.79 -17.40
CA THR A 58 -9.90 -3.19 -16.05
C THR A 58 -10.92 -2.75 -15.02
N GLY A 59 -11.25 -3.65 -14.09
CA GLY A 59 -12.22 -3.33 -13.06
C GLY A 59 -12.00 -1.95 -12.47
N ALA A 60 -13.09 -1.25 -12.20
CA ALA A 60 -13.02 0.09 -11.62
C ALA A 60 -12.11 0.12 -10.40
N ASP A 61 -10.83 0.39 -10.63
CA ASP A 61 -9.85 0.45 -9.55
C ASP A 61 -8.58 1.18 -9.99
N LYS A 62 -7.75 1.56 -9.03
CA LYS A 62 -6.51 2.26 -9.32
C LYS A 62 -5.32 1.56 -8.68
N PRO A 63 -4.37 1.14 -9.51
CA PRO A 63 -3.16 0.45 -9.04
C PRO A 63 -2.22 1.37 -8.29
N LEU A 64 -2.02 1.09 -7.01
CA LEU A 64 -1.14 1.89 -6.17
C LEU A 64 0.23 1.26 -6.05
N ARG A 65 1.27 2.02 -6.42
CA ARG A 65 2.63 1.53 -6.35
C ARG A 65 3.32 1.98 -5.06
N ILE A 66 3.80 1.02 -4.29
CA ILE A 66 4.48 1.31 -3.03
C ILE A 66 5.94 0.94 -3.09
N THR A 67 6.80 1.95 -3.20
CA THR A 67 8.24 1.73 -3.27
C THR A 67 8.91 2.04 -1.94
N GLY A 68 10.03 1.38 -1.68
CA GLY A 68 10.75 1.61 -0.44
C GLY A 68 11.63 0.43 -0.05
N ASP A 69 11.23 -0.31 0.97
CA ASP A 69 11.98 -1.46 1.44
C ASP A 69 11.13 -2.73 1.39
N PRO A 70 11.80 -3.89 1.35
CA PRO A 70 11.12 -5.19 1.29
C PRO A 70 10.42 -5.52 2.61
N TYR A 71 10.97 -5.02 3.71
CA TYR A 71 10.40 -5.27 5.02
C TYR A 71 9.39 -4.18 5.40
N LYS A 72 9.52 -3.02 4.77
CA LYS A 72 8.62 -1.90 5.04
C LYS A 72 7.45 -1.91 4.06
N VAL A 73 7.76 -1.91 2.78
CA VAL A 73 6.73 -1.91 1.74
C VAL A 73 5.66 -2.96 2.04
N GLN A 74 6.10 -4.17 2.36
CA GLN A 74 5.18 -5.26 2.67
C GLN A 74 4.29 -4.90 3.84
N GLN A 75 4.80 -4.07 4.74
CA GLN A 75 4.03 -3.64 5.91
C GLN A 75 3.06 -2.52 5.55
N ALA A 76 3.54 -1.54 4.80
CA ALA A 76 2.71 -0.41 4.39
C ALA A 76 1.55 -0.88 3.52
N LYS A 77 1.80 -1.89 2.69
CA LYS A 77 0.77 -2.42 1.82
C LYS A 77 -0.48 -2.81 2.61
N GLU A 78 -0.27 -3.34 3.81
CA GLU A 78 -1.38 -3.75 4.67
C GLU A 78 -2.10 -2.53 5.23
N MET A 79 -1.34 -1.50 5.57
CA MET A 79 -1.91 -0.27 6.12
C MET A 79 -2.94 0.32 5.17
N VAL A 80 -2.56 0.47 3.90
CA VAL A 80 -3.45 1.03 2.89
C VAL A 80 -4.62 0.09 2.62
N LEU A 81 -4.32 -1.16 2.30
CA LEU A 81 -5.35 -2.15 2.03
C LEU A 81 -6.42 -2.14 3.11
N GLU A 82 -5.98 -2.01 4.37
CA GLU A 82 -6.91 -1.98 5.49
C GLU A 82 -7.70 -0.68 5.52
N LEU A 83 -7.07 0.39 5.05
CA LEU A 83 -7.72 1.71 5.03
C LEU A 83 -8.96 1.68 4.15
N ILE A 84 -8.89 0.93 3.06
CA ILE A 84 -10.02 0.81 2.13
C ILE A 84 -10.99 -0.26 2.58
N ARG A 85 -10.48 -1.24 3.32
CA ARG A 85 -11.30 -2.34 3.82
C ARG A 85 -12.24 -1.87 4.91
N ASP A 86 -13.11 -2.76 5.37
CA ASP A 86 -14.07 -2.44 6.42
C ASP A 86 -14.79 -3.69 6.90
N GLN A 87 -15.58 -3.53 7.96
CA GLN A 87 -16.34 -4.66 8.51
C GLN A 87 -17.39 -5.16 7.52
N GLY A 88 -18.06 -4.21 6.85
CA GLY A 88 -19.08 -4.58 5.88
C GLY A 88 -18.50 -5.25 4.66
N SER A 89 -18.54 -6.58 4.64
CA SER A 89 -18.02 -7.34 3.51
C SER A 89 -18.73 -6.97 2.22
N GLY A 90 -18.04 -7.15 1.10
CA GLY A 90 -18.63 -6.82 -0.20
C GLY A 90 -18.06 -7.68 -1.31
N PRO A 91 -18.83 -7.82 -2.40
CA PRO A 91 -18.43 -8.60 -3.58
C PRO A 91 -17.27 -7.95 -4.34
N SER A 92 -16.32 -8.76 -4.76
CA SER A 92 -15.17 -8.27 -5.51
C SER A 92 -15.34 -8.51 -7.00
N SER A 93 -15.28 -7.44 -7.79
CA SER A 93 -15.44 -7.52 -9.23
C SER A 93 -14.10 -7.29 -9.94
N GLY A 94 -14.00 -7.79 -11.16
CA GLY A 94 -12.78 -7.63 -11.92
C GLY A 94 -13.02 -7.59 -13.42
N GLY A 1 37.43 -15.03 -2.97
CA GLY A 1 37.79 -14.30 -1.77
C GLY A 1 36.68 -14.25 -0.75
N SER A 2 36.99 -14.63 0.48
CA SER A 2 35.99 -14.63 1.55
C SER A 2 35.35 -13.25 1.71
N SER A 3 34.06 -13.19 1.44
CA SER A 3 33.33 -11.93 1.54
C SER A 3 32.11 -12.08 2.46
N GLY A 4 31.59 -10.95 2.92
CA GLY A 4 30.43 -10.98 3.81
C GLY A 4 29.32 -10.06 3.34
N SER A 5 28.13 -10.61 3.20
CA SER A 5 26.97 -9.83 2.75
C SER A 5 26.44 -8.95 3.87
N SER A 6 26.28 -9.53 5.05
CA SER A 6 25.77 -8.80 6.21
C SER A 6 24.45 -8.11 5.88
N GLY A 7 23.57 -8.83 5.20
CA GLY A 7 22.29 -8.26 4.83
C GLY A 7 21.86 -8.66 3.43
N HIS A 8 21.05 -9.71 3.34
CA HIS A 8 20.57 -10.20 2.05
C HIS A 8 20.19 -9.02 1.14
N GLY A 9 20.29 -9.24 -0.17
CA GLY A 9 19.95 -8.20 -1.12
C GLY A 9 21.12 -7.27 -1.39
N ASP A 10 22.04 -7.72 -2.24
CA ASP A 10 23.22 -6.92 -2.59
C ASP A 10 22.83 -5.45 -2.76
N GLY A 11 23.64 -4.57 -2.18
CA GLY A 11 23.37 -3.14 -2.27
C GLY A 11 22.13 -2.73 -1.50
N PRO A 12 21.62 -1.53 -1.80
CA PRO A 12 20.43 -0.99 -1.14
C PRO A 12 19.16 -1.74 -1.54
N GLY A 13 18.99 -1.94 -2.84
CA GLY A 13 17.82 -2.64 -3.34
C GLY A 13 16.53 -1.90 -3.04
N ASN A 14 15.76 -1.62 -4.08
CA ASN A 14 14.49 -0.90 -3.93
C ASN A 14 13.31 -1.84 -4.12
N ALA A 15 12.56 -2.06 -3.05
CA ALA A 15 11.39 -2.94 -3.10
C ALA A 15 10.14 -2.16 -3.45
N VAL A 16 9.30 -2.75 -4.31
CA VAL A 16 8.05 -2.12 -4.73
C VAL A 16 6.91 -3.11 -4.75
N GLN A 17 5.75 -2.68 -4.25
CA GLN A 17 4.57 -3.53 -4.21
C GLN A 17 3.35 -2.80 -4.77
N GLU A 18 2.64 -3.46 -5.68
CA GLU A 18 1.45 -2.87 -6.29
C GLU A 18 0.19 -3.51 -5.73
N ILE A 19 -0.81 -2.68 -5.46
CA ILE A 19 -2.08 -3.17 -4.93
C ILE A 19 -3.26 -2.52 -5.65
N MET A 20 -4.46 -3.03 -5.37
CA MET A 20 -5.67 -2.50 -5.99
C MET A 20 -6.43 -1.59 -5.02
N ILE A 21 -6.67 -0.35 -5.46
CA ILE A 21 -7.39 0.61 -4.63
C ILE A 21 -8.62 1.16 -5.35
N PRO A 22 -9.79 0.98 -4.73
CA PRO A 22 -11.06 1.45 -5.29
C PRO A 22 -11.17 2.98 -5.29
N ALA A 23 -11.48 3.54 -6.46
CA ALA A 23 -11.61 4.99 -6.59
C ALA A 23 -12.48 5.56 -5.49
N SER A 24 -13.34 4.72 -4.92
CA SER A 24 -14.24 5.15 -3.85
C SER A 24 -13.47 5.41 -2.56
N LYS A 25 -12.45 4.59 -2.32
CA LYS A 25 -11.62 4.73 -1.12
C LYS A 25 -10.38 5.57 -1.40
N ALA A 26 -10.02 5.67 -2.68
CA ALA A 26 -8.85 6.44 -3.09
C ALA A 26 -8.85 7.81 -2.42
N GLY A 27 -9.97 8.52 -2.52
CA GLY A 27 -10.08 9.84 -1.93
C GLY A 27 -10.00 9.80 -0.42
N LEU A 28 -10.19 8.62 0.16
CA LEU A 28 -10.14 8.45 1.60
C LEU A 28 -8.73 8.13 2.07
N VAL A 29 -8.03 7.30 1.29
CA VAL A 29 -6.66 6.92 1.62
C VAL A 29 -5.66 7.98 1.14
N ILE A 30 -6.06 8.73 0.12
CA ILE A 30 -5.19 9.77 -0.43
C ILE A 30 -5.46 11.11 0.24
N GLY A 31 -6.71 11.57 0.19
CA GLY A 31 -7.07 12.83 0.80
C GLY A 31 -6.94 14.00 -0.17
N LYS A 32 -7.25 15.20 0.32
CA LYS A 32 -7.17 16.40 -0.50
C LYS A 32 -5.72 16.83 -0.70
N GLY A 33 -5.19 16.61 -1.89
CA GLY A 33 -3.82 16.99 -2.17
C GLY A 33 -2.82 16.12 -1.45
N GLY A 34 -3.11 14.83 -1.35
CA GLY A 34 -2.22 13.90 -0.67
C GLY A 34 -1.93 14.33 0.75
N GLU A 35 -2.98 14.47 1.55
CA GLU A 35 -2.83 14.88 2.94
C GLU A 35 -2.69 13.66 3.85
N THR A 36 -3.41 12.60 3.52
CA THR A 36 -3.37 11.38 4.31
C THR A 36 -2.24 10.46 3.84
N ILE A 37 -2.39 9.91 2.64
CA ILE A 37 -1.39 9.02 2.07
C ILE A 37 0.02 9.54 2.36
N LYS A 38 0.21 10.84 2.21
CA LYS A 38 1.51 11.46 2.44
C LYS A 38 2.05 11.07 3.82
N GLN A 39 1.18 11.08 4.82
CA GLN A 39 1.57 10.71 6.18
C GLN A 39 1.81 9.21 6.29
N LEU A 40 1.10 8.44 5.48
CA LEU A 40 1.23 6.99 5.50
C LEU A 40 2.62 6.57 5.05
N GLN A 41 3.35 7.49 4.45
CA GLN A 41 4.71 7.22 3.98
C GLN A 41 5.70 7.22 5.14
N GLU A 42 5.35 7.93 6.20
CA GLU A 42 6.21 8.02 7.38
C GLU A 42 5.94 6.86 8.34
N ARG A 43 4.67 6.47 8.44
CA ARG A 43 4.29 5.38 9.32
C ARG A 43 4.98 4.08 8.93
N ALA A 44 5.20 3.91 7.63
CA ALA A 44 5.86 2.71 7.12
C ALA A 44 7.27 3.03 6.64
N GLY A 45 7.53 4.30 6.35
CA GLY A 45 8.84 4.71 5.89
C GLY A 45 9.04 4.43 4.41
N VAL A 46 7.93 4.34 3.67
CA VAL A 46 7.99 4.07 2.23
C VAL A 46 7.23 5.13 1.45
N LYS A 47 7.52 5.23 0.16
CA LYS A 47 6.86 6.20 -0.71
C LYS A 47 5.60 5.60 -1.33
N MET A 48 4.48 6.31 -1.21
CA MET A 48 3.22 5.84 -1.78
C MET A 48 2.78 6.73 -2.94
N VAL A 49 2.61 6.12 -4.11
CA VAL A 49 2.19 6.86 -5.29
C VAL A 49 1.14 6.07 -6.08
N MET A 50 -0.04 6.66 -6.22
CA MET A 50 -1.13 6.01 -6.95
C MET A 50 -0.89 6.09 -8.46
N ILE A 51 -1.05 4.96 -9.14
CA ILE A 51 -0.85 4.91 -10.59
C ILE A 51 -2.18 5.00 -11.33
N GLN A 52 -2.15 5.61 -12.50
CA GLN A 52 -3.37 5.76 -13.31
C GLN A 52 -3.13 5.24 -14.73
N ASP A 53 -3.35 3.95 -14.93
CA ASP A 53 -3.17 3.34 -16.25
C ASP A 53 -4.07 4.00 -17.29
N GLY A 54 -3.88 3.64 -18.55
CA GLY A 54 -4.67 4.20 -19.62
C GLY A 54 -6.12 3.80 -19.54
N PRO A 55 -6.39 2.50 -19.70
CA PRO A 55 -7.75 1.95 -19.64
C PRO A 55 -8.35 2.01 -18.24
N GLN A 56 -8.83 3.18 -17.85
CA GLN A 56 -9.42 3.35 -16.53
C GLN A 56 -10.90 2.95 -16.53
N ASN A 57 -11.62 3.37 -17.58
CA ASN A 57 -13.03 3.05 -17.70
C ASN A 57 -13.33 1.66 -17.13
N THR A 58 -12.75 0.64 -17.75
CA THR A 58 -12.95 -0.74 -17.32
C THR A 58 -13.04 -0.83 -15.80
N GLY A 59 -14.18 -1.27 -15.29
CA GLY A 59 -14.36 -1.39 -13.86
C GLY A 59 -13.97 -0.13 -13.11
N ALA A 60 -13.87 -0.23 -11.79
CA ALA A 60 -13.50 0.91 -10.96
C ALA A 60 -12.42 0.53 -9.96
N ASP A 61 -11.16 0.78 -10.33
CA ASP A 61 -10.03 0.46 -9.46
C ASP A 61 -8.76 1.14 -9.97
N LYS A 62 -7.85 1.43 -9.04
CA LYS A 62 -6.59 2.08 -9.39
C LYS A 62 -5.41 1.39 -8.69
N PRO A 63 -4.43 0.95 -9.48
CA PRO A 63 -3.23 0.28 -8.95
C PRO A 63 -2.33 1.23 -8.16
N LEU A 64 -2.13 0.92 -6.89
CA LEU A 64 -1.29 1.75 -6.03
C LEU A 64 0.12 1.18 -5.93
N ARG A 65 1.11 2.00 -6.24
CA ARG A 65 2.51 1.58 -6.19
C ARG A 65 3.18 2.04 -4.90
N ILE A 66 3.81 1.11 -4.20
CA ILE A 66 4.49 1.43 -2.94
C ILE A 66 5.96 1.06 -3.01
N THR A 67 6.81 2.08 -3.11
CA THR A 67 8.25 1.86 -3.18
C THR A 67 8.92 2.16 -1.84
N GLY A 68 9.98 1.43 -1.54
CA GLY A 68 10.69 1.63 -0.29
C GLY A 68 11.60 0.47 0.06
N ASP A 69 11.28 -0.23 1.14
CA ASP A 69 12.08 -1.37 1.58
C ASP A 69 11.30 -2.67 1.40
N PRO A 70 12.03 -3.79 1.30
CA PRO A 70 11.43 -5.12 1.13
C PRO A 70 10.71 -5.60 2.38
N TYR A 71 11.17 -5.12 3.54
CA TYR A 71 10.57 -5.50 4.81
C TYR A 71 9.49 -4.49 5.23
N LYS A 72 9.58 -3.28 4.69
CA LYS A 72 8.62 -2.23 5.00
C LYS A 72 7.50 -2.19 3.96
N VAL A 73 7.88 -2.05 2.70
CA VAL A 73 6.91 -2.00 1.61
C VAL A 73 5.79 -2.99 1.83
N GLN A 74 6.14 -4.20 2.28
CA GLN A 74 5.15 -5.23 2.54
C GLN A 74 4.23 -4.84 3.69
N GLN A 75 4.79 -4.18 4.70
CA GLN A 75 4.02 -3.74 5.86
C GLN A 75 3.04 -2.64 5.48
N ALA A 76 3.57 -1.54 4.95
CA ALA A 76 2.75 -0.41 4.55
C ALA A 76 1.54 -0.88 3.73
N LYS A 77 1.79 -1.80 2.81
CA LYS A 77 0.73 -2.33 1.96
C LYS A 77 -0.48 -2.75 2.79
N GLU A 78 -0.22 -3.34 3.95
CA GLU A 78 -1.29 -3.78 4.84
C GLU A 78 -2.06 -2.59 5.40
N MET A 79 -1.34 -1.53 5.75
CA MET A 79 -1.97 -0.33 6.29
C MET A 79 -2.93 0.28 5.29
N VAL A 80 -2.52 0.33 4.02
CA VAL A 80 -3.36 0.90 2.97
C VAL A 80 -4.53 -0.03 2.65
N LEU A 81 -4.22 -1.29 2.33
CA LEU A 81 -5.25 -2.27 2.01
C LEU A 81 -6.35 -2.27 3.07
N GLU A 82 -5.96 -2.10 4.32
CA GLU A 82 -6.91 -2.09 5.42
C GLU A 82 -7.70 -0.78 5.45
N LEU A 83 -7.10 0.28 4.90
CA LEU A 83 -7.75 1.58 4.85
C LEU A 83 -8.98 1.55 3.94
N ILE A 84 -8.91 0.75 2.90
CA ILE A 84 -10.01 0.63 1.95
C ILE A 84 -10.99 -0.46 2.39
N ARG A 85 -10.53 -1.34 3.27
CA ARG A 85 -11.37 -2.42 3.77
C ARG A 85 -12.37 -1.91 4.79
N ASP A 86 -13.36 -2.73 5.11
CA ASP A 86 -14.40 -2.36 6.06
C ASP A 86 -14.31 -3.23 7.31
N GLN A 87 -14.07 -2.59 8.46
CA GLN A 87 -13.97 -3.32 9.72
C GLN A 87 -15.29 -3.95 10.11
N GLY A 88 -15.23 -5.08 10.79
CA GLY A 88 -16.44 -5.77 11.20
C GLY A 88 -17.10 -6.50 10.06
N SER A 89 -18.25 -7.12 10.34
CA SER A 89 -18.99 -7.86 9.32
C SER A 89 -20.43 -7.36 9.24
N GLY A 90 -20.81 -6.85 8.07
CA GLY A 90 -22.15 -6.35 7.87
C GLY A 90 -22.94 -7.17 6.88
N PRO A 91 -24.27 -7.26 7.08
CA PRO A 91 -25.16 -8.02 6.22
C PRO A 91 -25.32 -7.38 4.85
N SER A 92 -24.87 -6.14 4.72
CA SER A 92 -24.97 -5.41 3.46
C SER A 92 -23.63 -5.39 2.74
N SER A 93 -23.64 -5.84 1.48
CA SER A 93 -22.42 -5.88 0.68
C SER A 93 -22.15 -4.52 0.05
N GLY A 94 -21.48 -3.64 0.81
CA GLY A 94 -21.16 -2.32 0.31
C GLY A 94 -19.70 -1.98 0.48
N GLY A 1 15.16 -33.77 18.89
CA GLY A 1 14.88 -32.35 18.94
C GLY A 1 15.95 -31.52 18.27
N SER A 2 15.85 -31.40 16.95
CA SER A 2 16.82 -30.63 16.17
C SER A 2 16.13 -29.55 15.35
N SER A 3 16.84 -28.44 15.14
CA SER A 3 16.28 -27.32 14.37
C SER A 3 17.17 -26.99 13.17
N GLY A 4 16.62 -26.25 12.22
CA GLY A 4 17.38 -25.89 11.04
C GLY A 4 16.57 -25.01 10.09
N SER A 5 16.17 -23.84 10.56
CA SER A 5 15.39 -22.91 9.75
C SER A 5 16.27 -22.23 8.71
N SER A 6 15.98 -22.48 7.44
CA SER A 6 16.74 -21.88 6.35
C SER A 6 16.06 -20.62 5.83
N GLY A 7 16.72 -19.48 6.02
CA GLY A 7 16.17 -18.22 5.56
C GLY A 7 17.24 -17.25 5.11
N HIS A 8 17.76 -17.45 3.91
CA HIS A 8 18.79 -16.59 3.36
C HIS A 8 18.41 -16.11 1.95
N GLY A 9 19.09 -15.06 1.49
CA GLY A 9 18.80 -14.52 0.18
C GLY A 9 18.41 -13.05 0.22
N ASP A 10 19.40 -12.18 0.03
CA ASP A 10 19.15 -10.73 0.05
C ASP A 10 19.89 -10.05 -1.10
N GLY A 11 19.27 -9.02 -1.66
CA GLY A 11 19.88 -8.29 -2.75
C GLY A 11 19.64 -6.80 -2.66
N PRO A 12 20.58 -6.01 -3.21
CA PRO A 12 20.49 -4.54 -3.19
C PRO A 12 19.39 -4.02 -4.10
N GLY A 13 18.85 -2.85 -3.76
CA GLY A 13 17.79 -2.27 -4.57
C GLY A 13 16.58 -1.89 -3.73
N ASN A 14 15.64 -1.16 -4.34
CA ASN A 14 14.44 -0.74 -3.65
C ASN A 14 13.28 -1.67 -3.96
N ALA A 15 12.49 -1.99 -2.93
CA ALA A 15 11.34 -2.88 -3.10
C ALA A 15 10.10 -2.09 -3.52
N VAL A 16 9.25 -2.73 -4.32
CA VAL A 16 8.03 -2.09 -4.80
C VAL A 16 6.88 -3.10 -4.88
N GLN A 17 5.71 -2.69 -4.40
CA GLN A 17 4.54 -3.56 -4.42
C GLN A 17 3.31 -2.80 -4.96
N GLU A 18 2.65 -3.41 -5.94
CA GLU A 18 1.47 -2.80 -6.54
C GLU A 18 0.20 -3.46 -6.02
N ILE A 19 -0.77 -2.63 -5.62
CA ILE A 19 -2.04 -3.13 -5.10
C ILE A 19 -3.21 -2.38 -5.71
N MET A 20 -4.29 -3.10 -5.99
CA MET A 20 -5.49 -2.50 -6.57
C MET A 20 -6.30 -1.76 -5.51
N ILE A 21 -6.54 -0.48 -5.75
CA ILE A 21 -7.30 0.34 -4.81
C ILE A 21 -8.56 0.89 -5.46
N PRO A 22 -9.69 0.79 -4.76
CA PRO A 22 -10.98 1.28 -5.25
C PRO A 22 -11.04 2.80 -5.30
N ALA A 23 -11.47 3.33 -6.44
CA ALA A 23 -11.58 4.78 -6.62
C ALA A 23 -12.48 5.39 -5.56
N SER A 24 -13.22 4.55 -4.85
CA SER A 24 -14.13 5.01 -3.81
C SER A 24 -13.37 5.34 -2.53
N LYS A 25 -12.60 4.37 -2.04
CA LYS A 25 -11.81 4.55 -0.83
C LYS A 25 -10.52 5.30 -1.12
N ALA A 26 -10.20 5.45 -2.40
CA ALA A 26 -8.99 6.16 -2.81
C ALA A 26 -8.99 7.58 -2.28
N GLY A 27 -10.11 8.28 -2.45
CA GLY A 27 -10.21 9.65 -1.97
C GLY A 27 -10.14 9.76 -0.47
N LEU A 28 -10.28 8.62 0.21
CA LEU A 28 -10.24 8.59 1.66
C LEU A 28 -8.81 8.42 2.16
N VAL A 29 -8.08 7.48 1.56
CA VAL A 29 -6.70 7.23 1.95
C VAL A 29 -5.76 8.24 1.31
N ILE A 30 -6.16 8.78 0.16
CA ILE A 30 -5.35 9.77 -0.54
C ILE A 30 -5.63 11.18 -0.02
N GLY A 31 -6.90 11.46 0.27
CA GLY A 31 -7.27 12.76 0.77
C GLY A 31 -7.61 13.73 -0.34
N LYS A 32 -7.53 15.03 -0.03
CA LYS A 32 -7.83 16.06 -1.01
C LYS A 32 -6.56 16.61 -1.64
N GLY A 33 -5.71 15.70 -2.13
CA GLY A 33 -4.47 16.10 -2.75
C GLY A 33 -3.25 15.46 -2.10
N GLY A 34 -3.42 14.22 -1.65
CA GLY A 34 -2.33 13.52 -1.00
C GLY A 34 -1.98 14.09 0.36
N GLU A 35 -2.99 14.28 1.19
CA GLU A 35 -2.79 14.83 2.53
C GLU A 35 -2.60 13.71 3.56
N THR A 36 -3.31 12.61 3.36
CA THR A 36 -3.21 11.47 4.26
C THR A 36 -2.16 10.48 3.80
N ILE A 37 -2.31 9.98 2.57
CA ILE A 37 -1.36 9.03 2.00
C ILE A 37 0.07 9.50 2.20
N LYS A 38 0.26 10.81 2.28
CA LYS A 38 1.58 11.40 2.47
C LYS A 38 2.14 11.04 3.84
N GLN A 39 1.26 10.99 4.83
CA GLN A 39 1.67 10.65 6.20
C GLN A 39 1.89 9.16 6.35
N LEU A 40 1.13 8.37 5.60
CA LEU A 40 1.24 6.92 5.65
C LEU A 40 2.65 6.47 5.24
N GLN A 41 3.33 7.31 4.48
CA GLN A 41 4.68 7.00 4.02
C GLN A 41 5.65 6.97 5.20
N GLU A 42 5.37 7.76 6.21
CA GLU A 42 6.23 7.83 7.39
C GLU A 42 5.87 6.73 8.39
N ARG A 43 4.57 6.56 8.62
CA ARG A 43 4.08 5.54 9.55
C ARG A 43 4.68 4.19 9.22
N ALA A 44 4.98 3.96 7.94
CA ALA A 44 5.55 2.70 7.50
C ALA A 44 6.97 2.89 6.99
N GLY A 45 7.26 4.09 6.49
CA GLY A 45 8.58 4.38 5.97
C GLY A 45 8.74 3.96 4.52
N VAL A 46 7.79 4.36 3.69
CA VAL A 46 7.84 4.02 2.27
C VAL A 46 7.12 5.07 1.43
N LYS A 47 7.50 5.17 0.16
CA LYS A 47 6.89 6.14 -0.76
C LYS A 47 5.68 5.54 -1.45
N MET A 48 4.52 6.15 -1.26
CA MET A 48 3.29 5.68 -1.87
C MET A 48 2.93 6.51 -3.10
N VAL A 49 2.85 5.85 -4.25
CA VAL A 49 2.52 6.54 -5.50
C VAL A 49 1.34 5.86 -6.19
N MET A 50 0.22 6.56 -6.25
CA MET A 50 -0.97 6.03 -6.90
C MET A 50 -0.87 6.13 -8.41
N ILE A 51 -0.94 4.98 -9.08
CA ILE A 51 -0.85 4.93 -10.53
C ILE A 51 -2.23 4.93 -11.18
N GLN A 52 -2.61 6.05 -11.78
CA GLN A 52 -3.90 6.17 -12.43
C GLN A 52 -3.79 5.94 -13.93
N ASP A 53 -3.84 4.68 -14.33
CA ASP A 53 -3.73 4.31 -15.74
C ASP A 53 -4.89 3.40 -16.15
N GLY A 54 -5.21 3.40 -17.44
CA GLY A 54 -6.28 2.57 -17.94
C GLY A 54 -7.64 3.20 -17.74
N PRO A 55 -8.68 2.61 -18.35
CA PRO A 55 -10.06 3.11 -18.25
C PRO A 55 -10.64 2.93 -16.86
N GLN A 56 -11.60 3.78 -16.50
CA GLN A 56 -12.24 3.71 -15.20
C GLN A 56 -13.60 3.02 -15.29
N ASN A 57 -14.15 2.99 -16.49
CA ASN A 57 -15.45 2.35 -16.71
C ASN A 57 -15.38 0.85 -16.45
N THR A 58 -14.56 0.16 -17.23
CA THR A 58 -14.41 -1.29 -17.08
C THR A 58 -13.48 -1.62 -15.91
N GLY A 59 -12.42 -0.84 -15.75
CA GLY A 59 -11.49 -1.06 -14.67
C GLY A 59 -12.14 -0.90 -13.31
N ALA A 60 -12.46 0.34 -12.96
CA ALA A 60 -13.09 0.63 -11.67
C ALA A 60 -12.12 0.41 -10.52
N ASP A 61 -10.84 0.71 -10.77
CA ASP A 61 -9.82 0.54 -9.76
C ASP A 61 -8.56 1.33 -10.12
N LYS A 62 -7.69 1.54 -9.14
CA LYS A 62 -6.45 2.28 -9.36
C LYS A 62 -5.27 1.56 -8.72
N PRO A 63 -4.32 1.13 -9.57
CA PRO A 63 -3.11 0.42 -9.12
C PRO A 63 -2.16 1.33 -8.35
N LEU A 64 -2.05 1.09 -7.05
CA LEU A 64 -1.16 1.89 -6.21
C LEU A 64 0.22 1.25 -6.12
N ARG A 65 1.25 2.03 -6.44
CA ARG A 65 2.62 1.55 -6.40
C ARG A 65 3.30 1.97 -5.10
N ILE A 66 3.63 0.98 -4.27
CA ILE A 66 4.29 1.25 -2.99
C ILE A 66 5.78 0.92 -3.07
N THR A 67 6.59 1.98 -3.19
CA THR A 67 8.04 1.81 -3.27
C THR A 67 8.70 2.07 -1.92
N GLY A 68 9.87 1.48 -1.72
CA GLY A 68 10.58 1.66 -0.46
C GLY A 68 11.51 0.51 -0.15
N ASP A 69 11.17 -0.25 0.88
CA ASP A 69 11.98 -1.39 1.30
C ASP A 69 11.17 -2.68 1.23
N PRO A 70 11.88 -3.83 1.18
CA PRO A 70 11.24 -5.15 1.11
C PRO A 70 10.55 -5.52 2.42
N TYR A 71 11.06 -5.01 3.52
CA TYR A 71 10.49 -5.29 4.83
C TYR A 71 9.48 -4.23 5.23
N LYS A 72 9.58 -3.06 4.61
CA LYS A 72 8.67 -1.95 4.88
C LYS A 72 7.49 -1.96 3.91
N VAL A 73 7.79 -1.96 2.63
CA VAL A 73 6.75 -1.97 1.60
C VAL A 73 5.68 -3.00 1.91
N GLN A 74 6.11 -4.13 2.48
CA GLN A 74 5.18 -5.20 2.83
C GLN A 74 4.27 -4.78 3.98
N GLN A 75 4.78 -3.92 4.85
CA GLN A 75 4.02 -3.45 6.00
C GLN A 75 3.04 -2.36 5.59
N ALA A 76 3.56 -1.34 4.91
CA ALA A 76 2.72 -0.23 4.46
C ALA A 76 1.53 -0.74 3.64
N LYS A 77 1.78 -1.73 2.80
CA LYS A 77 0.73 -2.31 1.96
C LYS A 77 -0.50 -2.65 2.79
N GLU A 78 -0.28 -3.34 3.91
CA GLU A 78 -1.37 -3.73 4.79
C GLU A 78 -2.09 -2.49 5.36
N MET A 79 -1.31 -1.48 5.72
CA MET A 79 -1.87 -0.24 6.26
C MET A 79 -2.88 0.36 5.30
N VAL A 80 -2.51 0.44 4.02
CA VAL A 80 -3.39 1.00 3.01
C VAL A 80 -4.56 0.07 2.72
N LEU A 81 -4.26 -1.18 2.42
CA LEU A 81 -5.29 -2.17 2.12
C LEU A 81 -6.38 -2.16 3.19
N GLU A 82 -5.96 -1.99 4.44
CA GLU A 82 -6.91 -1.96 5.55
C GLU A 82 -7.69 -0.65 5.57
N LEU A 83 -7.03 0.41 5.14
CA LEU A 83 -7.67 1.73 5.10
C LEU A 83 -8.90 1.73 4.19
N ILE A 84 -8.83 0.91 3.14
CA ILE A 84 -9.94 0.81 2.19
C ILE A 84 -10.94 -0.26 2.62
N ARG A 85 -10.49 -1.14 3.53
CA ARG A 85 -11.34 -2.21 4.02
C ARG A 85 -12.27 -1.71 5.13
N ASP A 86 -13.22 -2.55 5.52
CA ASP A 86 -14.17 -2.20 6.57
C ASP A 86 -15.06 -3.38 6.92
N GLN A 87 -15.93 -3.21 7.92
CA GLN A 87 -16.83 -4.26 8.34
C GLN A 87 -17.88 -4.54 7.27
N GLY A 88 -17.85 -5.73 6.71
CA GLY A 88 -18.80 -6.11 5.68
C GLY A 88 -19.68 -7.28 6.09
N SER A 89 -20.91 -6.99 6.47
CA SER A 89 -21.84 -8.02 6.90
C SER A 89 -22.18 -8.97 5.74
N GLY A 90 -21.35 -9.99 5.58
CA GLY A 90 -21.57 -10.95 4.51
C GLY A 90 -21.14 -10.42 3.16
N PRO A 91 -20.69 -11.33 2.28
CA PRO A 91 -20.24 -10.96 0.93
C PRO A 91 -21.39 -10.53 0.04
N SER A 92 -21.08 -9.67 -0.94
CA SER A 92 -22.09 -9.17 -1.87
C SER A 92 -21.56 -9.16 -3.29
N SER A 93 -22.44 -9.46 -4.24
CA SER A 93 -22.05 -9.50 -5.65
C SER A 93 -23.29 -9.38 -6.54
N GLY A 94 -23.39 -8.27 -7.27
CA GLY A 94 -24.52 -8.05 -8.15
C GLY A 94 -24.75 -9.21 -9.09
N GLY A 1 26.46 -28.98 3.85
CA GLY A 1 25.46 -29.93 4.28
C GLY A 1 24.13 -29.27 4.61
N SER A 2 23.16 -29.43 3.72
CA SER A 2 21.84 -28.84 3.90
C SER A 2 20.76 -29.66 3.20
N SER A 3 19.66 -29.90 3.90
CA SER A 3 18.56 -30.68 3.33
C SER A 3 17.72 -29.82 2.39
N GLY A 4 16.88 -30.49 1.59
CA GLY A 4 16.03 -29.77 0.66
C GLY A 4 14.92 -28.99 1.34
N SER A 5 15.10 -27.68 1.43
CA SER A 5 14.10 -26.82 2.07
C SER A 5 13.30 -26.05 1.03
N SER A 6 12.24 -25.37 1.49
CA SER A 6 11.38 -24.60 0.61
C SER A 6 11.23 -23.17 1.11
N GLY A 7 11.74 -22.21 0.34
CA GLY A 7 11.65 -20.82 0.72
C GLY A 7 12.95 -20.07 0.51
N HIS A 8 12.85 -18.85 0.00
CA HIS A 8 14.03 -18.03 -0.25
C HIS A 8 13.62 -16.63 -0.71
N GLY A 9 14.16 -15.61 -0.04
CA GLY A 9 13.85 -14.24 -0.40
C GLY A 9 14.52 -13.81 -1.69
N ASP A 10 14.25 -12.58 -2.12
CA ASP A 10 14.82 -12.06 -3.35
C ASP A 10 14.45 -10.58 -3.53
N GLY A 11 15.29 -9.85 -4.26
CA GLY A 11 15.04 -8.44 -4.50
C GLY A 11 15.79 -7.55 -3.53
N PRO A 12 17.13 -7.51 -3.68
CA PRO A 12 17.99 -6.69 -2.82
C PRO A 12 17.81 -5.20 -3.07
N GLY A 13 17.40 -4.86 -4.28
CA GLY A 13 17.20 -3.46 -4.63
C GLY A 13 15.87 -2.92 -4.14
N ASN A 14 15.64 -1.63 -4.33
CA ASN A 14 14.41 -1.00 -3.91
C ASN A 14 13.21 -1.91 -4.16
N ALA A 15 12.39 -2.11 -3.13
CA ALA A 15 11.22 -2.96 -3.24
C ALA A 15 9.99 -2.15 -3.64
N VAL A 16 9.12 -2.77 -4.44
CA VAL A 16 7.90 -2.11 -4.89
C VAL A 16 6.71 -3.06 -4.85
N GLN A 17 5.66 -2.64 -4.15
CA GLN A 17 4.45 -3.46 -4.03
C GLN A 17 3.24 -2.72 -4.60
N GLU A 18 2.64 -3.30 -5.64
CA GLU A 18 1.47 -2.71 -6.28
C GLU A 18 0.18 -3.40 -5.81
N ILE A 19 -0.82 -2.60 -5.49
CA ILE A 19 -2.10 -3.13 -5.04
C ILE A 19 -3.26 -2.42 -5.72
N MET A 20 -4.46 -3.01 -5.61
CA MET A 20 -5.65 -2.44 -6.23
C MET A 20 -6.42 -1.58 -5.22
N ILE A 21 -6.68 -0.33 -5.60
CA ILE A 21 -7.41 0.58 -4.72
C ILE A 21 -8.66 1.11 -5.41
N PRO A 22 -9.82 0.93 -4.76
CA PRO A 22 -11.10 1.38 -5.29
C PRO A 22 -11.23 2.90 -5.28
N ALA A 23 -11.38 3.49 -6.48
CA ALA A 23 -11.51 4.93 -6.60
C ALA A 23 -12.34 5.51 -5.46
N SER A 24 -13.30 4.73 -4.98
CA SER A 24 -14.17 5.17 -3.89
C SER A 24 -13.36 5.43 -2.62
N LYS A 25 -12.55 4.45 -2.23
CA LYS A 25 -11.72 4.57 -1.05
C LYS A 25 -10.43 5.32 -1.35
N ALA A 26 -10.24 5.65 -2.63
CA ALA A 26 -9.04 6.37 -3.05
C ALA A 26 -8.96 7.75 -2.40
N GLY A 27 -10.10 8.45 -2.39
CA GLY A 27 -10.14 9.77 -1.79
C GLY A 27 -10.12 9.73 -0.27
N LEU A 28 -10.04 8.53 0.28
CA LEU A 28 -10.02 8.35 1.73
C LEU A 28 -8.58 8.20 2.23
N VAL A 29 -7.84 7.30 1.62
CA VAL A 29 -6.44 7.07 2.00
C VAL A 29 -5.53 8.16 1.46
N ILE A 30 -6.04 8.91 0.49
CA ILE A 30 -5.26 9.99 -0.12
C ILE A 30 -5.58 11.32 0.54
N GLY A 31 -6.87 11.61 0.69
CA GLY A 31 -7.28 12.86 1.31
C GLY A 31 -7.49 13.97 0.29
N LYS A 32 -7.43 15.21 0.75
CA LYS A 32 -7.61 16.36 -0.12
C LYS A 32 -6.28 16.81 -0.71
N GLY A 33 -5.75 16.03 -1.65
CA GLY A 33 -4.48 16.37 -2.27
C GLY A 33 -3.30 15.72 -1.57
N GLY A 34 -3.39 14.41 -1.36
CA GLY A 34 -2.32 13.69 -0.70
C GLY A 34 -2.09 14.16 0.72
N GLU A 35 -3.17 14.26 1.49
CA GLU A 35 -3.08 14.70 2.87
C GLU A 35 -2.91 13.52 3.82
N THR A 36 -3.58 12.41 3.48
CA THR A 36 -3.51 11.20 4.30
C THR A 36 -2.35 10.30 3.87
N ILE A 37 -2.45 9.78 2.65
CA ILE A 37 -1.42 8.90 2.11
C ILE A 37 -0.03 9.47 2.37
N LYS A 38 0.18 10.72 2.00
CA LYS A 38 1.46 11.39 2.20
C LYS A 38 2.01 11.08 3.59
N GLN A 39 1.14 11.08 4.59
CA GLN A 39 1.54 10.81 5.96
C GLN A 39 1.83 9.32 6.15
N LEU A 40 1.03 8.48 5.50
CA LEU A 40 1.19 7.04 5.61
C LEU A 40 2.59 6.61 5.15
N GLN A 41 3.30 7.52 4.48
CA GLN A 41 4.64 7.25 4.00
C GLN A 41 5.64 7.23 5.15
N GLU A 42 5.38 8.05 6.18
CA GLU A 42 6.25 8.12 7.34
C GLU A 42 5.92 7.02 8.34
N ARG A 43 4.64 6.81 8.58
CA ARG A 43 4.18 5.78 9.51
C ARG A 43 4.77 4.42 9.16
N ALA A 44 4.98 4.19 7.86
CA ALA A 44 5.55 2.94 7.38
C ALA A 44 7.00 3.11 6.95
N GLY A 45 7.34 4.33 6.54
CA GLY A 45 8.70 4.61 6.11
C GLY A 45 8.93 4.22 4.66
N VAL A 46 7.88 4.33 3.85
CA VAL A 46 7.98 4.00 2.43
C VAL A 46 7.34 5.08 1.57
N LYS A 47 7.50 4.95 0.25
CA LYS A 47 6.93 5.92 -0.68
C LYS A 47 5.67 5.37 -1.33
N MET A 48 4.57 6.11 -1.17
CA MET A 48 3.29 5.70 -1.75
C MET A 48 2.92 6.59 -2.93
N VAL A 49 2.74 5.97 -4.10
CA VAL A 49 2.37 6.69 -5.31
C VAL A 49 1.29 5.97 -6.09
N MET A 50 0.11 6.60 -6.18
CA MET A 50 -1.01 6.02 -6.89
C MET A 50 -0.78 6.07 -8.40
N ILE A 51 -0.89 4.91 -9.04
CA ILE A 51 -0.69 4.82 -10.48
C ILE A 51 -2.02 4.95 -11.23
N GLN A 52 -2.10 5.96 -12.10
CA GLN A 52 -3.31 6.19 -12.88
C GLN A 52 -3.44 5.19 -14.01
N ASP A 53 -2.43 5.15 -14.88
CA ASP A 53 -2.43 4.23 -16.01
C ASP A 53 -1.43 3.09 -15.78
N GLY A 54 -1.84 1.88 -16.16
CA GLY A 54 -0.97 0.73 -15.99
C GLY A 54 -1.53 -0.52 -16.64
N PRO A 55 -2.50 -1.16 -15.97
CA PRO A 55 -3.13 -2.38 -16.48
C PRO A 55 -4.00 -2.11 -17.70
N GLN A 56 -4.56 -3.17 -18.27
CA GLN A 56 -5.43 -3.06 -19.44
C GLN A 56 -6.86 -2.74 -19.04
N ASN A 57 -7.06 -1.55 -18.48
CA ASN A 57 -8.39 -1.13 -18.05
C ASN A 57 -9.14 -2.27 -17.39
N THR A 58 -8.45 -2.99 -16.49
CA THR A 58 -9.05 -4.11 -15.79
C THR A 58 -9.96 -3.64 -14.66
N GLY A 59 -11.27 -3.81 -14.86
CA GLY A 59 -12.23 -3.39 -13.85
C GLY A 59 -12.04 -1.94 -13.43
N ALA A 60 -12.89 -1.47 -12.53
CA ALA A 60 -12.81 -0.10 -12.05
C ALA A 60 -12.00 -0.01 -10.76
N ASP A 61 -10.72 0.30 -10.90
CA ASP A 61 -9.83 0.42 -9.74
C ASP A 61 -8.56 1.19 -10.10
N LYS A 62 -7.75 1.49 -9.09
CA LYS A 62 -6.51 2.22 -9.30
C LYS A 62 -5.34 1.51 -8.63
N PRO A 63 -4.38 1.06 -9.45
CA PRO A 63 -3.18 0.36 -8.96
C PRO A 63 -2.24 1.29 -8.20
N LEU A 64 -2.15 1.08 -6.89
CA LEU A 64 -1.27 1.90 -6.05
C LEU A 64 0.12 1.28 -5.94
N ARG A 65 1.13 2.05 -6.33
CA ARG A 65 2.51 1.57 -6.27
C ARG A 65 3.19 2.03 -4.98
N ILE A 66 3.76 1.07 -4.25
CA ILE A 66 4.44 1.38 -2.99
C ILE A 66 5.91 0.96 -3.05
N THR A 67 6.79 1.94 -3.18
CA THR A 67 8.22 1.69 -3.25
C THR A 67 8.89 1.92 -1.90
N GLY A 68 10.04 1.29 -1.70
CA GLY A 68 10.77 1.46 -0.44
C GLY A 68 11.40 0.16 0.02
N ASP A 69 11.81 0.14 1.29
CA ASP A 69 12.44 -1.05 1.86
C ASP A 69 11.59 -2.30 1.61
N PRO A 70 12.26 -3.42 1.32
CA PRO A 70 11.58 -4.69 1.06
C PRO A 70 10.94 -5.29 2.32
N TYR A 71 11.37 -4.79 3.48
CA TYR A 71 10.85 -5.27 4.75
C TYR A 71 9.68 -4.39 5.22
N LYS A 72 9.69 -3.13 4.78
CA LYS A 72 8.65 -2.20 5.16
C LYS A 72 7.54 -2.17 4.10
N VAL A 73 7.93 -2.01 2.85
CA VAL A 73 6.98 -1.96 1.75
C VAL A 73 5.86 -2.98 1.95
N GLN A 74 6.23 -4.17 2.41
CA GLN A 74 5.26 -5.23 2.65
C GLN A 74 4.32 -4.87 3.80
N GLN A 75 4.88 -4.24 4.83
CA GLN A 75 4.09 -3.84 5.99
C GLN A 75 3.11 -2.73 5.63
N ALA A 76 3.60 -1.69 4.97
CA ALA A 76 2.76 -0.57 4.56
C ALA A 76 1.59 -1.05 3.70
N LYS A 77 1.90 -1.84 2.68
CA LYS A 77 0.88 -2.36 1.78
C LYS A 77 -0.37 -2.76 2.56
N GLU A 78 -0.17 -3.20 3.80
CA GLU A 78 -1.29 -3.62 4.64
C GLU A 78 -2.04 -2.41 5.19
N MET A 79 -1.30 -1.43 5.68
CA MET A 79 -1.90 -0.21 6.23
C MET A 79 -2.90 0.39 5.25
N VAL A 80 -2.51 0.46 3.98
CA VAL A 80 -3.37 1.01 2.93
C VAL A 80 -4.53 0.07 2.62
N LEU A 81 -4.19 -1.17 2.28
CA LEU A 81 -5.21 -2.17 1.95
C LEU A 81 -6.30 -2.21 3.01
N GLU A 82 -5.89 -2.11 4.27
CA GLU A 82 -6.84 -2.13 5.38
C GLU A 82 -7.66 -0.85 5.42
N LEU A 83 -7.07 0.24 4.95
CA LEU A 83 -7.76 1.53 4.92
C LEU A 83 -9.00 1.48 4.03
N ILE A 84 -8.87 0.81 2.89
CA ILE A 84 -9.97 0.69 1.95
C ILE A 84 -10.96 -0.38 2.41
N ARG A 85 -10.47 -1.34 3.20
CA ARG A 85 -11.31 -2.42 3.70
C ARG A 85 -12.35 -1.88 4.67
N ASP A 86 -13.60 -2.31 4.49
CA ASP A 86 -14.70 -1.87 5.34
C ASP A 86 -14.56 -2.47 6.75
N GLN A 87 -14.11 -1.65 7.69
CA GLN A 87 -13.93 -2.11 9.07
C GLN A 87 -13.47 -3.55 9.12
N GLY A 88 -12.39 -3.85 8.41
CA GLY A 88 -11.86 -5.20 8.37
C GLY A 88 -11.23 -5.61 9.69
N SER A 89 -10.17 -4.90 10.08
CA SER A 89 -9.47 -5.19 11.32
C SER A 89 -9.71 -4.09 12.36
N GLY A 90 -9.42 -2.85 11.96
CA GLY A 90 -9.61 -1.73 12.86
C GLY A 90 -8.96 -0.46 12.36
N PRO A 91 -9.59 0.16 11.35
CA PRO A 91 -9.08 1.39 10.74
C PRO A 91 -9.20 2.59 11.68
N SER A 92 -8.78 3.75 11.20
CA SER A 92 -8.84 4.97 12.01
C SER A 92 -10.05 5.82 11.62
N SER A 93 -10.75 6.33 12.62
CA SER A 93 -11.94 7.15 12.39
C SER A 93 -11.57 8.45 11.68
N GLY A 94 -11.80 8.50 10.38
CA GLY A 94 -11.48 9.69 9.61
C GLY A 94 -12.73 10.40 9.10
N GLY A 1 -0.96 -17.46 27.43
CA GLY A 1 -0.90 -17.77 26.01
C GLY A 1 0.48 -17.57 25.42
N SER A 2 0.54 -16.92 24.26
CA SER A 2 1.81 -16.67 23.59
C SER A 2 1.74 -15.39 22.76
N SER A 3 2.89 -14.77 22.55
CA SER A 3 2.96 -13.53 21.77
C SER A 3 4.39 -13.26 21.32
N GLY A 4 4.53 -12.36 20.35
CA GLY A 4 5.86 -12.02 19.85
C GLY A 4 5.82 -10.88 18.86
N SER A 5 5.66 -11.20 17.57
CA SER A 5 5.61 -10.19 16.52
C SER A 5 6.81 -9.25 16.62
N SER A 6 7.96 -9.81 16.96
CA SER A 6 9.18 -9.03 17.09
C SER A 6 10.34 -9.67 16.32
N GLY A 7 10.82 -8.99 15.30
CA GLY A 7 11.92 -9.51 14.50
C GLY A 7 12.84 -8.42 14.01
N HIS A 8 13.24 -8.50 12.74
CA HIS A 8 14.13 -7.53 12.14
C HIS A 8 14.13 -7.65 10.62
N GLY A 9 14.82 -6.72 9.96
CA GLY A 9 14.88 -6.74 8.51
C GLY A 9 15.70 -5.59 7.96
N ASP A 10 16.54 -5.88 6.96
CA ASP A 10 17.37 -4.87 6.34
C ASP A 10 18.09 -5.43 5.11
N GLY A 11 18.23 -4.60 4.09
CA GLY A 11 18.89 -5.03 2.87
C GLY A 11 18.81 -3.99 1.77
N PRO A 12 19.73 -4.08 0.79
CA PRO A 12 19.78 -3.15 -0.34
C PRO A 12 18.60 -3.34 -1.30
N GLY A 13 18.73 -2.78 -2.50
CA GLY A 13 17.68 -2.91 -3.48
C GLY A 13 16.41 -2.19 -3.07
N ASN A 14 15.61 -1.78 -4.05
CA ASN A 14 14.36 -1.08 -3.78
C ASN A 14 13.15 -1.98 -4.08
N ALA A 15 12.32 -2.20 -3.07
CA ALA A 15 11.14 -3.03 -3.23
C ALA A 15 9.94 -2.20 -3.65
N VAL A 16 9.11 -2.77 -4.53
CA VAL A 16 7.93 -2.08 -5.03
C VAL A 16 6.72 -3.02 -5.10
N GLN A 17 5.76 -2.80 -4.22
CA GLN A 17 4.56 -3.63 -4.17
C GLN A 17 3.34 -2.86 -4.67
N GLU A 18 2.74 -3.35 -5.74
CA GLU A 18 1.57 -2.70 -6.32
C GLU A 18 0.28 -3.39 -5.86
N ILE A 19 -0.73 -2.60 -5.54
CA ILE A 19 -2.01 -3.13 -5.08
C ILE A 19 -3.17 -2.42 -5.77
N MET A 20 -4.37 -2.98 -5.62
CA MET A 20 -5.56 -2.40 -6.22
C MET A 20 -6.34 -1.57 -5.20
N ILE A 21 -6.58 -0.30 -5.53
CA ILE A 21 -7.32 0.58 -4.64
C ILE A 21 -8.54 1.17 -5.33
N PRO A 22 -9.72 0.92 -4.76
CA PRO A 22 -10.99 1.42 -5.29
C PRO A 22 -11.13 2.93 -5.16
N ALA A 23 -11.32 3.61 -6.29
CA ALA A 23 -11.47 5.06 -6.30
C ALA A 23 -12.38 5.53 -5.17
N SER A 24 -13.41 4.73 -4.87
CA SER A 24 -14.36 5.06 -3.82
C SER A 24 -13.62 5.27 -2.49
N LYS A 25 -12.70 4.37 -2.18
CA LYS A 25 -11.94 4.46 -0.95
C LYS A 25 -10.64 5.24 -1.15
N ALA A 26 -10.25 5.40 -2.41
CA ALA A 26 -9.04 6.12 -2.75
C ALA A 26 -9.09 7.56 -2.23
N GLY A 27 -10.21 8.22 -2.47
CA GLY A 27 -10.36 9.60 -2.01
C GLY A 27 -10.28 9.72 -0.50
N LEU A 28 -10.36 8.58 0.19
CA LEU A 28 -10.30 8.57 1.64
C LEU A 28 -8.87 8.35 2.13
N VAL A 29 -8.16 7.44 1.47
CA VAL A 29 -6.78 7.13 1.83
C VAL A 29 -5.83 8.19 1.28
N ILE A 30 -6.23 8.82 0.18
CA ILE A 30 -5.41 9.85 -0.45
C ILE A 30 -5.71 11.22 0.14
N GLY A 31 -6.99 11.54 0.28
CA GLY A 31 -7.38 12.82 0.83
C GLY A 31 -7.74 13.83 -0.24
N LYS A 32 -7.85 15.10 0.15
CA LYS A 32 -8.19 16.16 -0.78
C LYS A 32 -7.19 16.22 -1.93
N GLY A 33 -5.91 16.34 -1.58
CA GLY A 33 -4.87 16.41 -2.59
C GLY A 33 -3.65 15.60 -2.21
N GLY A 34 -3.87 14.42 -1.66
CA GLY A 34 -2.75 13.56 -1.26
C GLY A 34 -2.15 13.99 0.06
N GLU A 35 -3.00 14.24 1.05
CA GLU A 35 -2.55 14.67 2.37
C GLU A 35 -2.38 13.46 3.29
N THR A 36 -3.40 12.61 3.33
CA THR A 36 -3.37 11.41 4.18
C THR A 36 -2.26 10.46 3.74
N ILE A 37 -2.41 9.90 2.55
CA ILE A 37 -1.43 8.97 2.02
C ILE A 37 -0.01 9.50 2.21
N LYS A 38 0.13 10.82 2.24
CA LYS A 38 1.43 11.46 2.41
C LYS A 38 2.02 11.10 3.77
N GLN A 39 1.18 11.06 4.79
CA GLN A 39 1.63 10.72 6.14
C GLN A 39 1.94 9.23 6.26
N LEU A 40 1.16 8.42 5.57
CA LEU A 40 1.36 6.97 5.60
C LEU A 40 2.73 6.60 5.09
N GLN A 41 3.42 7.57 4.50
CA GLN A 41 4.77 7.34 3.97
C GLN A 41 5.79 7.27 5.09
N GLU A 42 5.49 7.95 6.19
CA GLU A 42 6.39 7.97 7.35
C GLU A 42 6.05 6.85 8.33
N ARG A 43 4.76 6.70 8.60
CA ARG A 43 4.29 5.66 9.53
C ARG A 43 4.74 4.29 9.06
N ALA A 44 4.86 4.11 7.75
CA ALA A 44 5.28 2.85 7.16
C ALA A 44 6.73 2.90 6.70
N GLY A 45 7.26 4.12 6.59
CA GLY A 45 8.64 4.29 6.15
C GLY A 45 8.84 3.87 4.71
N VAL A 46 8.03 4.44 3.82
CA VAL A 46 8.12 4.12 2.39
C VAL A 46 7.47 5.21 1.55
N LYS A 47 7.62 5.09 0.24
CA LYS A 47 7.05 6.07 -0.69
C LYS A 47 5.81 5.51 -1.39
N MET A 48 4.69 6.19 -1.23
CA MET A 48 3.43 5.75 -1.84
C MET A 48 3.10 6.62 -3.05
N VAL A 49 2.94 5.99 -4.20
CA VAL A 49 2.62 6.70 -5.43
C VAL A 49 1.50 6.01 -6.20
N MET A 50 0.34 6.65 -6.25
CA MET A 50 -0.82 6.09 -6.95
C MET A 50 -0.62 6.16 -8.47
N ILE A 51 -0.79 5.02 -9.12
CA ILE A 51 -0.63 4.95 -10.57
C ILE A 51 -1.97 5.12 -11.28
N GLN A 52 -2.17 6.29 -11.87
CA GLN A 52 -3.41 6.59 -12.58
C GLN A 52 -3.12 7.01 -14.02
N ASP A 53 -2.45 6.13 -14.77
CA ASP A 53 -2.11 6.41 -16.15
C ASP A 53 -3.36 6.33 -17.04
N GLY A 54 -3.73 7.46 -17.63
CA GLY A 54 -4.89 7.49 -18.50
C GLY A 54 -6.07 8.20 -17.85
N PRO A 55 -7.28 7.91 -18.34
CA PRO A 55 -8.51 8.51 -17.82
C PRO A 55 -8.86 8.01 -16.43
N GLN A 56 -10.08 8.29 -16.00
CA GLN A 56 -10.54 7.86 -14.67
C GLN A 56 -11.71 6.89 -14.79
N ASN A 57 -12.66 7.22 -15.66
CA ASN A 57 -13.83 6.37 -15.85
C ASN A 57 -13.42 4.94 -16.19
N THR A 58 -12.27 4.79 -16.83
CA THR A 58 -11.76 3.47 -17.20
C THR A 58 -11.64 2.57 -15.97
N GLY A 59 -12.16 1.35 -16.08
CA GLY A 59 -12.10 0.41 -14.99
C GLY A 59 -12.74 0.96 -13.72
N ALA A 60 -12.62 0.21 -12.63
CA ALA A 60 -13.19 0.62 -11.36
C ALA A 60 -12.19 0.44 -10.21
N ASP A 61 -10.92 0.64 -10.52
CA ASP A 61 -9.86 0.49 -9.52
C ASP A 61 -8.58 1.20 -9.98
N LYS A 62 -7.78 1.60 -9.01
CA LYS A 62 -6.53 2.29 -9.30
C LYS A 62 -5.34 1.59 -8.63
N PRO A 63 -4.38 1.13 -9.45
CA PRO A 63 -3.19 0.44 -8.97
C PRO A 63 -2.25 1.37 -8.22
N LEU A 64 -2.05 1.11 -6.93
CA LEU A 64 -1.16 1.92 -6.10
C LEU A 64 0.23 1.29 -6.01
N ARG A 65 1.25 2.07 -6.36
CA ARG A 65 2.63 1.59 -6.30
C ARG A 65 3.30 2.01 -5.00
N ILE A 66 3.82 1.04 -4.26
CA ILE A 66 4.49 1.31 -3.00
C ILE A 66 5.95 0.91 -3.05
N THR A 67 6.83 1.91 -3.19
CA THR A 67 8.26 1.66 -3.27
C THR A 67 8.92 1.85 -1.90
N GLY A 68 10.07 1.20 -1.71
CA GLY A 68 10.78 1.30 -0.45
C GLY A 68 11.31 -0.02 0.04
N ASP A 69 11.94 -0.02 1.21
CA ASP A 69 12.50 -1.24 1.78
C ASP A 69 11.56 -2.42 1.57
N PRO A 70 12.15 -3.60 1.28
CA PRO A 70 11.39 -4.82 1.04
C PRO A 70 10.73 -5.35 2.31
N TYR A 71 11.22 -4.90 3.46
CA TYR A 71 10.69 -5.33 4.74
C TYR A 71 9.62 -4.36 5.24
N LYS A 72 9.69 -3.12 4.76
CA LYS A 72 8.73 -2.10 5.15
C LYS A 72 7.58 -2.02 4.15
N VAL A 73 7.92 -1.90 2.86
CA VAL A 73 6.93 -1.81 1.80
C VAL A 73 5.82 -2.83 2.02
N GLN A 74 6.20 -4.04 2.40
CA GLN A 74 5.22 -5.11 2.64
C GLN A 74 4.28 -4.74 3.77
N GLN A 75 4.79 -4.02 4.76
CA GLN A 75 3.99 -3.61 5.91
C GLN A 75 3.00 -2.52 5.51
N ALA A 76 3.52 -1.43 4.94
CA ALA A 76 2.68 -0.32 4.51
C ALA A 76 1.50 -0.82 3.69
N LYS A 77 1.75 -1.79 2.82
CA LYS A 77 0.71 -2.35 1.97
C LYS A 77 -0.49 -2.80 2.81
N GLU A 78 -0.23 -3.28 4.01
CA GLU A 78 -1.28 -3.73 4.91
C GLU A 78 -2.06 -2.55 5.48
N MET A 79 -1.34 -1.47 5.78
CA MET A 79 -1.97 -0.27 6.34
C MET A 79 -2.96 0.33 5.36
N VAL A 80 -2.58 0.37 4.08
CA VAL A 80 -3.44 0.92 3.04
C VAL A 80 -4.58 -0.04 2.71
N LEU A 81 -4.23 -1.26 2.35
CA LEU A 81 -5.22 -2.28 2.00
C LEU A 81 -6.33 -2.34 3.06
N GLU A 82 -5.94 -2.15 4.32
CA GLU A 82 -6.89 -2.18 5.41
C GLU A 82 -7.74 -0.91 5.44
N LEU A 83 -7.17 0.18 4.95
CA LEU A 83 -7.87 1.46 4.92
C LEU A 83 -9.08 1.39 4.00
N ILE A 84 -8.88 0.88 2.79
CA ILE A 84 -9.96 0.76 1.82
C ILE A 84 -10.85 -0.44 2.15
N ARG A 85 -10.31 -1.38 2.92
CA ARG A 85 -11.06 -2.57 3.30
C ARG A 85 -11.97 -2.28 4.49
N ASP A 86 -12.75 -3.29 4.90
CA ASP A 86 -13.66 -3.13 6.02
C ASP A 86 -14.00 -4.50 6.63
N GLN A 87 -13.54 -4.72 7.85
CA GLN A 87 -13.78 -5.98 8.54
C GLN A 87 -15.23 -6.44 8.35
N GLY A 88 -15.42 -7.75 8.24
CA GLY A 88 -16.76 -8.28 8.06
C GLY A 88 -16.76 -9.78 7.81
N SER A 89 -16.24 -10.53 8.79
CA SER A 89 -16.18 -11.98 8.68
C SER A 89 -16.02 -12.63 10.05
N GLY A 90 -17.08 -13.29 10.51
CA GLY A 90 -17.04 -13.95 11.81
C GLY A 90 -17.29 -12.97 12.95
N PRO A 91 -18.51 -12.41 12.99
CA PRO A 91 -18.90 -11.46 14.04
C PRO A 91 -19.04 -12.11 15.41
N SER A 92 -18.14 -11.78 16.31
CA SER A 92 -18.17 -12.34 17.66
C SER A 92 -19.20 -11.64 18.53
N SER A 93 -20.32 -12.30 18.76
CA SER A 93 -21.40 -11.73 19.57
C SER A 93 -20.84 -11.04 20.80
N GLY A 94 -21.02 -9.72 20.88
CA GLY A 94 -20.53 -8.96 22.01
C GLY A 94 -20.95 -7.51 21.95
N GLY A 1 15.88 -17.96 25.97
CA GLY A 1 16.69 -18.92 25.25
C GLY A 1 16.33 -18.98 23.77
N SER A 2 17.34 -19.08 22.92
CA SER A 2 17.13 -19.15 21.48
C SER A 2 18.34 -19.76 20.78
N SER A 3 18.07 -20.55 19.73
CA SER A 3 19.13 -21.21 18.98
C SER A 3 19.46 -20.42 17.72
N GLY A 4 19.55 -19.10 17.85
CA GLY A 4 19.86 -18.26 16.72
C GLY A 4 18.70 -18.15 15.74
N SER A 5 18.50 -16.97 15.17
CA SER A 5 17.42 -16.73 14.23
C SER A 5 17.98 -16.51 12.82
N SER A 6 17.49 -17.30 11.87
CA SER A 6 17.93 -17.19 10.49
C SER A 6 17.17 -16.09 9.76
N GLY A 7 17.86 -15.40 8.85
CA GLY A 7 17.22 -14.33 8.10
C GLY A 7 18.06 -13.07 8.08
N HIS A 8 18.93 -12.95 7.08
CA HIS A 8 19.80 -11.78 6.96
C HIS A 8 19.74 -11.22 5.54
N GLY A 9 20.33 -10.04 5.35
CA GLY A 9 20.34 -9.41 4.04
C GLY A 9 19.05 -8.68 3.74
N ASP A 10 19.17 -7.47 3.21
CA ASP A 10 17.99 -6.66 2.87
C ASP A 10 17.67 -6.77 1.39
N GLY A 11 18.55 -6.23 0.55
CA GLY A 11 18.35 -6.27 -0.88
C GLY A 11 19.24 -5.31 -1.64
N PRO A 12 19.63 -5.69 -2.86
CA PRO A 12 20.50 -4.86 -3.70
C PRO A 12 19.80 -3.60 -4.20
N GLY A 13 18.47 -3.63 -4.21
CA GLY A 13 17.70 -2.50 -4.67
C GLY A 13 16.47 -2.24 -3.82
N ASN A 14 15.71 -1.22 -4.17
CA ASN A 14 14.50 -0.87 -3.44
C ASN A 14 13.35 -1.79 -3.84
N ALA A 15 12.52 -2.15 -2.86
CA ALA A 15 11.38 -3.02 -3.11
C ALA A 15 10.15 -2.22 -3.50
N VAL A 16 9.29 -2.82 -4.31
CA VAL A 16 8.07 -2.16 -4.76
C VAL A 16 6.91 -3.14 -4.87
N GLN A 17 5.75 -2.75 -4.33
CA GLN A 17 4.58 -3.61 -4.37
C GLN A 17 3.36 -2.82 -4.85
N GLU A 18 2.68 -3.36 -5.88
CA GLU A 18 1.51 -2.72 -6.44
C GLU A 18 0.23 -3.37 -5.92
N ILE A 19 -0.77 -2.55 -5.61
CA ILE A 19 -2.04 -3.06 -5.10
C ILE A 19 -3.21 -2.27 -5.69
N MET A 20 -4.26 -2.98 -6.08
CA MET A 20 -5.44 -2.34 -6.65
C MET A 20 -6.29 -1.69 -5.56
N ILE A 21 -6.59 -0.41 -5.73
CA ILE A 21 -7.38 0.33 -4.76
C ILE A 21 -8.68 0.84 -5.39
N PRO A 22 -9.79 0.67 -4.66
CA PRO A 22 -11.11 1.11 -5.13
C PRO A 22 -11.24 2.64 -5.16
N ALA A 23 -11.51 3.17 -6.34
CA ALA A 23 -11.67 4.61 -6.51
C ALA A 23 -12.56 5.21 -5.42
N SER A 24 -13.38 4.35 -4.81
CA SER A 24 -14.28 4.79 -3.76
C SER A 24 -13.51 5.13 -2.49
N LYS A 25 -12.63 4.23 -2.08
CA LYS A 25 -11.82 4.43 -0.88
C LYS A 25 -10.51 5.12 -1.22
N ALA A 26 -10.27 5.33 -2.52
CA ALA A 26 -9.04 5.98 -2.97
C ALA A 26 -8.96 7.42 -2.45
N GLY A 27 -10.06 8.14 -2.56
CA GLY A 27 -10.09 9.52 -2.09
C GLY A 27 -9.98 9.62 -0.59
N LEU A 28 -9.97 8.48 0.09
CA LEU A 28 -9.86 8.45 1.54
C LEU A 28 -8.41 8.28 1.98
N VAL A 29 -7.70 7.37 1.32
CA VAL A 29 -6.31 7.11 1.63
C VAL A 29 -5.40 8.21 1.08
N ILE A 30 -5.91 8.94 0.09
CA ILE A 30 -5.14 10.02 -0.52
C ILE A 30 -5.53 11.36 0.07
N GLY A 31 -6.81 11.68 0.04
CA GLY A 31 -7.29 12.93 0.58
C GLY A 31 -7.28 14.05 -0.45
N LYS A 32 -7.21 15.29 0.03
CA LYS A 32 -7.21 16.44 -0.86
C LYS A 32 -5.77 16.91 -1.12
N GLY A 33 -5.21 16.46 -2.24
CA GLY A 33 -3.85 16.85 -2.60
C GLY A 33 -2.81 16.00 -1.88
N GLY A 34 -3.10 14.71 -1.74
CA GLY A 34 -2.16 13.81 -1.08
C GLY A 34 -1.77 14.30 0.30
N GLU A 35 -2.77 14.52 1.15
CA GLU A 35 -2.52 15.00 2.51
C GLU A 35 -2.43 13.84 3.49
N THR A 36 -3.27 12.83 3.29
CA THR A 36 -3.29 11.66 4.15
C THR A 36 -2.19 10.67 3.75
N ILE A 37 -2.34 10.10 2.56
CA ILE A 37 -1.37 9.14 2.06
C ILE A 37 0.05 9.56 2.39
N LYS A 38 0.30 10.86 2.32
CA LYS A 38 1.62 11.41 2.62
C LYS A 38 2.10 10.96 4.00
N GLN A 39 1.20 11.02 4.98
CA GLN A 39 1.53 10.61 6.34
C GLN A 39 1.77 9.11 6.42
N LEU A 40 1.06 8.35 5.59
CA LEU A 40 1.20 6.91 5.57
C LEU A 40 2.61 6.50 5.16
N GLN A 41 3.31 7.41 4.49
CA GLN A 41 4.67 7.14 4.04
C GLN A 41 5.63 7.09 5.22
N GLU A 42 5.31 7.82 6.28
CA GLU A 42 6.14 7.86 7.48
C GLU A 42 5.79 6.69 8.42
N ARG A 43 4.51 6.45 8.59
CA ARG A 43 4.04 5.37 9.46
C ARG A 43 4.64 4.03 9.03
N ALA A 44 4.84 3.87 7.73
CA ALA A 44 5.40 2.65 7.19
C ALA A 44 6.85 2.85 6.73
N GLY A 45 7.24 4.12 6.57
CA GLY A 45 8.58 4.43 6.15
C GLY A 45 8.83 4.10 4.69
N VAL A 46 7.77 4.14 3.89
CA VAL A 46 7.87 3.85 2.47
C VAL A 46 7.18 4.92 1.63
N LYS A 47 7.45 4.90 0.33
CA LYS A 47 6.86 5.88 -0.58
C LYS A 47 5.58 5.34 -1.21
N MET A 48 4.50 6.11 -1.12
CA MET A 48 3.22 5.71 -1.67
C MET A 48 2.85 6.58 -2.86
N VAL A 49 2.77 5.96 -4.04
CA VAL A 49 2.42 6.68 -5.26
C VAL A 49 1.29 5.98 -6.01
N MET A 50 0.17 6.69 -6.18
CA MET A 50 -0.98 6.14 -6.89
C MET A 50 -0.80 6.23 -8.40
N ILE A 51 -0.93 5.10 -9.08
CA ILE A 51 -0.78 5.06 -10.53
C ILE A 51 -2.12 5.19 -11.23
N GLN A 52 -2.23 6.14 -12.14
CA GLN A 52 -3.46 6.36 -12.88
C GLN A 52 -3.62 5.35 -14.00
N ASP A 53 -4.71 4.61 -13.97
CA ASP A 53 -4.98 3.59 -15.00
C ASP A 53 -6.39 3.75 -15.56
N GLY A 54 -7.39 3.46 -14.74
CA GLY A 54 -8.77 3.57 -15.17
C GLY A 54 -9.20 2.40 -16.03
N PRO A 55 -9.38 1.23 -15.41
CA PRO A 55 -9.79 0.01 -16.10
C PRO A 55 -11.24 0.08 -16.57
N GLN A 56 -11.44 -0.08 -17.88
CA GLN A 56 -12.78 -0.04 -18.45
C GLN A 56 -13.52 -1.34 -18.21
N ASN A 57 -12.81 -2.46 -18.38
CA ASN A 57 -13.40 -3.77 -18.18
C ASN A 57 -13.99 -3.91 -16.78
N THR A 58 -13.10 -3.96 -15.78
CA THR A 58 -13.52 -4.08 -14.39
C THR A 58 -14.23 -2.82 -13.92
N GLY A 59 -15.08 -2.97 -12.91
CA GLY A 59 -15.81 -1.83 -12.38
C GLY A 59 -14.98 -0.56 -12.38
N ALA A 60 -14.18 -0.39 -11.34
CA ALA A 60 -13.32 0.80 -11.22
C ALA A 60 -12.30 0.63 -10.10
N ASP A 61 -11.04 0.87 -10.43
CA ASP A 61 -9.95 0.74 -9.46
C ASP A 61 -8.71 1.48 -9.93
N LYS A 62 -7.75 1.65 -9.02
CA LYS A 62 -6.51 2.34 -9.35
C LYS A 62 -5.31 1.62 -8.72
N PRO A 63 -4.35 1.20 -9.58
CA PRO A 63 -3.15 0.51 -9.13
C PRO A 63 -2.21 1.42 -8.35
N LEU A 64 -2.05 1.14 -7.06
CA LEU A 64 -1.18 1.94 -6.20
C LEU A 64 0.21 1.32 -6.12
N ARG A 65 1.24 2.09 -6.45
CA ARG A 65 2.61 1.61 -6.41
C ARG A 65 3.29 2.06 -5.12
N ILE A 66 3.72 1.09 -4.32
CA ILE A 66 4.39 1.37 -3.06
C ILE A 66 5.87 1.00 -3.12
N THR A 67 6.72 2.02 -3.21
CA THR A 67 8.17 1.80 -3.28
C THR A 67 8.83 2.02 -1.92
N GLY A 68 9.96 1.36 -1.70
CA GLY A 68 10.67 1.51 -0.43
C GLY A 68 11.58 0.34 -0.15
N ASP A 69 11.24 -0.44 0.88
CA ASP A 69 12.04 -1.60 1.25
C ASP A 69 11.20 -2.87 1.19
N PRO A 70 11.89 -4.02 1.14
CA PRO A 70 11.24 -5.33 1.06
C PRO A 70 10.54 -5.70 2.36
N TYR A 71 11.05 -5.18 3.47
CA TYR A 71 10.46 -5.46 4.79
C TYR A 71 9.44 -4.40 5.16
N LYS A 72 9.56 -3.22 4.54
CA LYS A 72 8.64 -2.13 4.81
C LYS A 72 7.50 -2.11 3.79
N VAL A 73 7.85 -2.02 2.52
CA VAL A 73 6.86 -2.00 1.45
C VAL A 73 5.70 -2.95 1.76
N GLN A 74 6.04 -4.15 2.23
CA GLN A 74 5.04 -5.14 2.55
C GLN A 74 4.15 -4.68 3.71
N GLN A 75 4.77 -4.06 4.71
CA GLN A 75 4.04 -3.56 5.87
C GLN A 75 3.07 -2.45 5.46
N ALA A 76 3.58 -1.47 4.73
CA ALA A 76 2.76 -0.35 4.28
C ALA A 76 1.53 -0.84 3.54
N LYS A 77 1.72 -1.80 2.64
CA LYS A 77 0.62 -2.36 1.86
C LYS A 77 -0.57 -2.68 2.77
N GLU A 78 -0.29 -3.05 4.00
CA GLU A 78 -1.34 -3.38 4.96
C GLU A 78 -2.05 -2.12 5.44
N MET A 79 -1.27 -1.12 5.83
CA MET A 79 -1.83 0.14 6.31
C MET A 79 -2.81 0.72 5.31
N VAL A 80 -2.50 0.56 4.03
CA VAL A 80 -3.36 1.08 2.96
C VAL A 80 -4.53 0.14 2.71
N LEU A 81 -4.24 -1.15 2.61
CA LEU A 81 -5.28 -2.16 2.37
C LEU A 81 -6.37 -2.09 3.44
N GLU A 82 -5.95 -1.93 4.69
CA GLU A 82 -6.90 -1.84 5.80
C GLU A 82 -7.72 -0.56 5.72
N LEU A 83 -7.09 0.49 5.19
CA LEU A 83 -7.77 1.78 5.06
C LEU A 83 -9.04 1.65 4.21
N ILE A 84 -8.95 0.86 3.15
CA ILE A 84 -10.09 0.64 2.27
C ILE A 84 -11.03 -0.41 2.83
N ARG A 85 -10.52 -1.26 3.71
CA ARG A 85 -11.32 -2.30 4.33
C ARG A 85 -12.13 -1.76 5.50
N ASP A 86 -13.20 -2.46 5.85
CA ASP A 86 -14.06 -2.05 6.94
C ASP A 86 -13.25 -1.87 8.23
N GLN A 87 -13.17 -0.63 8.72
CA GLN A 87 -12.44 -0.33 9.94
C GLN A 87 -13.17 -0.87 11.17
N GLY A 88 -12.52 -1.78 11.88
CA GLY A 88 -13.14 -2.35 13.07
C GLY A 88 -12.37 -2.01 14.33
N SER A 89 -12.20 -3.00 15.20
CA SER A 89 -11.49 -2.80 16.45
C SER A 89 -10.34 -3.80 16.60
N GLY A 90 -9.16 -3.41 16.14
CA GLY A 90 -8.00 -4.28 16.23
C GLY A 90 -6.73 -3.61 15.73
N PRO A 91 -5.60 -3.92 16.38
CA PRO A 91 -4.29 -3.35 16.03
C PRO A 91 -3.79 -3.88 14.69
N SER A 92 -4.09 -3.16 13.61
CA SER A 92 -3.66 -3.57 12.28
C SER A 92 -2.25 -4.13 12.31
N SER A 93 -1.33 -3.36 12.89
CA SER A 93 0.06 -3.78 12.98
C SER A 93 0.37 -4.39 14.35
N GLY A 94 0.78 -5.65 14.35
CA GLY A 94 1.09 -6.33 15.61
C GLY A 94 1.96 -5.48 16.52
N GLY A 1 28.60 -27.85 2.13
CA GLY A 1 28.01 -26.58 2.47
C GLY A 1 29.00 -25.44 2.43
N SER A 2 28.90 -24.60 1.40
CA SER A 2 29.81 -23.47 1.24
C SER A 2 29.04 -22.16 1.12
N SER A 3 28.97 -21.42 2.21
CA SER A 3 28.25 -20.14 2.22
C SER A 3 28.98 -19.12 3.09
N GLY A 4 29.28 -17.96 2.50
CA GLY A 4 29.97 -16.92 3.24
C GLY A 4 29.75 -15.54 2.63
N SER A 5 28.58 -14.96 2.90
CA SER A 5 28.26 -13.64 2.37
C SER A 5 29.42 -12.68 2.55
N SER A 6 29.74 -11.95 1.49
CA SER A 6 30.84 -10.98 1.53
C SER A 6 30.37 -9.60 1.09
N GLY A 7 30.88 -8.57 1.76
CA GLY A 7 30.50 -7.20 1.42
C GLY A 7 29.57 -6.59 2.45
N HIS A 8 28.54 -5.89 1.97
CA HIS A 8 27.57 -5.26 2.86
C HIS A 8 26.17 -5.31 2.26
N GLY A 9 25.20 -5.64 3.11
CA GLY A 9 23.82 -5.72 2.64
C GLY A 9 23.62 -6.82 1.62
N ASP A 10 22.60 -7.65 1.84
CA ASP A 10 22.31 -8.76 0.93
C ASP A 10 21.13 -8.41 0.02
N GLY A 11 21.43 -8.06 -1.21
CA GLY A 11 20.37 -7.70 -2.16
C GLY A 11 20.08 -6.22 -2.17
N PRO A 12 21.05 -5.42 -2.65
CA PRO A 12 20.90 -3.96 -2.72
C PRO A 12 19.89 -3.53 -3.77
N GLY A 13 19.00 -2.62 -3.39
CA GLY A 13 17.98 -2.14 -4.31
C GLY A 13 16.78 -1.56 -3.59
N ASN A 14 15.70 -1.34 -4.34
CA ASN A 14 14.48 -0.78 -3.78
C ASN A 14 13.31 -1.73 -3.99
N ALA A 15 12.59 -2.01 -2.90
CA ALA A 15 11.44 -2.91 -2.96
C ALA A 15 10.17 -2.15 -3.33
N VAL A 16 9.37 -2.74 -4.21
CA VAL A 16 8.12 -2.11 -4.65
C VAL A 16 6.99 -3.12 -4.67
N GLN A 17 5.78 -2.66 -4.33
CA GLN A 17 4.61 -3.53 -4.31
C GLN A 17 3.38 -2.78 -4.81
N GLU A 18 2.72 -3.34 -5.83
CA GLU A 18 1.54 -2.72 -6.40
C GLU A 18 0.27 -3.43 -5.91
N ILE A 19 -0.75 -2.64 -5.61
CA ILE A 19 -2.02 -3.18 -5.12
C ILE A 19 -3.20 -2.49 -5.78
N MET A 20 -4.37 -3.12 -5.70
CA MET A 20 -5.59 -2.56 -6.29
C MET A 20 -6.40 -1.80 -5.24
N ILE A 21 -6.63 -0.51 -5.50
CA ILE A 21 -7.39 0.33 -4.59
C ILE A 21 -8.67 0.83 -5.24
N PRO A 22 -9.80 0.65 -4.54
CA PRO A 22 -11.11 1.08 -5.04
C PRO A 22 -11.26 2.60 -5.06
N ALA A 23 -11.35 3.17 -6.25
CA ALA A 23 -11.49 4.61 -6.41
C ALA A 23 -12.33 5.21 -5.28
N SER A 24 -13.41 4.51 -4.93
CA SER A 24 -14.31 4.96 -3.88
C SER A 24 -13.52 5.29 -2.60
N LYS A 25 -12.65 4.37 -2.21
CA LYS A 25 -11.84 4.55 -1.01
C LYS A 25 -10.55 5.30 -1.34
N ALA A 26 -10.29 5.51 -2.63
CA ALA A 26 -9.09 6.21 -3.07
C ALA A 26 -9.12 7.67 -2.64
N GLY A 27 -10.27 8.10 -2.11
CA GLY A 27 -10.41 9.48 -1.67
C GLY A 27 -10.38 9.60 -0.16
N LEU A 28 -10.20 8.47 0.52
CA LEU A 28 -10.15 8.47 1.98
C LEU A 28 -8.71 8.34 2.48
N VAL A 29 -7.90 7.59 1.74
CA VAL A 29 -6.50 7.40 2.11
C VAL A 29 -5.61 8.45 1.45
N ILE A 30 -6.13 9.10 0.41
CA ILE A 30 -5.38 10.12 -0.30
C ILE A 30 -5.70 11.51 0.25
N GLY A 31 -6.98 11.75 0.53
CA GLY A 31 -7.39 13.04 1.06
C GLY A 31 -7.88 13.99 -0.02
N LYS A 32 -7.28 15.16 -0.09
CA LYS A 32 -7.67 16.16 -1.08
C LYS A 32 -6.45 16.61 -1.90
N GLY A 33 -5.48 15.71 -2.06
CA GLY A 33 -4.29 16.04 -2.82
C GLY A 33 -3.04 15.44 -2.21
N GLY A 34 -3.18 14.28 -1.58
CA GLY A 34 -2.05 13.62 -0.96
C GLY A 34 -1.74 14.16 0.42
N GLU A 35 -2.79 14.33 1.23
CA GLU A 35 -2.63 14.84 2.58
C GLU A 35 -2.46 13.71 3.59
N THR A 36 -3.27 12.67 3.43
CA THR A 36 -3.22 11.52 4.33
C THR A 36 -2.16 10.52 3.87
N ILE A 37 -2.31 10.03 2.64
CA ILE A 37 -1.36 9.06 2.09
C ILE A 37 0.08 9.52 2.29
N LYS A 38 0.32 10.80 2.01
CA LYS A 38 1.66 11.37 2.16
C LYS A 38 2.23 11.06 3.54
N GLN A 39 1.37 11.09 4.55
CA GLN A 39 1.79 10.81 5.92
C GLN A 39 2.00 9.31 6.12
N LEU A 40 1.17 8.51 5.47
CA LEU A 40 1.26 7.06 5.59
C LEU A 40 2.65 6.57 5.18
N GLN A 41 3.40 7.42 4.48
CA GLN A 41 4.74 7.07 4.04
C GLN A 41 5.72 7.05 5.22
N GLU A 42 5.40 7.83 6.26
CA GLU A 42 6.25 7.90 7.44
C GLU A 42 5.87 6.80 8.44
N ARG A 43 4.58 6.55 8.58
CA ARG A 43 4.09 5.53 9.51
C ARG A 43 4.75 4.19 9.22
N ALA A 44 4.99 3.91 7.95
CA ALA A 44 5.61 2.65 7.54
C ALA A 44 7.03 2.89 7.02
N GLY A 45 7.28 4.09 6.53
CA GLY A 45 8.59 4.42 6.01
C GLY A 45 8.77 3.98 4.56
N VAL A 46 7.77 4.28 3.74
CA VAL A 46 7.82 3.91 2.33
C VAL A 46 7.13 4.97 1.46
N LYS A 47 7.48 4.99 0.18
CA LYS A 47 6.90 5.95 -0.76
C LYS A 47 5.62 5.39 -1.39
N MET A 48 4.52 6.11 -1.24
CA MET A 48 3.25 5.70 -1.81
C MET A 48 2.88 6.54 -3.02
N VAL A 49 2.85 5.92 -4.19
CA VAL A 49 2.51 6.62 -5.42
C VAL A 49 1.35 5.94 -6.14
N MET A 50 0.20 6.61 -6.15
CA MET A 50 -0.99 6.06 -6.81
C MET A 50 -0.86 6.16 -8.32
N ILE A 51 -0.95 5.02 -8.99
CA ILE A 51 -0.85 4.97 -10.44
C ILE A 51 -2.23 5.13 -11.09
N GLN A 52 -2.28 5.97 -12.13
CA GLN A 52 -3.52 6.23 -12.84
C GLN A 52 -4.11 4.93 -13.39
N ASP A 53 -3.41 4.34 -14.35
CA ASP A 53 -3.85 3.09 -14.96
C ASP A 53 -2.71 2.07 -15.01
N GLY A 54 -3.07 0.79 -14.94
CA GLY A 54 -2.07 -0.26 -14.98
C GLY A 54 -2.45 -1.40 -15.90
N PRO A 55 -3.10 -2.43 -15.33
CA PRO A 55 -3.54 -3.60 -16.09
C PRO A 55 -4.68 -3.29 -17.05
N GLN A 56 -5.06 -4.26 -17.86
CA GLN A 56 -6.14 -4.08 -18.83
C GLN A 56 -7.37 -3.50 -18.15
N ASN A 57 -8.23 -2.84 -18.94
CA ASN A 57 -9.45 -2.25 -18.42
C ASN A 57 -10.30 -3.29 -17.70
N THR A 58 -10.43 -3.14 -16.38
CA THR A 58 -11.22 -4.06 -15.58
C THR A 58 -11.97 -3.33 -14.47
N GLY A 59 -13.29 -3.38 -14.52
CA GLY A 59 -14.11 -2.72 -13.52
C GLY A 59 -13.61 -1.32 -13.20
N ALA A 60 -13.63 -0.96 -11.93
CA ALA A 60 -13.19 0.36 -11.50
C ALA A 60 -12.23 0.25 -10.31
N ASP A 61 -10.96 0.52 -10.55
CA ASP A 61 -9.95 0.46 -9.50
C ASP A 61 -8.71 1.26 -9.87
N LYS A 62 -7.84 1.48 -8.91
CA LYS A 62 -6.61 2.23 -9.14
C LYS A 62 -5.41 1.54 -8.50
N PRO A 63 -4.46 1.11 -9.36
CA PRO A 63 -3.25 0.42 -8.90
C PRO A 63 -2.30 1.35 -8.15
N LEU A 64 -2.11 1.07 -6.86
CA LEU A 64 -1.23 1.89 -6.03
C LEU A 64 0.16 1.26 -5.95
N ARG A 65 1.18 2.06 -6.24
CA ARG A 65 2.55 1.59 -6.20
C ARG A 65 3.24 2.02 -4.91
N ILE A 66 3.71 1.04 -4.14
CA ILE A 66 4.39 1.32 -2.88
C ILE A 66 5.86 0.95 -2.95
N THR A 67 6.71 1.95 -3.11
CA THR A 67 8.15 1.72 -3.19
C THR A 67 8.83 1.98 -1.84
N GLY A 68 10.01 1.40 -1.66
CA GLY A 68 10.74 1.59 -0.42
C GLY A 68 11.55 0.36 -0.03
N ASP A 69 11.40 -0.09 1.21
CA ASP A 69 12.13 -1.25 1.69
C ASP A 69 11.31 -2.52 1.49
N PRO A 70 12.01 -3.67 1.43
CA PRO A 70 11.37 -4.98 1.25
C PRO A 70 10.57 -5.42 2.47
N TYR A 71 11.04 -5.00 3.65
CA TYR A 71 10.37 -5.35 4.90
C TYR A 71 9.28 -4.35 5.23
N LYS A 72 9.42 -3.13 4.71
CA LYS A 72 8.45 -2.08 4.95
C LYS A 72 7.36 -2.08 3.88
N VAL A 73 7.78 -1.97 2.62
CA VAL A 73 6.84 -1.96 1.50
C VAL A 73 5.73 -2.98 1.72
N GLN A 74 6.06 -4.10 2.35
CA GLN A 74 5.09 -5.15 2.62
C GLN A 74 4.16 -4.74 3.76
N GLN A 75 4.72 -4.09 4.77
CA GLN A 75 3.94 -3.65 5.93
C GLN A 75 2.99 -2.53 5.54
N ALA A 76 3.52 -1.52 4.86
CA ALA A 76 2.72 -0.38 4.43
C ALA A 76 1.53 -0.83 3.59
N LYS A 77 1.79 -1.71 2.63
CA LYS A 77 0.74 -2.21 1.75
C LYS A 77 -0.52 -2.55 2.54
N GLU A 78 -0.34 -3.17 3.70
CA GLU A 78 -1.46 -3.54 4.55
C GLU A 78 -2.14 -2.30 5.12
N MET A 79 -1.34 -1.32 5.51
CA MET A 79 -1.85 -0.08 6.07
C MET A 79 -2.79 0.61 5.08
N VAL A 80 -2.51 0.46 3.79
CA VAL A 80 -3.32 1.06 2.75
C VAL A 80 -4.51 0.17 2.38
N LEU A 81 -4.25 -1.13 2.31
CA LEU A 81 -5.29 -2.09 1.95
C LEU A 81 -6.39 -2.10 3.01
N GLU A 82 -6.00 -2.10 4.28
CA GLU A 82 -6.95 -2.11 5.38
C GLU A 82 -7.71 -0.79 5.45
N LEU A 83 -7.14 0.24 4.85
CA LEU A 83 -7.77 1.56 4.84
C LEU A 83 -8.99 1.58 3.94
N ILE A 84 -8.86 1.01 2.75
CA ILE A 84 -9.95 0.96 1.79
C ILE A 84 -10.87 -0.23 2.07
N ARG A 85 -10.34 -1.23 2.75
CA ARG A 85 -11.11 -2.43 3.09
C ARG A 85 -12.08 -2.14 4.23
N ASP A 86 -13.32 -1.78 3.87
CA ASP A 86 -14.33 -1.49 4.87
C ASP A 86 -14.97 -2.76 5.40
N GLN A 87 -15.29 -3.68 4.49
CA GLN A 87 -15.91 -4.95 4.87
C GLN A 87 -14.98 -5.75 5.79
N GLY A 88 -13.74 -5.93 5.35
CA GLY A 88 -12.79 -6.68 6.15
C GLY A 88 -12.72 -6.20 7.58
N SER A 89 -12.15 -5.01 7.79
CA SER A 89 -12.02 -4.44 9.12
C SER A 89 -12.70 -3.08 9.19
N GLY A 90 -13.86 -3.04 9.84
CA GLY A 90 -14.59 -1.79 9.97
C GLY A 90 -15.56 -1.80 11.14
N PRO A 91 -15.87 -0.60 11.67
CA PRO A 91 -16.78 -0.46 12.81
C PRO A 91 -18.22 -0.77 12.43
N SER A 92 -18.44 -1.08 11.15
CA SER A 92 -19.78 -1.41 10.67
C SER A 92 -20.58 -2.15 11.73
N SER A 93 -21.89 -1.94 11.74
CA SER A 93 -22.77 -2.58 12.70
C SER A 93 -23.14 -3.99 12.24
N GLY A 94 -23.29 -4.89 13.20
CA GLY A 94 -23.65 -6.26 12.88
C GLY A 94 -24.86 -6.35 11.97
N GLY A 1 8.89 -27.52 15.95
CA GLY A 1 8.78 -26.10 15.65
C GLY A 1 10.11 -25.48 15.30
N SER A 2 10.07 -24.34 14.60
CA SER A 2 11.28 -23.64 14.20
C SER A 2 11.00 -22.17 13.93
N SER A 3 11.97 -21.32 14.23
CA SER A 3 11.82 -19.89 14.03
C SER A 3 12.66 -19.42 12.84
N GLY A 4 12.30 -18.26 12.29
CA GLY A 4 13.04 -17.73 11.15
C GLY A 4 12.51 -18.25 9.83
N SER A 5 12.76 -17.52 8.76
CA SER A 5 12.31 -17.91 7.42
C SER A 5 13.47 -17.94 6.45
N SER A 6 13.23 -18.50 5.27
CA SER A 6 14.26 -18.59 4.23
C SER A 6 14.16 -17.43 3.25
N GLY A 7 15.29 -16.77 3.01
CA GLY A 7 15.30 -15.64 2.09
C GLY A 7 16.51 -14.76 2.27
N HIS A 8 17.67 -15.27 1.90
CA HIS A 8 18.93 -14.52 2.03
C HIS A 8 19.12 -13.59 0.83
N GLY A 9 19.95 -12.57 1.02
CA GLY A 9 20.21 -11.62 -0.05
C GLY A 9 19.27 -10.44 -0.03
N ASP A 10 19.73 -9.31 -0.55
CA ASP A 10 18.91 -8.10 -0.58
C ASP A 10 17.97 -8.10 -1.78
N GLY A 11 18.54 -8.33 -2.96
CA GLY A 11 17.74 -8.35 -4.18
C GLY A 11 18.23 -7.37 -5.21
N PRO A 12 17.36 -7.03 -6.18
CA PRO A 12 17.69 -6.10 -7.26
C PRO A 12 17.83 -4.66 -6.76
N GLY A 13 17.02 -4.31 -5.76
CA GLY A 13 17.07 -2.97 -5.21
C GLY A 13 15.79 -2.59 -4.50
N ASN A 14 15.50 -1.29 -4.47
CA ASN A 14 14.29 -0.80 -3.82
C ASN A 14 13.11 -1.73 -4.06
N ALA A 15 12.34 -2.00 -3.01
CA ALA A 15 11.19 -2.89 -3.11
C ALA A 15 9.94 -2.11 -3.52
N VAL A 16 9.14 -2.71 -4.40
CA VAL A 16 7.92 -2.08 -4.88
C VAL A 16 6.76 -3.07 -4.87
N GLN A 17 5.63 -2.64 -4.33
CA GLN A 17 4.44 -3.48 -4.26
C GLN A 17 3.23 -2.76 -4.83
N GLU A 18 2.56 -3.39 -5.80
CA GLU A 18 1.39 -2.81 -6.43
C GLU A 18 0.11 -3.48 -5.92
N ILE A 19 -0.84 -2.66 -5.49
CA ILE A 19 -2.11 -3.17 -4.97
C ILE A 19 -3.29 -2.47 -5.64
N MET A 20 -4.42 -3.16 -5.70
CA MET A 20 -5.64 -2.60 -6.30
C MET A 20 -6.41 -1.77 -5.29
N ILE A 21 -6.62 -0.49 -5.61
CA ILE A 21 -7.35 0.41 -4.73
C ILE A 21 -8.57 0.99 -5.44
N PRO A 22 -9.76 0.76 -4.84
CA PRO A 22 -11.02 1.27 -5.40
C PRO A 22 -11.14 2.78 -5.30
N ALA A 23 -11.28 3.44 -6.45
CA ALA A 23 -11.40 4.89 -6.49
C ALA A 23 -12.26 5.39 -5.34
N SER A 24 -13.32 4.67 -5.02
CA SER A 24 -14.22 5.05 -3.94
C SER A 24 -13.46 5.24 -2.64
N LYS A 25 -12.61 4.28 -2.32
CA LYS A 25 -11.81 4.34 -1.10
C LYS A 25 -10.47 5.03 -1.35
N ALA A 26 -10.20 5.31 -2.61
CA ALA A 26 -8.95 5.98 -3.00
C ALA A 26 -8.90 7.40 -2.43
N GLY A 27 -10.05 8.06 -2.38
CA GLY A 27 -10.11 9.41 -1.86
C GLY A 27 -10.11 9.46 -0.35
N LEU A 28 -10.13 8.28 0.27
CA LEU A 28 -10.13 8.19 1.73
C LEU A 28 -8.71 8.03 2.27
N VAL A 29 -7.86 7.37 1.49
CA VAL A 29 -6.47 7.16 1.89
C VAL A 29 -5.57 8.27 1.35
N ILE A 30 -5.95 8.84 0.21
CA ILE A 30 -5.18 9.92 -0.40
C ILE A 30 -5.57 11.27 0.18
N GLY A 31 -6.87 11.48 0.36
CA GLY A 31 -7.35 12.74 0.91
C GLY A 31 -7.34 13.86 -0.12
N LYS A 32 -7.37 15.10 0.35
CA LYS A 32 -7.37 16.26 -0.52
C LYS A 32 -5.95 16.73 -0.80
N GLY A 33 -5.42 16.36 -1.97
CA GLY A 33 -4.08 16.76 -2.33
C GLY A 33 -3.02 15.86 -1.71
N GLY A 34 -3.29 14.56 -1.70
CA GLY A 34 -2.35 13.60 -1.13
C GLY A 34 -1.80 14.07 0.20
N GLU A 35 -2.70 14.37 1.13
CA GLU A 35 -2.29 14.82 2.47
C GLU A 35 -2.19 13.65 3.43
N THR A 36 -3.22 12.81 3.44
CA THR A 36 -3.26 11.65 4.32
C THR A 36 -2.19 10.63 3.94
N ILE A 37 -2.26 10.15 2.71
CA ILE A 37 -1.29 9.17 2.21
C ILE A 37 0.14 9.63 2.46
N LYS A 38 0.32 10.95 2.53
CA LYS A 38 1.63 11.53 2.77
C LYS A 38 2.16 11.16 4.15
N GLN A 39 1.24 11.06 5.11
CA GLN A 39 1.61 10.72 6.48
C GLN A 39 1.80 9.20 6.63
N LEU A 40 1.19 8.45 5.72
CA LEU A 40 1.29 6.99 5.74
C LEU A 40 2.67 6.54 5.27
N GLN A 41 3.34 7.39 4.51
CA GLN A 41 4.67 7.08 4.00
C GLN A 41 5.69 7.02 5.12
N GLU A 42 5.49 7.85 6.14
CA GLU A 42 6.40 7.89 7.28
C GLU A 42 6.05 6.81 8.29
N ARG A 43 4.75 6.61 8.50
CA ARG A 43 4.28 5.59 9.44
C ARG A 43 4.95 4.25 9.19
N ALA A 44 5.22 3.96 7.92
CA ALA A 44 5.86 2.70 7.55
C ALA A 44 7.26 2.96 7.00
N GLY A 45 7.45 4.11 6.37
CA GLY A 45 8.75 4.44 5.81
C GLY A 45 8.87 4.05 4.35
N VAL A 46 7.81 4.33 3.58
CA VAL A 46 7.81 4.01 2.15
C VAL A 46 7.07 5.07 1.35
N LYS A 47 7.39 5.17 0.07
CA LYS A 47 6.76 6.14 -0.82
C LYS A 47 5.53 5.55 -1.48
N MET A 48 4.37 6.14 -1.21
CA MET A 48 3.12 5.69 -1.79
C MET A 48 2.73 6.53 -3.00
N VAL A 49 2.72 5.91 -4.18
CA VAL A 49 2.36 6.61 -5.41
C VAL A 49 1.23 5.88 -6.14
N MET A 50 0.12 6.58 -6.32
CA MET A 50 -1.04 6.01 -7.01
C MET A 50 -0.86 6.09 -8.52
N ILE A 51 -0.93 4.93 -9.18
CA ILE A 51 -0.78 4.87 -10.63
C ILE A 51 -2.13 5.01 -11.32
N GLN A 52 -2.16 5.81 -12.39
CA GLN A 52 -3.39 6.02 -13.15
C GLN A 52 -3.25 5.50 -14.57
N ASP A 53 -2.07 5.70 -15.16
CA ASP A 53 -1.81 5.24 -16.52
C ASP A 53 -1.86 3.72 -16.60
N GLY A 54 -2.47 3.21 -17.66
CA GLY A 54 -2.58 1.77 -17.84
C GLY A 54 -3.19 1.39 -19.17
N PRO A 55 -3.63 0.14 -19.29
CA PRO A 55 -4.24 -0.37 -20.52
C PRO A 55 -5.62 0.24 -20.78
N GLN A 56 -5.99 0.31 -22.06
CA GLN A 56 -7.29 0.88 -22.44
C GLN A 56 -8.35 0.55 -21.40
N ASN A 57 -8.57 -0.74 -21.17
CA ASN A 57 -9.57 -1.18 -20.21
C ASN A 57 -8.90 -1.65 -18.92
N THR A 58 -8.93 -0.80 -17.90
CA THR A 58 -8.33 -1.12 -16.61
C THR A 58 -9.38 -1.64 -15.63
N GLY A 59 -10.54 -1.00 -15.63
CA GLY A 59 -11.61 -1.43 -14.74
C GLY A 59 -12.11 -0.29 -13.86
N ALA A 60 -12.53 -0.62 -12.64
CA ALA A 60 -13.04 0.37 -11.72
C ALA A 60 -12.14 0.48 -10.48
N ASP A 61 -10.84 0.31 -10.68
CA ASP A 61 -9.88 0.39 -9.59
C ASP A 61 -8.63 1.15 -10.01
N LYS A 62 -7.76 1.41 -9.05
CA LYS A 62 -6.51 2.14 -9.32
C LYS A 62 -5.33 1.44 -8.68
N PRO A 63 -4.36 1.02 -9.52
CA PRO A 63 -3.15 0.34 -9.06
C PRO A 63 -2.22 1.26 -8.29
N LEU A 64 -2.11 1.03 -6.98
CA LEU A 64 -1.24 1.84 -6.13
C LEU A 64 0.14 1.23 -6.02
N ARG A 65 1.16 2.00 -6.36
CA ARG A 65 2.54 1.54 -6.30
C ARG A 65 3.22 2.02 -5.02
N ILE A 66 3.75 1.09 -4.24
CA ILE A 66 4.43 1.42 -2.99
C ILE A 66 5.90 1.03 -3.05
N THR A 67 6.76 2.03 -3.18
CA THR A 67 8.20 1.79 -3.25
C THR A 67 8.86 2.07 -1.90
N GLY A 68 9.98 1.39 -1.65
CA GLY A 68 10.70 1.58 -0.40
C GLY A 68 11.61 0.42 -0.07
N ASP A 69 11.17 -0.42 0.87
CA ASP A 69 11.97 -1.58 1.27
C ASP A 69 11.13 -2.85 1.23
N PRO A 70 11.80 -4.01 1.12
CA PRO A 70 11.13 -5.31 1.06
C PRO A 70 10.49 -5.69 2.39
N TYR A 71 11.06 -5.21 3.48
CA TYR A 71 10.53 -5.50 4.82
C TYR A 71 9.57 -4.41 5.27
N LYS A 72 9.68 -3.24 4.65
CA LYS A 72 8.80 -2.11 4.99
C LYS A 72 7.60 -2.06 4.07
N VAL A 73 7.85 -2.03 2.77
CA VAL A 73 6.78 -1.97 1.78
C VAL A 73 5.70 -3.01 2.08
N GLN A 74 6.13 -4.23 2.38
CA GLN A 74 5.20 -5.31 2.70
C GLN A 74 4.24 -4.90 3.81
N GLN A 75 4.75 -4.09 4.74
CA GLN A 75 3.94 -3.63 5.87
C GLN A 75 2.99 -2.52 5.43
N ALA A 76 3.56 -1.43 4.90
CA ALA A 76 2.75 -0.30 4.45
C ALA A 76 1.59 -0.77 3.57
N LYS A 77 1.82 -1.82 2.81
CA LYS A 77 0.79 -2.37 1.94
C LYS A 77 -0.47 -2.73 2.72
N GLU A 78 -0.28 -3.18 3.95
CA GLU A 78 -1.40 -3.55 4.81
C GLU A 78 -2.13 -2.31 5.32
N MET A 79 -1.37 -1.24 5.59
CA MET A 79 -1.95 0.00 6.07
C MET A 79 -2.93 0.57 5.07
N VAL A 80 -2.54 0.59 3.80
CA VAL A 80 -3.38 1.12 2.74
C VAL A 80 -4.57 0.20 2.47
N LEU A 81 -4.28 -1.08 2.24
CA LEU A 81 -5.32 -2.06 1.97
C LEU A 81 -6.41 -2.01 3.04
N GLU A 82 -5.99 -1.93 4.29
CA GLU A 82 -6.93 -1.87 5.41
C GLU A 82 -7.71 -0.56 5.39
N LEU A 83 -7.08 0.48 4.85
CA LEU A 83 -7.72 1.80 4.77
C LEU A 83 -8.97 1.74 3.90
N ILE A 84 -8.94 0.90 2.88
CA ILE A 84 -10.08 0.75 1.98
C ILE A 84 -11.05 -0.32 2.48
N ARG A 85 -10.54 -1.26 3.26
CA ARG A 85 -11.36 -2.33 3.81
C ARG A 85 -12.16 -1.85 5.00
N ASP A 86 -13.32 -1.26 4.74
CA ASP A 86 -14.18 -0.74 5.80
C ASP A 86 -15.63 -1.21 5.60
N GLN A 87 -16.06 -2.15 6.42
CA GLN A 87 -17.41 -2.69 6.33
C GLN A 87 -18.07 -2.74 7.69
N GLY A 88 -19.39 -2.73 7.72
CA GLY A 88 -20.12 -2.78 8.97
C GLY A 88 -19.71 -1.66 9.92
N SER A 89 -20.51 -0.60 9.96
CA SER A 89 -20.23 0.54 10.83
C SER A 89 -20.88 0.36 12.20
N GLY A 90 -20.15 0.73 13.24
CA GLY A 90 -20.67 0.60 14.59
C GLY A 90 -19.91 -0.42 15.41
N PRO A 91 -20.41 -1.66 15.46
CA PRO A 91 -19.80 -2.74 16.22
C PRO A 91 -18.48 -3.20 15.58
N SER A 92 -17.55 -3.65 16.42
CA SER A 92 -16.25 -4.11 15.94
C SER A 92 -15.64 -5.11 16.92
N SER A 93 -15.57 -6.37 16.50
CA SER A 93 -15.01 -7.42 17.35
C SER A 93 -13.73 -7.97 16.75
N GLY A 94 -13.81 -8.42 15.50
CA GLY A 94 -12.64 -8.96 14.83
C GLY A 94 -13.00 -10.02 13.79
N GLY A 1 18.08 -39.89 -2.01
CA GLY A 1 17.30 -38.75 -1.55
C GLY A 1 18.16 -37.63 -1.00
N SER A 2 19.14 -37.20 -1.80
CA SER A 2 20.04 -36.14 -1.39
C SER A 2 19.30 -34.81 -1.27
N SER A 3 19.50 -34.13 -0.13
CA SER A 3 18.85 -32.85 0.11
C SER A 3 19.82 -31.69 -0.13
N GLY A 4 19.69 -31.04 -1.28
CA GLY A 4 20.55 -29.92 -1.61
C GLY A 4 19.79 -28.65 -1.87
N SER A 5 19.73 -27.78 -0.88
CA SER A 5 19.01 -26.51 -1.01
C SER A 5 19.54 -25.70 -2.19
N SER A 6 18.64 -25.00 -2.87
CA SER A 6 19.01 -24.19 -4.02
C SER A 6 18.24 -22.88 -4.04
N GLY A 7 18.97 -21.77 -4.20
CA GLY A 7 18.34 -20.47 -4.23
C GLY A 7 19.34 -19.34 -4.13
N HIS A 8 19.26 -18.40 -5.06
CA HIS A 8 20.16 -17.25 -5.08
C HIS A 8 19.40 -15.94 -4.95
N GLY A 9 20.10 -14.87 -4.61
CA GLY A 9 19.48 -13.57 -4.46
C GLY A 9 19.92 -12.59 -5.52
N ASP A 10 18.97 -12.10 -6.31
CA ASP A 10 19.27 -11.13 -7.36
C ASP A 10 18.11 -10.16 -7.55
N GLY A 11 18.43 -8.87 -7.56
CA GLY A 11 17.41 -7.86 -7.74
C GLY A 11 17.99 -6.47 -7.95
N PRO A 12 17.14 -5.53 -8.39
CA PRO A 12 17.56 -4.15 -8.65
C PRO A 12 17.89 -3.39 -7.37
N GLY A 13 17.04 -3.57 -6.36
CA GLY A 13 17.26 -2.89 -5.09
C GLY A 13 15.96 -2.53 -4.39
N ASN A 14 15.67 -1.24 -4.30
CA ASN A 14 14.46 -0.77 -3.66
C ASN A 14 13.28 -1.71 -3.94
N ALA A 15 12.50 -2.02 -2.92
CA ALA A 15 11.36 -2.91 -3.07
C ALA A 15 10.12 -2.12 -3.48
N VAL A 16 9.24 -2.77 -4.25
CA VAL A 16 8.02 -2.12 -4.72
C VAL A 16 6.86 -3.12 -4.76
N GLN A 17 5.68 -2.66 -4.39
CA GLN A 17 4.49 -3.51 -4.38
C GLN A 17 3.27 -2.75 -4.87
N GLU A 18 2.57 -3.32 -5.84
CA GLU A 18 1.38 -2.69 -6.41
C GLU A 18 0.11 -3.34 -5.85
N ILE A 19 -0.84 -2.50 -5.45
CA ILE A 19 -2.11 -2.97 -4.90
C ILE A 19 -3.29 -2.27 -5.55
N MET A 20 -4.36 -3.01 -5.77
CA MET A 20 -5.57 -2.46 -6.38
C MET A 20 -6.35 -1.62 -5.37
N ILE A 21 -6.55 -0.34 -5.68
CA ILE A 21 -7.29 0.55 -4.80
C ILE A 21 -8.56 1.07 -5.48
N PRO A 22 -9.71 0.83 -4.82
CA PRO A 22 -11.00 1.26 -5.33
C PRO A 22 -11.18 2.78 -5.29
N ALA A 23 -11.37 3.38 -6.45
CA ALA A 23 -11.55 4.82 -6.55
C ALA A 23 -12.43 5.34 -5.41
N SER A 24 -13.27 4.47 -4.88
CA SER A 24 -14.17 4.84 -3.78
C SER A 24 -13.38 5.12 -2.51
N LYS A 25 -12.52 4.19 -2.13
CA LYS A 25 -11.70 4.34 -0.93
C LYS A 25 -10.43 5.13 -1.23
N ALA A 26 -10.22 5.43 -2.50
CA ALA A 26 -9.04 6.18 -2.93
C ALA A 26 -9.03 7.58 -2.30
N GLY A 27 -10.13 8.30 -2.46
CA GLY A 27 -10.23 9.64 -1.91
C GLY A 27 -10.10 9.66 -0.41
N LEU A 28 -10.09 8.48 0.20
CA LEU A 28 -9.98 8.36 1.65
C LEU A 28 -8.51 8.20 2.07
N VAL A 29 -7.84 7.22 1.47
CA VAL A 29 -6.44 6.97 1.79
C VAL A 29 -5.54 8.06 1.20
N ILE A 30 -6.10 8.85 0.30
CA ILE A 30 -5.35 9.93 -0.33
C ILE A 30 -5.66 11.28 0.32
N GLY A 31 -6.92 11.47 0.69
CA GLY A 31 -7.33 12.71 1.33
C GLY A 31 -7.53 13.83 0.33
N LYS A 32 -7.31 15.06 0.78
CA LYS A 32 -7.48 16.23 -0.07
C LYS A 32 -6.13 16.69 -0.62
N GLY A 33 -5.76 16.18 -1.80
CA GLY A 33 -4.51 16.55 -2.41
C GLY A 33 -3.33 15.77 -1.84
N GLY A 34 -3.54 14.47 -1.62
CA GLY A 34 -2.49 13.63 -1.08
C GLY A 34 -2.03 14.09 0.29
N GLU A 35 -2.98 14.30 1.19
CA GLU A 35 -2.67 14.74 2.55
C GLU A 35 -2.51 13.56 3.49
N THR A 36 -3.39 12.57 3.34
CA THR A 36 -3.35 11.37 4.16
C THR A 36 -2.25 10.41 3.70
N ILE A 37 -2.40 9.91 2.48
CA ILE A 37 -1.43 8.99 1.92
C ILE A 37 0.00 9.48 2.12
N LYS A 38 0.15 10.81 2.15
CA LYS A 38 1.47 11.41 2.35
C LYS A 38 2.02 11.08 3.73
N GLN A 39 1.14 11.09 4.73
CA GLN A 39 1.54 10.78 6.10
C GLN A 39 1.75 9.28 6.28
N LEU A 40 1.03 8.48 5.50
CA LEU A 40 1.14 7.03 5.58
C LEU A 40 2.54 6.56 5.16
N GLN A 41 3.25 7.43 4.45
CA GLN A 41 4.59 7.11 3.99
C GLN A 41 5.58 7.07 5.15
N GLU A 42 5.35 7.93 6.14
CA GLU A 42 6.22 7.98 7.31
C GLU A 42 5.84 6.91 8.33
N ARG A 43 4.54 6.62 8.40
CA ARG A 43 4.04 5.62 9.34
C ARG A 43 4.67 4.25 9.06
N ALA A 44 5.00 4.00 7.80
CA ALA A 44 5.61 2.73 7.41
C ALA A 44 7.07 2.94 6.99
N GLY A 45 7.35 4.10 6.41
CA GLY A 45 8.70 4.39 5.96
C GLY A 45 8.93 4.06 4.51
N VAL A 46 7.88 4.24 3.70
CA VAL A 46 7.97 3.96 2.28
C VAL A 46 7.25 5.02 1.45
N LYS A 47 7.57 5.10 0.17
CA LYS A 47 6.96 6.07 -0.72
C LYS A 47 5.71 5.50 -1.38
N MET A 48 4.58 6.18 -1.20
CA MET A 48 3.32 5.73 -1.78
C MET A 48 2.96 6.58 -3.00
N VAL A 49 2.98 5.95 -4.18
CA VAL A 49 2.64 6.65 -5.41
C VAL A 49 1.46 5.99 -6.12
N MET A 50 0.36 6.71 -6.22
CA MET A 50 -0.84 6.19 -6.87
C MET A 50 -0.70 6.25 -8.39
N ILE A 51 -0.89 5.11 -9.04
CA ILE A 51 -0.78 5.04 -10.49
C ILE A 51 -2.15 5.17 -11.14
N GLN A 52 -2.24 6.00 -12.18
CA GLN A 52 -3.49 6.21 -12.89
C GLN A 52 -3.51 5.42 -14.19
N ASP A 53 -3.23 4.12 -14.10
CA ASP A 53 -3.22 3.25 -15.26
C ASP A 53 -4.21 2.11 -15.11
N GLY A 54 -5.50 2.43 -15.14
CA GLY A 54 -6.53 1.42 -15.00
C GLY A 54 -7.63 1.57 -16.04
N PRO A 55 -8.18 0.42 -16.48
CA PRO A 55 -9.25 0.39 -17.49
C PRO A 55 -10.57 0.92 -16.93
N GLN A 56 -11.60 0.95 -17.78
CA GLN A 56 -12.91 1.43 -17.38
C GLN A 56 -13.99 0.41 -17.72
N ASN A 57 -13.58 -0.68 -18.36
CA ASN A 57 -14.52 -1.73 -18.75
C ASN A 57 -14.84 -2.64 -17.57
N THR A 58 -13.79 -3.06 -16.85
CA THR A 58 -13.97 -3.93 -15.69
C THR A 58 -14.22 -3.12 -14.43
N GLY A 59 -15.28 -2.33 -14.45
CA GLY A 59 -15.62 -1.51 -13.29
C GLY A 59 -14.72 -0.29 -13.16
N ALA A 60 -13.96 -0.24 -12.08
CA ALA A 60 -13.05 0.88 -11.84
C ALA A 60 -12.11 0.59 -10.68
N ASP A 61 -10.83 0.91 -10.87
CA ASP A 61 -9.83 0.69 -9.83
C ASP A 61 -8.61 1.56 -10.05
N LYS A 62 -7.76 1.66 -9.04
CA LYS A 62 -6.54 2.46 -9.12
C LYS A 62 -5.37 1.74 -8.49
N PRO A 63 -4.44 1.27 -9.34
CA PRO A 63 -3.24 0.55 -8.89
C PRO A 63 -2.26 1.47 -8.16
N LEU A 64 -2.04 1.20 -6.87
CA LEU A 64 -1.13 2.00 -6.07
C LEU A 64 0.24 1.32 -5.97
N ARG A 65 1.28 2.05 -6.38
CA ARG A 65 2.64 1.51 -6.34
C ARG A 65 3.35 1.97 -5.06
N ILE A 66 3.67 1.01 -4.20
CA ILE A 66 4.37 1.31 -2.95
C ILE A 66 5.84 0.96 -3.04
N THR A 67 6.68 1.97 -3.21
CA THR A 67 8.13 1.76 -3.31
C THR A 67 8.81 2.03 -1.97
N GLY A 68 10.00 1.46 -1.80
CA GLY A 68 10.74 1.65 -0.56
C GLY A 68 11.62 0.46 -0.22
N ASP A 69 11.22 -0.28 0.80
CA ASP A 69 11.97 -1.45 1.24
C ASP A 69 11.12 -2.71 1.16
N PRO A 70 11.78 -3.87 1.05
CA PRO A 70 11.10 -5.16 0.97
C PRO A 70 10.44 -5.56 2.29
N TYR A 71 11.04 -5.12 3.39
CA TYR A 71 10.51 -5.43 4.71
C TYR A 71 9.48 -4.39 5.14
N LYS A 72 9.58 -3.20 4.58
CA LYS A 72 8.66 -2.12 4.90
C LYS A 72 7.47 -2.10 3.94
N VAL A 73 7.77 -2.01 2.64
CA VAL A 73 6.73 -2.00 1.62
C VAL A 73 5.66 -3.04 1.91
N GLN A 74 6.09 -4.23 2.32
CA GLN A 74 5.17 -5.31 2.63
C GLN A 74 4.26 -4.94 3.80
N GLN A 75 4.79 -4.15 4.73
CA GLN A 75 4.04 -3.71 5.89
C GLN A 75 3.02 -2.62 5.52
N ALA A 76 3.50 -1.61 4.81
CA ALA A 76 2.64 -0.51 4.39
C ALA A 76 1.45 -1.02 3.59
N LYS A 77 1.69 -1.98 2.71
CA LYS A 77 0.64 -2.56 1.88
C LYS A 77 -0.57 -2.91 2.73
N GLU A 78 -0.32 -3.32 3.98
CA GLU A 78 -1.40 -3.69 4.89
C GLU A 78 -2.12 -2.45 5.41
N MET A 79 -1.36 -1.46 5.83
CA MET A 79 -1.92 -0.22 6.35
C MET A 79 -2.92 0.38 5.36
N VAL A 80 -2.54 0.43 4.09
CA VAL A 80 -3.42 0.97 3.06
C VAL A 80 -4.57 0.02 2.76
N LEU A 81 -4.24 -1.23 2.46
CA LEU A 81 -5.25 -2.24 2.15
C LEU A 81 -6.34 -2.25 3.21
N GLU A 82 -5.97 -1.92 4.45
CA GLU A 82 -6.91 -1.89 5.56
C GLU A 82 -7.70 -0.58 5.57
N LEU A 83 -7.08 0.48 5.08
CA LEU A 83 -7.72 1.79 5.03
C LEU A 83 -8.92 1.78 4.10
N ILE A 84 -8.83 0.98 3.04
CA ILE A 84 -9.92 0.87 2.07
C ILE A 84 -10.86 -0.29 2.42
N ARG A 85 -10.29 -1.35 2.98
CA ARG A 85 -11.08 -2.52 3.35
C ARG A 85 -12.08 -2.17 4.45
N ASP A 86 -13.37 -2.20 4.09
CA ASP A 86 -14.42 -1.90 5.05
C ASP A 86 -15.11 -3.16 5.53
N GLN A 87 -15.00 -3.43 6.83
CA GLN A 87 -15.62 -4.62 7.41
C GLN A 87 -16.71 -4.22 8.41
N GLY A 88 -17.97 -4.41 8.00
CA GLY A 88 -19.09 -4.08 8.86
C GLY A 88 -19.63 -5.27 9.60
N SER A 89 -19.17 -5.47 10.83
CA SER A 89 -19.61 -6.59 11.65
C SER A 89 -21.13 -6.67 11.69
N GLY A 90 -21.76 -5.53 11.90
CA GLY A 90 -23.22 -5.48 11.96
C GLY A 90 -23.84 -5.19 10.61
N PRO A 91 -25.04 -5.76 10.38
CA PRO A 91 -25.77 -5.56 9.12
C PRO A 91 -26.30 -4.14 8.95
N SER A 92 -26.17 -3.35 10.01
CA SER A 92 -26.63 -1.97 9.99
C SER A 92 -26.26 -1.29 8.68
N SER A 93 -24.98 -1.34 8.33
CA SER A 93 -24.49 -0.72 7.10
C SER A 93 -23.98 -1.79 6.13
N GLY A 94 -24.10 -1.51 4.84
CA GLY A 94 -23.65 -2.45 3.84
C GLY A 94 -24.28 -2.20 2.48
N GLY A 1 35.46 -3.55 22.03
CA GLY A 1 34.41 -3.62 21.04
C GLY A 1 34.57 -4.81 20.11
N SER A 2 35.03 -4.56 18.89
CA SER A 2 35.22 -5.62 17.91
C SER A 2 34.00 -6.54 17.86
N SER A 3 32.81 -5.94 17.91
CA SER A 3 31.57 -6.71 17.87
C SER A 3 30.45 -5.89 17.24
N GLY A 4 29.39 -6.58 16.82
CA GLY A 4 28.26 -5.91 16.20
C GLY A 4 28.07 -6.32 14.76
N SER A 5 26.90 -6.90 14.46
CA SER A 5 26.59 -7.35 13.12
C SER A 5 25.45 -6.52 12.52
N SER A 6 25.79 -5.37 11.97
CA SER A 6 24.79 -4.49 11.36
C SER A 6 24.34 -5.03 10.01
N GLY A 7 23.03 -5.21 9.85
CA GLY A 7 22.49 -5.72 8.61
C GLY A 7 22.62 -4.72 7.47
N HIS A 8 21.48 -4.30 6.93
CA HIS A 8 21.48 -3.34 5.83
C HIS A 8 20.50 -2.19 6.11
N GLY A 9 20.86 -1.00 5.67
CA GLY A 9 20.01 0.16 5.89
C GLY A 9 19.37 0.66 4.61
N ASP A 10 20.18 1.29 3.76
CA ASP A 10 19.69 1.82 2.49
C ASP A 10 20.76 1.70 1.40
N GLY A 11 20.31 1.53 0.16
CA GLY A 11 21.24 1.41 -0.95
C GLY A 11 20.56 0.97 -2.23
N PRO A 12 21.34 0.40 -3.16
CA PRO A 12 20.82 -0.07 -4.45
C PRO A 12 19.93 -1.30 -4.30
N GLY A 13 18.68 -1.18 -4.75
CA GLY A 13 17.76 -2.30 -4.65
C GLY A 13 16.59 -2.00 -3.73
N ASN A 14 15.58 -1.31 -4.26
CA ASN A 14 14.41 -0.96 -3.47
C ASN A 14 13.22 -1.86 -3.82
N ALA A 15 12.43 -2.19 -2.82
CA ALA A 15 11.27 -3.05 -3.01
C ALA A 15 10.04 -2.24 -3.45
N VAL A 16 9.23 -2.83 -4.31
CA VAL A 16 8.03 -2.16 -4.81
C VAL A 16 6.85 -3.12 -4.86
N GLN A 17 5.76 -2.72 -4.22
CA GLN A 17 4.56 -3.55 -4.20
C GLN A 17 3.35 -2.79 -4.76
N GLU A 18 2.70 -3.37 -5.75
CA GLU A 18 1.53 -2.75 -6.37
C GLU A 18 0.25 -3.44 -5.93
N ILE A 19 -0.73 -2.64 -5.51
CA ILE A 19 -2.01 -3.18 -5.06
C ILE A 19 -3.17 -2.47 -5.77
N MET A 20 -4.34 -3.10 -5.72
CA MET A 20 -5.53 -2.53 -6.35
C MET A 20 -6.36 -1.75 -5.33
N ILE A 21 -6.61 -0.48 -5.63
CA ILE A 21 -7.40 0.38 -4.74
C ILE A 21 -8.67 0.86 -5.43
N PRO A 22 -9.81 0.70 -4.74
CA PRO A 22 -11.11 1.11 -5.26
C PRO A 22 -11.26 2.63 -5.33
N ALA A 23 -11.54 3.14 -6.52
CA ALA A 23 -11.71 4.58 -6.71
C ALA A 23 -12.55 5.20 -5.59
N SER A 24 -13.36 4.37 -4.95
CA SER A 24 -14.22 4.83 -3.86
C SER A 24 -13.39 5.18 -2.63
N LYS A 25 -12.56 4.25 -2.20
CA LYS A 25 -11.70 4.47 -1.03
C LYS A 25 -10.41 5.17 -1.42
N ALA A 26 -10.35 5.63 -2.66
CA ALA A 26 -9.16 6.33 -3.16
C ALA A 26 -9.11 7.77 -2.63
N GLY A 27 -10.20 8.20 -2.00
CA GLY A 27 -10.25 9.54 -1.46
C GLY A 27 -10.15 9.56 0.06
N LEU A 28 -9.96 8.39 0.65
CA LEU A 28 -9.84 8.27 2.10
C LEU A 28 -8.39 8.11 2.52
N VAL A 29 -7.63 7.36 1.71
CA VAL A 29 -6.22 7.12 1.99
C VAL A 29 -5.34 8.21 1.39
N ILE A 30 -5.83 8.82 0.33
CA ILE A 30 -5.09 9.89 -0.35
C ILE A 30 -5.42 11.25 0.26
N GLY A 31 -6.71 11.55 0.36
CA GLY A 31 -7.13 12.82 0.92
C GLY A 31 -7.10 13.94 -0.10
N LYS A 32 -7.58 15.12 0.30
CA LYS A 32 -7.61 16.28 -0.59
C LYS A 32 -6.19 16.70 -0.96
N GLY A 33 -5.70 16.23 -2.09
CA GLY A 33 -4.36 16.59 -2.54
C GLY A 33 -3.29 15.78 -1.84
N GLY A 34 -3.53 14.48 -1.68
CA GLY A 34 -2.58 13.62 -1.02
C GLY A 34 -2.13 14.16 0.33
N GLU A 35 -3.10 14.45 1.19
CA GLU A 35 -2.81 14.99 2.52
C GLU A 35 -2.68 13.86 3.54
N THR A 36 -3.46 12.80 3.34
CA THR A 36 -3.43 11.65 4.24
C THR A 36 -2.32 10.69 3.88
N ILE A 37 -2.33 10.22 2.63
CA ILE A 37 -1.31 9.29 2.15
C ILE A 37 0.09 9.79 2.49
N LYS A 38 0.27 11.11 2.48
CA LYS A 38 1.55 11.70 2.79
C LYS A 38 2.03 11.30 4.18
N GLN A 39 1.09 11.10 5.09
CA GLN A 39 1.40 10.70 6.45
C GLN A 39 1.68 9.20 6.53
N LEU A 40 1.19 8.46 5.55
CA LEU A 40 1.38 7.02 5.50
C LEU A 40 2.77 6.66 4.99
N GLN A 41 3.43 7.64 4.37
CA GLN A 41 4.76 7.43 3.82
C GLN A 41 5.79 7.30 4.94
N GLU A 42 5.54 7.97 6.06
CA GLU A 42 6.44 7.93 7.20
C GLU A 42 6.08 6.78 8.14
N ARG A 43 4.78 6.57 8.32
CA ARG A 43 4.29 5.52 9.20
C ARG A 43 4.84 4.15 8.77
N ALA A 44 4.92 3.94 7.46
CA ALA A 44 5.43 2.70 6.92
C ALA A 44 6.86 2.86 6.40
N GLY A 45 7.40 4.06 6.55
CA GLY A 45 8.75 4.33 6.09
C GLY A 45 8.95 3.99 4.62
N VAL A 46 7.92 4.26 3.82
CA VAL A 46 7.98 3.98 2.39
C VAL A 46 7.26 5.06 1.59
N LYS A 47 7.44 5.04 0.28
CA LYS A 47 6.80 6.01 -0.60
C LYS A 47 5.55 5.43 -1.23
N MET A 48 4.47 6.21 -1.20
CA MET A 48 3.19 5.77 -1.76
C MET A 48 2.83 6.61 -2.98
N VAL A 49 2.71 5.96 -4.14
CA VAL A 49 2.36 6.65 -5.37
C VAL A 49 1.22 5.94 -6.10
N MET A 50 0.08 6.62 -6.17
CA MET A 50 -1.09 6.05 -6.84
C MET A 50 -0.94 6.12 -8.35
N ILE A 51 -0.91 4.96 -8.99
CA ILE A 51 -0.77 4.89 -10.44
C ILE A 51 -2.12 5.00 -11.14
N GLN A 52 -2.24 5.96 -12.05
CA GLN A 52 -3.48 6.17 -12.79
C GLN A 52 -3.40 5.56 -14.18
N ASP A 53 -2.24 5.68 -14.81
CA ASP A 53 -2.03 5.13 -16.15
C ASP A 53 -1.90 3.62 -16.10
N GLY A 54 -2.06 2.98 -17.26
CA GLY A 54 -1.95 1.54 -17.33
C GLY A 54 -3.27 0.87 -17.69
N PRO A 55 -3.67 1.01 -18.95
CA PRO A 55 -4.93 0.42 -19.45
C PRO A 55 -4.87 -1.10 -19.51
N GLN A 56 -3.75 -1.66 -19.09
CA GLN A 56 -3.57 -3.12 -19.10
C GLN A 56 -4.67 -3.80 -18.32
N ASN A 57 -5.65 -4.34 -19.03
CA ASN A 57 -6.77 -5.03 -18.39
C ASN A 57 -7.12 -4.39 -17.05
N THR A 58 -7.36 -3.08 -17.07
CA THR A 58 -7.70 -2.35 -15.87
C THR A 58 -9.15 -1.87 -15.90
N GLY A 59 -9.85 -2.04 -14.79
CA GLY A 59 -11.24 -1.62 -14.71
C GLY A 59 -11.47 -0.57 -13.65
N ALA A 60 -12.60 -0.68 -12.94
CA ALA A 60 -12.93 0.27 -11.89
C ALA A 60 -12.02 0.10 -10.68
N ASP A 61 -10.82 0.65 -10.78
CA ASP A 61 -9.85 0.57 -9.69
C ASP A 61 -8.60 1.39 -9.99
N LYS A 62 -7.72 1.51 -9.01
CA LYS A 62 -6.49 2.28 -9.17
C LYS A 62 -5.32 1.56 -8.53
N PRO A 63 -4.37 1.12 -9.36
CA PRO A 63 -3.17 0.41 -8.89
C PRO A 63 -2.21 1.33 -8.14
N LEU A 64 -2.05 1.08 -6.84
CA LEU A 64 -1.17 1.88 -6.01
C LEU A 64 0.22 1.26 -5.94
N ARG A 65 1.24 2.04 -6.30
CA ARG A 65 2.61 1.56 -6.27
C ARG A 65 3.31 1.99 -4.98
N ILE A 66 3.72 1.00 -4.19
CA ILE A 66 4.41 1.27 -2.94
C ILE A 66 5.88 0.88 -3.02
N THR A 67 6.74 1.90 -3.08
CA THR A 67 8.18 1.68 -3.15
C THR A 67 8.85 1.95 -1.81
N GLY A 68 9.98 1.31 -1.58
CA GLY A 68 10.71 1.50 -0.34
C GLY A 68 11.59 0.32 0.01
N ASP A 69 11.30 -0.32 1.14
CA ASP A 69 12.07 -1.47 1.58
C ASP A 69 11.28 -2.76 1.40
N PRO A 70 12.00 -3.89 1.26
CA PRO A 70 11.38 -5.20 1.08
C PRO A 70 10.68 -5.69 2.34
N TYR A 71 11.18 -5.29 3.49
CA TYR A 71 10.59 -5.69 4.76
C TYR A 71 9.58 -4.65 5.25
N LYS A 72 9.70 -3.44 4.73
CA LYS A 72 8.79 -2.35 5.11
C LYS A 72 7.62 -2.26 4.14
N VAL A 73 7.92 -2.16 2.85
CA VAL A 73 6.89 -2.07 1.83
C VAL A 73 5.74 -3.04 2.11
N GLN A 74 6.10 -4.25 2.55
CA GLN A 74 5.10 -5.26 2.85
C GLN A 74 4.14 -4.78 3.94
N GLN A 75 4.68 -4.05 4.92
CA GLN A 75 3.88 -3.53 6.02
C GLN A 75 2.90 -2.48 5.52
N ALA A 76 3.42 -1.46 4.84
CA ALA A 76 2.58 -0.39 4.31
C ALA A 76 1.43 -0.96 3.47
N LYS A 77 1.77 -1.82 2.53
CA LYS A 77 0.78 -2.43 1.66
C LYS A 77 -0.46 -2.86 2.46
N GLU A 78 -0.25 -3.11 3.75
CA GLU A 78 -1.34 -3.53 4.63
C GLU A 78 -2.10 -2.32 5.17
N MET A 79 -1.36 -1.27 5.53
CA MET A 79 -1.96 -0.05 6.07
C MET A 79 -2.89 0.58 5.04
N VAL A 80 -2.52 0.49 3.77
CA VAL A 80 -3.32 1.06 2.69
C VAL A 80 -4.50 0.17 2.36
N LEU A 81 -4.26 -1.13 2.30
CA LEU A 81 -5.31 -2.09 2.00
C LEU A 81 -6.42 -2.05 3.04
N GLU A 82 -6.04 -2.04 4.31
CA GLU A 82 -7.00 -2.00 5.40
C GLU A 82 -7.72 -0.65 5.43
N LEU A 83 -7.10 0.36 4.83
CA LEU A 83 -7.68 1.69 4.79
C LEU A 83 -8.89 1.74 3.85
N ILE A 84 -8.89 0.86 2.86
CA ILE A 84 -9.99 0.79 1.90
C ILE A 84 -11.00 -0.27 2.31
N ARG A 85 -10.55 -1.24 3.11
CA ARG A 85 -11.41 -2.32 3.56
C ARG A 85 -12.43 -1.81 4.58
N ASP A 86 -13.65 -2.30 4.49
CA ASP A 86 -14.71 -1.90 5.40
C ASP A 86 -14.17 -1.74 6.81
N GLN A 87 -14.33 -0.54 7.37
CA GLN A 87 -13.86 -0.24 8.72
C GLN A 87 -14.53 -1.15 9.74
N GLY A 88 -15.85 -1.30 9.62
CA GLY A 88 -16.59 -2.13 10.54
C GLY A 88 -15.93 -3.47 10.77
N SER A 89 -15.67 -4.20 9.69
CA SER A 89 -15.05 -5.51 9.79
C SER A 89 -13.81 -5.45 10.68
N GLY A 90 -13.93 -6.01 11.88
CA GLY A 90 -12.81 -6.02 12.81
C GLY A 90 -12.26 -7.40 13.05
N PRO A 91 -11.57 -7.58 14.19
CA PRO A 91 -10.96 -8.86 14.56
C PRO A 91 -12.02 -9.91 14.92
N SER A 92 -12.05 -11.00 14.16
CA SER A 92 -13.01 -12.07 14.41
C SER A 92 -12.80 -12.69 15.78
N SER A 93 -13.68 -12.37 16.72
CA SER A 93 -13.58 -12.90 18.07
C SER A 93 -14.94 -12.87 18.76
N GLY A 94 -15.10 -13.70 19.79
CA GLY A 94 -16.35 -13.76 20.52
C GLY A 94 -17.18 -14.98 20.17
N GLY A 1 0.66 -28.02 21.60
CA GLY A 1 1.06 -26.83 20.88
C GLY A 1 2.54 -26.83 20.53
N SER A 2 2.99 -25.79 19.84
CA SER A 2 4.38 -25.67 19.44
C SER A 2 4.84 -24.22 19.44
N SER A 3 6.10 -24.00 19.11
CA SER A 3 6.66 -22.65 19.08
C SER A 3 7.81 -22.57 18.09
N GLY A 4 8.20 -21.34 17.74
CA GLY A 4 9.30 -21.15 16.80
C GLY A 4 9.02 -20.02 15.82
N SER A 5 10.04 -19.23 15.53
CA SER A 5 9.91 -18.10 14.60
C SER A 5 11.28 -17.62 14.13
N SER A 6 11.28 -16.82 13.06
CA SER A 6 12.52 -16.30 12.51
C SER A 6 12.24 -15.11 11.59
N GLY A 7 13.22 -14.24 11.45
CA GLY A 7 13.07 -13.07 10.60
C GLY A 7 14.21 -12.92 9.60
N HIS A 8 14.04 -12.01 8.65
CA HIS A 8 15.06 -11.77 7.64
C HIS A 8 14.72 -10.53 6.81
N GLY A 9 15.75 -9.81 6.37
CA GLY A 9 15.54 -8.63 5.57
C GLY A 9 16.78 -8.21 4.81
N ASP A 10 16.86 -8.58 3.54
CA ASP A 10 18.01 -8.24 2.72
C ASP A 10 17.62 -8.19 1.24
N GLY A 11 17.88 -7.06 0.60
CA GLY A 11 17.55 -6.90 -0.80
C GLY A 11 18.59 -6.08 -1.56
N PRO A 12 18.77 -6.39 -2.85
CA PRO A 12 19.73 -5.69 -3.70
C PRO A 12 19.29 -4.26 -4.01
N GLY A 13 18.04 -4.11 -4.43
CA GLY A 13 17.52 -2.80 -4.75
C GLY A 13 16.31 -2.43 -3.92
N ASN A 14 15.60 -1.38 -4.32
CA ASN A 14 14.43 -0.92 -3.60
C ASN A 14 13.23 -1.84 -3.88
N ALA A 15 12.51 -2.19 -2.83
CA ALA A 15 11.34 -3.06 -2.97
C ALA A 15 10.09 -2.26 -3.33
N VAL A 16 9.28 -2.82 -4.22
CA VAL A 16 8.06 -2.16 -4.65
C VAL A 16 6.87 -3.13 -4.67
N GLN A 17 5.70 -2.63 -4.33
CA GLN A 17 4.50 -3.45 -4.30
C GLN A 17 3.29 -2.67 -4.81
N GLU A 18 2.58 -3.24 -5.77
CA GLU A 18 1.40 -2.60 -6.34
C GLU A 18 0.12 -3.29 -5.88
N ILE A 19 -0.87 -2.51 -5.50
CA ILE A 19 -2.14 -3.03 -5.04
C ILE A 19 -3.32 -2.39 -5.77
N MET A 20 -4.48 -3.04 -5.72
CA MET A 20 -5.67 -2.52 -6.37
C MET A 20 -6.52 -1.71 -5.40
N ILE A 21 -6.63 -0.41 -5.65
CA ILE A 21 -7.41 0.47 -4.80
C ILE A 21 -8.69 0.93 -5.50
N PRO A 22 -9.84 0.74 -4.82
CA PRO A 22 -11.14 1.13 -5.36
C PRO A 22 -11.31 2.65 -5.43
N ALA A 23 -11.52 3.14 -6.64
CA ALA A 23 -11.69 4.58 -6.85
C ALA A 23 -12.50 5.20 -5.72
N SER A 24 -13.37 4.39 -5.10
CA SER A 24 -14.21 4.87 -4.01
C SER A 24 -13.36 5.21 -2.78
N LYS A 25 -12.46 4.30 -2.42
CA LYS A 25 -11.58 4.50 -1.27
C LYS A 25 -10.35 5.30 -1.67
N ALA A 26 -10.15 5.48 -2.98
CA ALA A 26 -9.00 6.22 -3.48
C ALA A 26 -9.01 7.66 -2.96
N GLY A 27 -10.18 8.12 -2.54
CA GLY A 27 -10.30 9.48 -2.02
C GLY A 27 -10.28 9.53 -0.51
N LEU A 28 -10.19 8.36 0.12
CA LEU A 28 -10.16 8.28 1.57
C LEU A 28 -8.73 8.10 2.08
N VAL A 29 -7.94 7.34 1.35
CA VAL A 29 -6.55 7.09 1.72
C VAL A 29 -5.65 8.21 1.23
N ILE A 30 -6.04 8.87 0.15
CA ILE A 30 -5.27 9.96 -0.41
C ILE A 30 -5.59 11.28 0.27
N GLY A 31 -6.86 11.67 0.22
CA GLY A 31 -7.28 12.92 0.84
C GLY A 31 -7.40 14.05 -0.15
N LYS A 32 -7.34 15.29 0.35
CA LYS A 32 -7.45 16.46 -0.50
C LYS A 32 -6.12 16.75 -1.19
N GLY A 33 -5.80 15.97 -2.22
CA GLY A 33 -4.57 16.16 -2.95
C GLY A 33 -3.53 15.11 -2.62
N GLY A 34 -3.59 14.58 -1.40
CA GLY A 34 -2.65 13.56 -0.98
C GLY A 34 -1.94 13.92 0.32
N GLU A 35 -2.72 14.28 1.33
CA GLU A 35 -2.17 14.65 2.63
C GLU A 35 -2.12 13.44 3.56
N THR A 36 -3.19 12.66 3.57
CA THR A 36 -3.27 11.48 4.42
C THR A 36 -2.24 10.44 4.01
N ILE A 37 -2.30 10.01 2.75
CA ILE A 37 -1.37 9.02 2.24
C ILE A 37 0.07 9.44 2.47
N LYS A 38 0.32 10.75 2.39
CA LYS A 38 1.65 11.29 2.60
C LYS A 38 2.17 10.95 4.00
N GLN A 39 1.26 10.96 4.98
CA GLN A 39 1.63 10.65 6.35
C GLN A 39 1.85 9.15 6.54
N LEU A 40 1.27 8.37 5.64
CA LEU A 40 1.41 6.91 5.70
C LEU A 40 2.80 6.47 5.26
N GLN A 41 3.48 7.35 4.53
CA GLN A 41 4.83 7.05 4.03
C GLN A 41 5.83 7.07 5.18
N GLU A 42 5.57 7.89 6.19
CA GLU A 42 6.45 8.00 7.34
C GLU A 42 6.17 6.90 8.36
N ARG A 43 4.88 6.64 8.59
CA ARG A 43 4.47 5.61 9.54
C ARG A 43 5.20 4.30 9.28
N ALA A 44 5.37 3.97 7.99
CA ALA A 44 6.05 2.74 7.61
C ALA A 44 7.42 3.04 7.01
N GLY A 45 7.57 4.24 6.44
CA GLY A 45 8.83 4.63 5.84
C GLY A 45 8.94 4.19 4.40
N VAL A 46 7.88 4.41 3.63
CA VAL A 46 7.86 4.04 2.22
C VAL A 46 7.14 5.09 1.38
N LYS A 47 7.46 5.13 0.09
CA LYS A 47 6.84 6.08 -0.83
C LYS A 47 5.58 5.50 -1.45
N MET A 48 4.44 6.11 -1.17
CA MET A 48 3.17 5.64 -1.72
C MET A 48 2.75 6.49 -2.91
N VAL A 49 2.74 5.87 -4.10
CA VAL A 49 2.35 6.57 -5.31
C VAL A 49 1.15 5.90 -5.98
N MET A 50 0.09 6.67 -6.20
CA MET A 50 -1.12 6.15 -6.82
C MET A 50 -1.01 6.23 -8.34
N ILE A 51 -1.06 5.07 -9.00
CA ILE A 51 -0.97 5.01 -10.45
C ILE A 51 -2.36 5.01 -11.08
N GLN A 52 -2.60 5.95 -11.98
CA GLN A 52 -3.87 6.07 -12.67
C GLN A 52 -3.96 5.10 -13.84
N ASP A 53 -2.82 4.91 -14.52
CA ASP A 53 -2.76 4.01 -15.66
C ASP A 53 -1.50 3.15 -15.61
N GLY A 54 -1.68 1.86 -15.34
CA GLY A 54 -0.55 0.96 -15.27
C GLY A 54 -0.75 -0.28 -16.11
N PRO A 55 -1.23 -1.37 -15.49
CA PRO A 55 -1.48 -2.64 -16.17
C PRO A 55 -2.65 -2.56 -17.14
N GLN A 56 -2.51 -3.23 -18.27
CA GLN A 56 -3.55 -3.24 -19.29
C GLN A 56 -4.85 -3.84 -18.74
N ASN A 57 -4.71 -4.94 -18.02
CA ASN A 57 -5.87 -5.62 -17.44
C ASN A 57 -6.26 -4.98 -16.10
N THR A 58 -7.29 -4.15 -16.13
CA THR A 58 -7.77 -3.49 -14.93
C THR A 58 -9.10 -2.79 -15.16
N GLY A 59 -10.06 -3.04 -14.27
CA GLY A 59 -11.37 -2.44 -14.41
C GLY A 59 -11.54 -1.21 -13.53
N ALA A 60 -12.51 -1.26 -12.63
CA ALA A 60 -12.77 -0.14 -11.73
C ALA A 60 -11.90 -0.23 -10.49
N ASP A 61 -10.64 0.18 -10.62
CA ASP A 61 -9.69 0.15 -9.50
C ASP A 61 -8.37 0.77 -9.91
N LYS A 62 -7.90 1.72 -9.11
CA LYS A 62 -6.63 2.40 -9.38
C LYS A 62 -5.47 1.68 -8.69
N PRO A 63 -4.50 1.22 -9.49
CA PRO A 63 -3.32 0.52 -8.99
C PRO A 63 -2.38 1.43 -8.21
N LEU A 64 -2.24 1.16 -6.91
CA LEU A 64 -1.38 1.96 -6.05
C LEU A 64 0.01 1.31 -5.93
N ARG A 65 1.03 2.02 -6.43
CA ARG A 65 2.39 1.51 -6.37
C ARG A 65 3.10 2.02 -5.12
N ILE A 66 3.63 1.10 -4.33
CA ILE A 66 4.35 1.46 -3.10
C ILE A 66 5.81 1.06 -3.19
N THR A 67 6.68 2.06 -3.22
CA THR A 67 8.13 1.82 -3.30
C THR A 67 8.79 2.08 -1.96
N GLY A 68 9.91 1.40 -1.72
CA GLY A 68 10.63 1.56 -0.47
C GLY A 68 11.54 0.40 -0.16
N ASP A 69 11.25 -0.31 0.92
CA ASP A 69 12.04 -1.46 1.33
C ASP A 69 11.21 -2.73 1.32
N PRO A 70 11.88 -3.90 1.30
CA PRO A 70 11.23 -5.20 1.29
C PRO A 70 10.53 -5.51 2.61
N TYR A 71 11.06 -4.94 3.70
CA TYR A 71 10.50 -5.17 5.02
C TYR A 71 9.45 -4.11 5.35
N LYS A 72 9.54 -2.97 4.69
CA LYS A 72 8.60 -1.87 4.90
C LYS A 72 7.45 -1.94 3.90
N VAL A 73 7.78 -1.85 2.62
CA VAL A 73 6.78 -1.90 1.56
C VAL A 73 5.70 -2.94 1.88
N GLN A 74 6.12 -4.10 2.36
CA GLN A 74 5.19 -5.17 2.71
C GLN A 74 4.29 -4.75 3.86
N GLN A 75 4.85 -4.02 4.81
CA GLN A 75 4.09 -3.56 5.97
C GLN A 75 3.06 -2.52 5.56
N ALA A 76 3.51 -1.44 4.93
CA ALA A 76 2.62 -0.38 4.48
C ALA A 76 1.46 -0.94 3.67
N LYS A 77 1.78 -1.66 2.60
CA LYS A 77 0.77 -2.25 1.74
C LYS A 77 -0.45 -2.70 2.56
N GLU A 78 -0.19 -3.20 3.76
CA GLU A 78 -1.26 -3.65 4.65
C GLU A 78 -1.99 -2.47 5.27
N MET A 79 -1.23 -1.54 5.83
CA MET A 79 -1.80 -0.36 6.47
C MET A 79 -2.75 0.36 5.52
N VAL A 80 -2.44 0.32 4.22
CA VAL A 80 -3.27 0.97 3.21
C VAL A 80 -4.49 0.11 2.87
N LEU A 81 -4.25 -1.18 2.66
CA LEU A 81 -5.32 -2.11 2.32
C LEU A 81 -6.45 -2.02 3.35
N GLU A 82 -6.09 -1.99 4.63
CA GLU A 82 -7.06 -1.91 5.70
C GLU A 82 -7.84 -0.59 5.65
N LEU A 83 -7.21 0.42 5.07
CA LEU A 83 -7.84 1.73 4.95
C LEU A 83 -9.00 1.69 3.96
N ILE A 84 -8.82 0.96 2.87
CA ILE A 84 -9.85 0.82 1.85
C ILE A 84 -10.86 -0.25 2.23
N ARG A 85 -10.46 -1.12 3.14
CA ARG A 85 -11.34 -2.20 3.59
C ARG A 85 -12.41 -1.68 4.55
N ASP A 86 -13.43 -2.50 4.78
CA ASP A 86 -14.52 -2.12 5.68
C ASP A 86 -14.91 -3.27 6.59
N GLN A 87 -15.20 -2.95 7.84
CA GLN A 87 -15.59 -3.97 8.82
C GLN A 87 -16.10 -3.33 10.10
N GLY A 88 -17.38 -3.57 10.40
CA GLY A 88 -17.97 -3.00 11.60
C GLY A 88 -18.29 -4.06 12.64
N SER A 89 -17.34 -4.33 13.52
CA SER A 89 -17.52 -5.33 14.57
C SER A 89 -18.36 -4.77 15.72
N GLY A 90 -19.22 -5.61 16.27
CA GLY A 90 -20.07 -5.19 17.37
C GLY A 90 -21.19 -6.16 17.65
N PRO A 91 -22.39 -5.88 17.12
CA PRO A 91 -23.57 -6.73 17.30
C PRO A 91 -23.45 -8.05 16.56
N SER A 92 -22.72 -8.99 17.15
CA SER A 92 -22.53 -10.30 16.55
C SER A 92 -22.37 -10.19 15.03
N SER A 93 -21.49 -9.30 14.60
CA SER A 93 -21.26 -9.08 13.17
C SER A 93 -20.65 -10.33 12.53
N GLY A 94 -19.61 -10.87 13.16
CA GLY A 94 -18.97 -12.06 12.63
C GLY A 94 -18.06 -12.72 13.65
N GLY A 1 22.19 -30.67 16.32
CA GLY A 1 23.18 -29.72 15.83
C GLY A 1 22.56 -28.49 15.23
N SER A 2 22.31 -28.53 13.93
CA SER A 2 21.72 -27.40 13.23
C SER A 2 20.86 -27.88 12.05
N SER A 3 20.10 -26.96 11.46
CA SER A 3 19.25 -27.28 10.33
C SER A 3 19.82 -26.74 9.03
N GLY A 4 20.16 -25.46 9.03
CA GLY A 4 20.71 -24.83 7.84
C GLY A 4 22.19 -24.53 7.98
N SER A 5 22.91 -24.54 6.87
CA SER A 5 24.34 -24.28 6.87
C SER A 5 24.66 -22.95 6.19
N SER A 6 24.03 -22.72 5.04
CA SER A 6 24.24 -21.49 4.28
C SER A 6 23.66 -20.29 5.03
N GLY A 7 24.53 -19.52 5.67
CA GLY A 7 24.08 -18.35 6.40
C GLY A 7 24.49 -17.05 5.73
N HIS A 8 23.75 -16.66 4.71
CA HIS A 8 24.03 -15.43 3.98
C HIS A 8 22.79 -14.92 3.26
N GLY A 9 22.41 -13.68 3.55
CA GLY A 9 21.24 -13.10 2.92
C GLY A 9 21.45 -11.65 2.53
N ASP A 10 21.29 -11.35 1.24
CA ASP A 10 21.47 -9.99 0.75
C ASP A 10 20.50 -9.70 -0.39
N GLY A 11 20.11 -8.43 -0.54
CA GLY A 11 19.19 -8.04 -1.59
C GLY A 11 19.12 -6.54 -1.77
N PRO A 12 20.07 -5.99 -2.54
CA PRO A 12 20.13 -4.55 -2.81
C PRO A 12 19.00 -4.08 -3.70
N GLY A 13 18.73 -2.78 -3.69
CA GLY A 13 17.67 -2.22 -4.51
C GLY A 13 16.43 -1.90 -3.70
N ASN A 14 15.64 -0.94 -4.17
CA ASN A 14 14.42 -0.55 -3.49
C ASN A 14 13.27 -1.50 -3.84
N ALA A 15 12.52 -1.89 -2.81
CA ALA A 15 11.40 -2.80 -2.99
C ALA A 15 10.14 -2.04 -3.39
N VAL A 16 9.27 -2.68 -4.17
CA VAL A 16 8.03 -2.06 -4.61
C VAL A 16 6.90 -3.07 -4.68
N GLN A 17 5.70 -2.65 -4.33
CA GLN A 17 4.53 -3.52 -4.34
C GLN A 17 3.30 -2.77 -4.83
N GLU A 18 2.63 -3.35 -5.83
CA GLU A 18 1.43 -2.74 -6.39
C GLU A 18 0.17 -3.43 -5.88
N ILE A 19 -0.87 -2.64 -5.60
CA ILE A 19 -2.12 -3.19 -5.11
C ILE A 19 -3.31 -2.52 -5.80
N MET A 20 -4.49 -3.10 -5.62
CA MET A 20 -5.71 -2.57 -6.22
C MET A 20 -6.46 -1.67 -5.22
N ILE A 21 -6.73 -0.44 -5.62
CA ILE A 21 -7.44 0.50 -4.77
C ILE A 21 -8.65 1.09 -5.49
N PRO A 22 -9.84 0.87 -4.92
CA PRO A 22 -11.10 1.38 -5.48
C PRO A 22 -11.22 2.89 -5.38
N ALA A 23 -11.37 3.55 -6.52
CA ALA A 23 -11.49 5.00 -6.55
C ALA A 23 -12.35 5.51 -5.39
N SER A 24 -13.31 4.69 -4.97
CA SER A 24 -14.20 5.06 -3.88
C SER A 24 -13.41 5.21 -2.57
N LYS A 25 -12.55 4.24 -2.28
CA LYS A 25 -11.75 4.27 -1.08
C LYS A 25 -10.43 4.99 -1.31
N ALA A 26 -10.21 5.42 -2.56
CA ALA A 26 -8.98 6.13 -2.92
C ALA A 26 -8.92 7.50 -2.25
N GLY A 27 -9.89 8.35 -2.56
CA GLY A 27 -9.92 9.68 -1.97
C GLY A 27 -9.84 9.65 -0.46
N LEU A 28 -10.22 8.51 0.13
CA LEU A 28 -10.19 8.36 1.58
C LEU A 28 -8.77 8.21 2.09
N VAL A 29 -7.95 7.50 1.32
CA VAL A 29 -6.54 7.28 1.69
C VAL A 29 -5.65 8.39 1.14
N ILE A 30 -6.12 9.03 0.07
CA ILE A 30 -5.36 10.11 -0.56
C ILE A 30 -5.68 11.46 0.09
N GLY A 31 -6.98 11.74 0.24
CA GLY A 31 -7.40 12.99 0.84
C GLY A 31 -7.77 14.04 -0.19
N LYS A 32 -7.79 15.30 0.23
CA LYS A 32 -8.13 16.40 -0.67
C LYS A 32 -7.14 16.48 -1.82
N GLY A 33 -5.86 16.29 -1.51
CA GLY A 33 -4.83 16.36 -2.54
C GLY A 33 -3.58 15.60 -2.15
N GLY A 34 -3.77 14.43 -1.54
CA GLY A 34 -2.63 13.63 -1.12
C GLY A 34 -2.07 14.06 0.22
N GLU A 35 -2.97 14.27 1.18
CA GLU A 35 -2.56 14.69 2.52
C GLU A 35 -2.38 13.48 3.44
N THR A 36 -3.41 12.67 3.54
CA THR A 36 -3.37 11.48 4.39
C THR A 36 -2.28 10.51 3.92
N ILE A 37 -2.43 10.02 2.70
CA ILE A 37 -1.45 9.09 2.13
C ILE A 37 -0.03 9.59 2.35
N LYS A 38 0.13 10.90 2.42
CA LYS A 38 1.44 11.50 2.63
C LYS A 38 2.02 11.09 3.99
N GLN A 39 1.15 11.01 4.99
CA GLN A 39 1.58 10.62 6.34
C GLN A 39 1.87 9.13 6.40
N LEU A 40 1.19 8.36 5.56
CA LEU A 40 1.37 6.91 5.53
C LEU A 40 2.76 6.54 5.02
N GLN A 41 3.47 7.54 4.50
CA GLN A 41 4.82 7.32 3.98
C GLN A 41 5.84 7.25 5.11
N GLU A 42 5.58 8.01 6.18
CA GLU A 42 6.48 8.04 7.33
C GLU A 42 6.13 6.93 8.32
N ARG A 43 4.84 6.65 8.45
CA ARG A 43 4.37 5.61 9.36
C ARG A 43 5.05 4.28 9.07
N ALA A 44 5.26 3.99 7.79
CA ALA A 44 5.91 2.76 7.38
C ALA A 44 7.32 3.02 6.86
N GLY A 45 7.62 4.28 6.56
CA GLY A 45 8.92 4.64 6.06
C GLY A 45 9.10 4.29 4.60
N VAL A 46 7.99 4.30 3.85
CA VAL A 46 8.03 3.98 2.42
C VAL A 46 7.34 5.07 1.61
N LYS A 47 7.49 4.99 0.29
CA LYS A 47 6.88 5.96 -0.61
C LYS A 47 5.62 5.39 -1.24
N MET A 48 4.51 6.12 -1.13
CA MET A 48 3.25 5.70 -1.70
C MET A 48 2.88 6.53 -2.92
N VAL A 49 2.91 5.92 -4.10
CA VAL A 49 2.58 6.61 -5.34
C VAL A 49 1.50 5.87 -6.12
N MET A 50 0.30 6.43 -6.15
CA MET A 50 -0.81 5.82 -6.87
C MET A 50 -0.69 6.06 -8.37
N ILE A 51 -0.91 5.01 -9.15
CA ILE A 51 -0.82 5.11 -10.60
C ILE A 51 -2.21 5.30 -11.22
N GLN A 52 -2.28 6.15 -12.24
CA GLN A 52 -3.54 6.42 -12.91
C GLN A 52 -3.97 5.24 -13.77
N ASP A 53 -3.13 4.88 -14.73
CA ASP A 53 -3.42 3.76 -15.61
C ASP A 53 -4.09 2.62 -14.86
N GLY A 54 -5.41 2.50 -15.03
CA GLY A 54 -6.15 1.45 -14.34
C GLY A 54 -6.90 0.56 -15.31
N PRO A 55 -7.25 -0.66 -14.85
CA PRO A 55 -7.97 -1.63 -15.65
C PRO A 55 -9.41 -1.21 -15.92
N GLN A 56 -9.88 -1.42 -17.14
CA GLN A 56 -11.24 -1.06 -17.51
C GLN A 56 -12.04 -2.30 -17.92
N ASN A 57 -11.34 -3.32 -18.38
CA ASN A 57 -11.98 -4.56 -18.81
C ASN A 57 -13.08 -4.97 -17.83
N THR A 58 -12.72 -5.06 -16.55
CA THR A 58 -13.67 -5.45 -15.52
C THR A 58 -13.83 -4.34 -14.48
N GLY A 59 -15.06 -3.91 -14.25
CA GLY A 59 -15.32 -2.87 -13.28
C GLY A 59 -14.33 -1.73 -13.38
N ALA A 60 -13.77 -1.31 -12.25
CA ALA A 60 -12.81 -0.22 -12.22
C ALA A 60 -11.98 -0.26 -10.94
N ASP A 61 -10.77 0.29 -11.00
CA ASP A 61 -9.88 0.32 -9.84
C ASP A 61 -8.63 1.13 -10.15
N LYS A 62 -7.87 1.46 -9.10
CA LYS A 62 -6.65 2.23 -9.26
C LYS A 62 -5.47 1.52 -8.61
N PRO A 63 -4.49 1.10 -9.43
CA PRO A 63 -3.30 0.40 -8.95
C PRO A 63 -2.37 1.31 -8.15
N LEU A 64 -2.22 1.02 -6.87
CA LEU A 64 -1.37 1.81 -5.99
C LEU A 64 0.02 1.19 -5.89
N ARG A 65 1.03 1.95 -6.31
CA ARG A 65 2.41 1.48 -6.27
C ARG A 65 3.12 1.98 -5.02
N ILE A 66 3.58 1.05 -4.19
CA ILE A 66 4.28 1.39 -2.96
C ILE A 66 5.76 1.04 -3.04
N THR A 67 6.61 2.06 -3.15
CA THR A 67 8.04 1.85 -3.23
C THR A 67 8.71 2.06 -1.88
N GLY A 68 9.91 1.51 -1.73
CA GLY A 68 10.64 1.65 -0.48
C GLY A 68 11.49 0.44 -0.18
N ASP A 69 11.31 -0.13 1.02
CA ASP A 69 12.07 -1.30 1.43
C ASP A 69 11.23 -2.57 1.34
N PRO A 70 11.90 -3.73 1.25
CA PRO A 70 11.23 -5.02 1.15
C PRO A 70 10.52 -5.42 2.44
N TYR A 71 11.07 -4.98 3.56
CA TYR A 71 10.49 -5.28 4.87
C TYR A 71 9.43 -4.24 5.25
N LYS A 72 9.56 -3.05 4.68
CA LYS A 72 8.61 -1.97 4.96
C LYS A 72 7.46 -1.99 3.96
N VAL A 73 7.80 -1.92 2.68
CA VAL A 73 6.79 -1.93 1.63
C VAL A 73 5.70 -2.97 1.92
N GLN A 74 6.12 -4.16 2.32
CA GLN A 74 5.19 -5.23 2.63
C GLN A 74 4.28 -4.85 3.80
N GLN A 75 4.81 -4.07 4.73
CA GLN A 75 4.06 -3.63 5.89
C GLN A 75 3.08 -2.53 5.52
N ALA A 76 3.56 -1.51 4.81
CA ALA A 76 2.73 -0.40 4.38
C ALA A 76 1.54 -0.89 3.56
N LYS A 77 1.80 -1.83 2.66
CA LYS A 77 0.75 -2.38 1.80
C LYS A 77 -0.48 -2.74 2.63
N GLU A 78 -0.26 -3.26 3.83
CA GLU A 78 -1.35 -3.66 4.71
C GLU A 78 -2.07 -2.43 5.26
N MET A 79 -1.31 -1.43 5.69
CA MET A 79 -1.88 -0.21 6.23
C MET A 79 -2.91 0.38 5.28
N VAL A 80 -2.57 0.44 4.00
CA VAL A 80 -3.47 0.98 2.98
C VAL A 80 -4.60 0.00 2.69
N LEU A 81 -4.24 -1.25 2.40
CA LEU A 81 -5.23 -2.27 2.10
C LEU A 81 -6.36 -2.26 3.11
N GLU A 82 -6.02 -1.96 4.36
CA GLU A 82 -7.02 -1.91 5.43
C GLU A 82 -7.82 -0.61 5.37
N LEU A 83 -7.18 0.45 4.90
CA LEU A 83 -7.83 1.75 4.79
C LEU A 83 -9.04 1.68 3.86
N ILE A 84 -8.95 0.80 2.86
CA ILE A 84 -10.04 0.63 1.90
C ILE A 84 -11.01 -0.45 2.36
N ARG A 85 -10.52 -1.37 3.19
CA ARG A 85 -11.34 -2.46 3.70
C ARG A 85 -12.42 -1.93 4.64
N ASP A 86 -12.02 -1.06 5.56
CA ASP A 86 -12.94 -0.47 6.52
C ASP A 86 -12.60 0.99 6.77
N GLN A 87 -13.62 1.85 6.67
CA GLN A 87 -13.44 3.28 6.90
C GLN A 87 -13.07 3.57 8.35
N GLY A 88 -12.48 4.73 8.59
CA GLY A 88 -12.09 5.10 9.94
C GLY A 88 -11.39 6.45 10.00
N SER A 89 -12.11 7.47 10.46
CA SER A 89 -11.55 8.80 10.55
C SER A 89 -11.75 9.38 11.95
N GLY A 90 -11.02 10.45 12.25
CA GLY A 90 -11.13 11.08 13.56
C GLY A 90 -9.79 11.46 14.14
N PRO A 91 -8.95 10.44 14.42
CA PRO A 91 -7.61 10.66 14.99
C PRO A 91 -6.65 11.30 13.99
N SER A 92 -7.17 11.62 12.80
CA SER A 92 -6.35 12.23 11.76
C SER A 92 -6.05 13.68 12.10
N SER A 93 -4.78 14.06 11.98
CA SER A 93 -4.35 15.42 12.28
C SER A 93 -5.07 16.42 11.39
N GLY A 94 -5.29 17.62 11.93
CA GLY A 94 -5.97 18.65 11.18
C GLY A 94 -7.46 18.40 11.05
N GLY A 1 0.06 -31.86 9.18
CA GLY A 1 -0.82 -30.73 9.32
C GLY A 1 -0.55 -29.64 8.30
N SER A 2 -0.45 -28.40 8.76
CA SER A 2 -0.19 -27.27 7.87
C SER A 2 1.28 -26.87 7.91
N SER A 3 1.72 -26.13 6.90
CA SER A 3 3.10 -25.69 6.82
C SER A 3 3.24 -24.52 5.85
N GLY A 4 3.87 -23.44 6.31
CA GLY A 4 4.06 -22.27 5.47
C GLY A 4 5.52 -21.86 5.37
N SER A 5 5.76 -20.55 5.29
CA SER A 5 7.11 -20.03 5.19
C SER A 5 7.25 -18.72 5.93
N SER A 6 8.39 -18.52 6.59
CA SER A 6 8.64 -17.30 7.35
C SER A 6 9.07 -16.16 6.42
N GLY A 7 10.07 -16.43 5.59
CA GLY A 7 10.55 -15.42 4.66
C GLY A 7 11.22 -14.26 5.37
N HIS A 8 12.54 -14.35 5.52
CA HIS A 8 13.30 -13.30 6.19
C HIS A 8 14.05 -12.44 5.17
N GLY A 9 13.39 -11.40 4.67
CA GLY A 9 14.02 -10.54 3.69
C GLY A 9 15.23 -9.82 4.26
N ASP A 10 16.18 -9.49 3.39
CA ASP A 10 17.39 -8.79 3.80
C ASP A 10 17.39 -7.35 3.29
N GLY A 11 17.58 -7.19 1.98
CA GLY A 11 17.59 -5.87 1.40
C GLY A 11 18.45 -5.79 0.15
N PRO A 12 18.01 -6.48 -0.91
CA PRO A 12 18.73 -6.52 -2.18
C PRO A 12 18.69 -5.18 -2.92
N GLY A 13 17.64 -4.40 -2.64
CA GLY A 13 17.50 -3.10 -3.28
C GLY A 13 16.15 -2.47 -2.99
N ASN A 14 15.74 -1.54 -3.86
CA ASN A 14 14.46 -0.85 -3.69
C ASN A 14 13.30 -1.79 -4.00
N ALA A 15 12.45 -2.02 -3.00
CA ALA A 15 11.29 -2.89 -3.17
C ALA A 15 10.05 -2.10 -3.58
N VAL A 16 9.30 -2.63 -4.53
CA VAL A 16 8.09 -1.96 -5.00
C VAL A 16 6.93 -2.95 -5.11
N GLN A 17 5.86 -2.66 -4.38
CA GLN A 17 4.67 -3.51 -4.40
C GLN A 17 3.47 -2.79 -4.99
N GLU A 18 2.61 -3.54 -5.66
CA GLU A 18 1.42 -2.96 -6.28
C GLU A 18 0.15 -3.57 -5.68
N ILE A 19 -0.83 -2.70 -5.38
CA ILE A 19 -2.09 -3.16 -4.81
C ILE A 19 -3.27 -2.51 -5.53
N MET A 20 -4.44 -3.13 -5.38
CA MET A 20 -5.66 -2.62 -6.01
C MET A 20 -6.43 -1.72 -5.05
N ILE A 21 -6.66 -0.48 -5.46
CA ILE A 21 -7.39 0.47 -4.63
C ILE A 21 -8.57 1.07 -5.39
N PRO A 22 -9.78 0.88 -4.84
CA PRO A 22 -11.01 1.39 -5.45
C PRO A 22 -11.10 2.91 -5.38
N ALA A 23 -11.06 3.56 -6.54
CA ALA A 23 -11.13 5.01 -6.62
C ALA A 23 -12.07 5.56 -5.54
N SER A 24 -13.12 4.80 -5.22
CA SER A 24 -14.08 5.21 -4.22
C SER A 24 -13.41 5.41 -2.87
N LYS A 25 -12.62 4.42 -2.45
CA LYS A 25 -11.91 4.50 -1.18
C LYS A 25 -10.62 5.28 -1.32
N ALA A 26 -10.27 5.63 -2.56
CA ALA A 26 -9.05 6.37 -2.82
C ALA A 26 -9.10 7.75 -2.17
N GLY A 27 -10.16 8.50 -2.46
CA GLY A 27 -10.30 9.83 -1.90
C GLY A 27 -10.13 9.84 -0.39
N LEU A 28 -10.21 8.66 0.22
CA LEU A 28 -10.07 8.55 1.66
C LEU A 28 -8.60 8.39 2.06
N VAL A 29 -7.94 7.40 1.47
CA VAL A 29 -6.53 7.14 1.75
C VAL A 29 -5.66 8.31 1.30
N ILE A 30 -5.96 8.84 0.11
CA ILE A 30 -5.21 9.95 -0.44
C ILE A 30 -5.55 11.25 0.27
N GLY A 31 -6.84 11.56 0.33
CA GLY A 31 -7.29 12.78 0.99
C GLY A 31 -7.47 13.93 0.02
N LYS A 32 -7.47 15.15 0.54
CA LYS A 32 -7.63 16.35 -0.28
C LYS A 32 -6.28 16.90 -0.69
N GLY A 33 -5.57 16.16 -1.54
CA GLY A 33 -4.26 16.60 -2.00
C GLY A 33 -3.12 15.86 -1.32
N GLY A 34 -3.33 14.57 -1.09
CA GLY A 34 -2.30 13.75 -0.45
C GLY A 34 -1.99 14.23 0.96
N GLU A 35 -3.02 14.36 1.78
CA GLU A 35 -2.86 14.81 3.16
C GLU A 35 -2.72 13.62 4.10
N THR A 36 -3.42 12.54 3.79
CA THR A 36 -3.38 11.33 4.61
C THR A 36 -2.31 10.36 4.11
N ILE A 37 -2.39 10.01 2.83
CA ILE A 37 -1.42 9.09 2.24
C ILE A 37 0.01 9.56 2.48
N LYS A 38 0.22 10.87 2.35
CA LYS A 38 1.54 11.46 2.55
C LYS A 38 2.09 11.09 3.92
N GLN A 39 1.20 11.00 4.90
CA GLN A 39 1.60 10.65 6.27
C GLN A 39 1.87 9.16 6.39
N LEU A 40 1.20 8.36 5.56
CA LEU A 40 1.38 6.92 5.58
C LEU A 40 2.78 6.53 5.16
N GLN A 41 3.43 7.41 4.40
CA GLN A 41 4.79 7.16 3.93
C GLN A 41 5.78 7.21 5.08
N GLU A 42 5.46 8.01 6.10
CA GLU A 42 6.33 8.15 7.27
C GLU A 42 6.02 7.07 8.30
N ARG A 43 4.74 6.82 8.53
CA ARG A 43 4.32 5.82 9.51
C ARG A 43 5.02 4.49 9.24
N ALA A 44 5.22 4.17 7.97
CA ALA A 44 5.87 2.92 7.59
C ALA A 44 7.29 3.18 7.09
N GLY A 45 7.49 4.33 6.45
CA GLY A 45 8.80 4.68 5.94
C GLY A 45 8.97 4.28 4.48
N VAL A 46 7.90 4.41 3.70
CA VAL A 46 7.94 4.05 2.29
C VAL A 46 7.20 5.09 1.45
N LYS A 47 7.53 5.12 0.15
CA LYS A 47 6.90 6.08 -0.76
C LYS A 47 5.64 5.48 -1.38
N MET A 48 4.52 6.19 -1.23
CA MET A 48 3.25 5.73 -1.78
C MET A 48 2.86 6.54 -3.01
N VAL A 49 2.87 5.90 -4.17
CA VAL A 49 2.52 6.56 -5.42
C VAL A 49 1.39 5.83 -6.13
N MET A 50 0.24 6.49 -6.24
CA MET A 50 -0.92 5.90 -6.90
C MET A 50 -0.75 5.93 -8.42
N ILE A 51 -1.10 4.81 -9.06
CA ILE A 51 -0.98 4.71 -10.51
C ILE A 51 -2.36 4.72 -11.17
N GLN A 52 -2.57 5.69 -12.05
CA GLN A 52 -3.84 5.81 -12.76
C GLN A 52 -3.63 6.24 -14.20
N ASP A 53 -4.47 5.74 -15.10
CA ASP A 53 -4.37 6.07 -16.52
C ASP A 53 -5.64 5.70 -17.26
N GLY A 54 -6.27 6.68 -17.89
CA GLY A 54 -7.50 6.44 -18.63
C GLY A 54 -8.65 7.29 -18.12
N PRO A 55 -9.88 6.78 -18.29
CA PRO A 55 -11.09 7.49 -17.86
C PRO A 55 -11.21 7.56 -16.34
N GLN A 56 -11.71 8.68 -15.84
CA GLN A 56 -11.87 8.88 -14.41
C GLN A 56 -13.34 9.13 -14.06
N ASN A 57 -13.61 9.36 -12.78
CA ASN A 57 -14.97 9.62 -12.31
C ASN A 57 -15.90 8.49 -12.73
N THR A 58 -15.35 7.29 -12.88
CA THR A 58 -16.14 6.13 -13.28
C THR A 58 -15.79 4.91 -12.43
N GLY A 59 -16.72 3.97 -12.35
CA GLY A 59 -16.48 2.76 -11.58
C GLY A 59 -15.30 1.97 -12.08
N ALA A 60 -14.22 1.96 -11.30
CA ALA A 60 -13.02 1.24 -11.69
C ALA A 60 -12.05 1.12 -10.51
N ASP A 61 -10.91 0.48 -10.74
CA ASP A 61 -9.91 0.30 -9.70
C ASP A 61 -8.68 1.16 -9.98
N LYS A 62 -7.84 1.33 -8.97
CA LYS A 62 -6.62 2.13 -9.10
C LYS A 62 -5.44 1.42 -8.45
N PRO A 63 -4.50 0.95 -9.28
CA PRO A 63 -3.31 0.25 -8.80
C PRO A 63 -2.34 1.18 -8.10
N LEU A 64 -2.13 0.96 -6.81
CA LEU A 64 -1.22 1.77 -6.02
C LEU A 64 0.18 1.16 -5.97
N ARG A 65 1.18 1.97 -6.28
CA ARG A 65 2.56 1.51 -6.27
C ARG A 65 3.31 2.01 -5.03
N ILE A 66 3.68 1.09 -4.16
CA ILE A 66 4.39 1.44 -2.94
C ILE A 66 5.87 1.08 -3.04
N THR A 67 6.71 2.09 -3.21
CA THR A 67 8.15 1.88 -3.33
C THR A 67 8.85 2.12 -2.00
N GLY A 68 9.97 1.44 -1.79
CA GLY A 68 10.71 1.60 -0.56
C GLY A 68 11.60 0.41 -0.26
N ASP A 69 11.16 -0.44 0.66
CA ASP A 69 11.93 -1.62 1.04
C ASP A 69 11.05 -2.87 1.01
N PRO A 70 11.70 -4.04 0.94
CA PRO A 70 10.99 -5.33 0.90
C PRO A 70 10.33 -5.66 2.23
N TYR A 71 10.94 -5.23 3.32
CA TYR A 71 10.41 -5.49 4.66
C TYR A 71 9.42 -4.41 5.06
N LYS A 72 9.52 -3.24 4.43
CA LYS A 72 8.62 -2.12 4.72
C LYS A 72 7.45 -2.11 3.76
N VAL A 73 7.75 -2.01 2.47
CA VAL A 73 6.71 -1.98 1.44
C VAL A 73 5.59 -2.96 1.76
N GLN A 74 5.94 -4.07 2.39
CA GLN A 74 4.97 -5.09 2.76
C GLN A 74 4.10 -4.61 3.92
N GLN A 75 4.72 -3.94 4.88
CA GLN A 75 4.00 -3.43 6.04
C GLN A 75 3.11 -2.25 5.65
N ALA A 76 3.61 -1.40 4.77
CA ALA A 76 2.86 -0.24 4.31
C ALA A 76 1.73 -0.64 3.37
N LYS A 77 1.80 -1.87 2.87
CA LYS A 77 0.78 -2.38 1.95
C LYS A 77 -0.49 -2.74 2.70
N GLU A 78 -0.36 -3.59 3.72
CA GLU A 78 -1.50 -4.01 4.52
C GLU A 78 -2.19 -2.81 5.16
N MET A 79 -1.40 -1.80 5.52
CA MET A 79 -1.93 -0.60 6.14
C MET A 79 -2.90 0.11 5.21
N VAL A 80 -2.52 0.20 3.93
CA VAL A 80 -3.36 0.87 2.94
C VAL A 80 -4.55 -0.01 2.56
N LEU A 81 -4.31 -1.31 2.43
CA LEU A 81 -5.37 -2.25 2.07
C LEU A 81 -6.49 -2.22 3.10
N GLU A 82 -6.13 -2.17 4.38
CA GLU A 82 -7.10 -2.14 5.45
C GLU A 82 -7.87 -0.82 5.45
N LEU A 83 -7.26 0.21 4.89
CA LEU A 83 -7.88 1.53 4.83
C LEU A 83 -9.10 1.51 3.92
N ILE A 84 -8.99 0.82 2.80
CA ILE A 84 -10.09 0.72 1.85
C ILE A 84 -11.12 -0.31 2.31
N ARG A 85 -10.68 -1.25 3.13
CA ARG A 85 -11.56 -2.28 3.65
C ARG A 85 -12.58 -1.70 4.62
N ASP A 86 -13.79 -1.47 4.13
CA ASP A 86 -14.86 -0.91 4.95
C ASP A 86 -14.79 -1.45 6.37
N GLN A 87 -14.77 -2.78 6.49
CA GLN A 87 -14.70 -3.42 7.80
C GLN A 87 -13.67 -2.74 8.69
N GLY A 88 -12.44 -2.65 8.20
CA GLY A 88 -11.38 -2.02 8.97
C GLY A 88 -11.82 -0.71 9.59
N SER A 89 -11.57 0.39 8.88
CA SER A 89 -11.94 1.72 9.39
C SER A 89 -12.68 2.51 8.32
N GLY A 90 -13.68 3.29 8.75
CA GLY A 90 -14.44 4.08 7.82
C GLY A 90 -14.42 5.56 8.17
N PRO A 91 -15.41 6.30 7.63
CA PRO A 91 -15.51 7.75 7.88
C PRO A 91 -15.90 8.07 9.31
N SER A 92 -14.91 8.41 10.12
CA SER A 92 -15.15 8.75 11.53
C SER A 92 -14.75 10.19 11.82
N SER A 93 -15.45 10.80 12.78
CA SER A 93 -15.18 12.19 13.15
C SER A 93 -14.38 12.26 14.45
N GLY A 94 -13.90 13.45 14.79
CA GLY A 94 -13.13 13.62 16.00
C GLY A 94 -12.08 14.72 15.87
N GLY A 1 26.79 -32.13 17.97
CA GLY A 1 27.04 -30.86 17.32
C GLY A 1 25.99 -30.51 16.29
N SER A 2 25.79 -29.22 16.06
CA SER A 2 24.80 -28.76 15.09
C SER A 2 25.26 -27.47 14.40
N SER A 3 24.48 -27.00 13.45
CA SER A 3 24.81 -25.79 12.72
C SER A 3 23.63 -25.34 11.84
N GLY A 4 23.61 -24.05 11.52
CA GLY A 4 22.54 -23.52 10.70
C GLY A 4 23.03 -22.51 9.68
N SER A 5 22.85 -21.23 9.99
CA SER A 5 23.28 -20.16 9.10
C SER A 5 22.62 -20.30 7.73
N SER A 6 21.36 -20.73 7.73
CA SER A 6 20.62 -20.91 6.49
C SER A 6 19.54 -19.84 6.35
N GLY A 7 19.60 -19.09 5.25
CA GLY A 7 18.63 -18.04 5.02
C GLY A 7 19.26 -16.67 4.85
N HIS A 8 18.68 -15.84 3.99
CA HIS A 8 19.20 -14.51 3.74
C HIS A 8 18.07 -13.49 3.65
N GLY A 9 18.43 -12.22 3.53
CA GLY A 9 17.43 -11.16 3.44
C GLY A 9 17.13 -10.80 2.00
N ASP A 10 16.48 -11.71 1.28
CA ASP A 10 16.13 -11.47 -0.11
C ASP A 10 15.78 -10.00 -0.34
N GLY A 11 16.44 -9.38 -1.31
CA GLY A 11 16.19 -7.98 -1.61
C GLY A 11 17.27 -7.37 -2.48
N PRO A 12 17.02 -7.37 -3.80
CA PRO A 12 17.98 -6.81 -4.78
C PRO A 12 18.07 -5.29 -4.69
N GLY A 13 17.29 -4.70 -3.79
CA GLY A 13 17.31 -3.26 -3.63
C GLY A 13 15.93 -2.69 -3.39
N ASN A 14 15.71 -1.45 -3.82
CA ASN A 14 14.43 -0.78 -3.64
C ASN A 14 13.28 -1.73 -3.98
N ALA A 15 12.44 -2.02 -2.99
CA ALA A 15 11.30 -2.91 -3.18
C ALA A 15 10.06 -2.12 -3.58
N VAL A 16 9.30 -2.67 -4.53
CA VAL A 16 8.09 -2.02 -4.99
C VAL A 16 6.92 -3.00 -5.05
N GLN A 17 5.79 -2.61 -4.48
CA GLN A 17 4.60 -3.46 -4.47
C GLN A 17 3.41 -2.74 -5.07
N GLU A 18 2.55 -3.49 -5.75
CA GLU A 18 1.36 -2.92 -6.37
C GLU A 18 0.09 -3.45 -5.72
N ILE A 19 -0.87 -2.57 -5.46
CA ILE A 19 -2.13 -2.96 -4.85
C ILE A 19 -3.30 -2.22 -5.48
N MET A 20 -4.36 -2.95 -5.78
CA MET A 20 -5.56 -2.37 -6.39
C MET A 20 -6.36 -1.60 -5.36
N ILE A 21 -6.60 -0.31 -5.62
CA ILE A 21 -7.37 0.53 -4.71
C ILE A 21 -8.67 0.98 -5.35
N PRO A 22 -9.78 0.80 -4.61
CA PRO A 22 -11.11 1.18 -5.09
C PRO A 22 -11.29 2.69 -5.16
N ALA A 23 -11.67 3.18 -6.35
CA ALA A 23 -11.87 4.61 -6.54
C ALA A 23 -12.76 5.20 -5.45
N SER A 24 -13.52 4.34 -4.79
CA SER A 24 -14.41 4.78 -3.73
C SER A 24 -13.63 5.16 -2.48
N LYS A 25 -12.61 4.37 -2.17
CA LYS A 25 -11.77 4.63 -1.00
C LYS A 25 -10.50 5.39 -1.40
N ALA A 26 -10.30 5.54 -2.70
CA ALA A 26 -9.12 6.25 -3.20
C ALA A 26 -9.10 7.69 -2.72
N GLY A 27 -10.25 8.16 -2.21
CA GLY A 27 -10.33 9.52 -1.72
C GLY A 27 -10.23 9.60 -0.22
N LEU A 28 -10.06 8.45 0.43
CA LEU A 28 -9.95 8.40 1.88
C LEU A 28 -8.50 8.18 2.31
N VAL A 29 -7.81 7.29 1.60
CA VAL A 29 -6.42 6.99 1.89
C VAL A 29 -5.48 8.02 1.27
N ILE A 30 -6.00 8.78 0.31
CA ILE A 30 -5.22 9.79 -0.36
C ILE A 30 -5.47 11.18 0.22
N GLY A 31 -6.74 11.44 0.54
CA GLY A 31 -7.10 12.73 1.12
C GLY A 31 -6.97 13.87 0.13
N LYS A 32 -7.30 15.08 0.57
CA LYS A 32 -7.23 16.25 -0.29
C LYS A 32 -5.79 16.51 -0.74
N GLY A 33 -5.54 16.33 -2.03
CA GLY A 33 -4.20 16.56 -2.56
C GLY A 33 -3.15 15.72 -1.86
N GLY A 34 -3.40 14.41 -1.78
CA GLY A 34 -2.46 13.52 -1.12
C GLY A 34 -2.02 14.03 0.24
N GLU A 35 -2.99 14.20 1.14
CA GLU A 35 -2.70 14.69 2.48
C GLU A 35 -2.48 13.53 3.45
N THR A 36 -3.39 12.56 3.42
CA THR A 36 -3.30 11.39 4.28
C THR A 36 -2.19 10.45 3.83
N ILE A 37 -2.35 9.87 2.65
CA ILE A 37 -1.36 8.96 2.10
C ILE A 37 0.06 9.45 2.39
N LYS A 38 0.26 10.75 2.25
CA LYS A 38 1.57 11.35 2.49
C LYS A 38 2.10 10.94 3.87
N GLN A 39 1.24 11.00 4.88
CA GLN A 39 1.62 10.64 6.23
C GLN A 39 1.92 9.15 6.34
N LEU A 40 1.23 8.36 5.52
CA LEU A 40 1.42 6.90 5.52
C LEU A 40 2.81 6.53 5.03
N GLN A 41 3.49 7.50 4.43
CA GLN A 41 4.84 7.28 3.92
C GLN A 41 5.87 7.41 5.04
N GLU A 42 5.49 8.09 6.11
CA GLU A 42 6.39 8.28 7.25
C GLU A 42 6.11 7.26 8.33
N ARG A 43 4.84 6.87 8.46
CA ARG A 43 4.45 5.89 9.47
C ARG A 43 5.03 4.52 9.16
N ALA A 44 5.00 4.14 7.88
CA ALA A 44 5.52 2.85 7.46
C ALA A 44 6.99 2.96 7.07
N GLY A 45 7.38 4.12 6.55
CA GLY A 45 8.76 4.32 6.14
C GLY A 45 8.98 4.05 4.67
N VAL A 46 7.89 4.02 3.90
CA VAL A 46 7.98 3.77 2.48
C VAL A 46 7.29 4.87 1.67
N LYS A 47 7.52 4.88 0.37
CA LYS A 47 6.92 5.88 -0.51
C LYS A 47 5.68 5.32 -1.20
N MET A 48 4.59 6.08 -1.15
CA MET A 48 3.34 5.66 -1.76
C MET A 48 3.03 6.52 -2.99
N VAL A 49 2.91 5.87 -4.15
CA VAL A 49 2.61 6.58 -5.38
C VAL A 49 1.48 5.90 -6.15
N MET A 50 0.33 6.57 -6.20
CA MET A 50 -0.83 6.03 -6.90
C MET A 50 -0.66 6.12 -8.41
N ILE A 51 -0.73 4.98 -9.08
CA ILE A 51 -0.57 4.92 -10.53
C ILE A 51 -1.91 5.13 -11.23
N GLN A 52 -1.86 5.65 -12.45
CA GLN A 52 -3.07 5.89 -13.23
C GLN A 52 -2.93 5.33 -14.64
N ASP A 53 -2.97 4.00 -14.75
CA ASP A 53 -2.85 3.35 -16.04
C ASP A 53 -4.15 2.63 -16.41
N GLY A 54 -4.62 2.85 -17.64
CA GLY A 54 -5.84 2.21 -18.09
C GLY A 54 -6.82 3.20 -18.70
N PRO A 55 -8.11 2.87 -18.66
CA PRO A 55 -9.17 3.72 -19.21
C PRO A 55 -9.38 4.99 -18.40
N GLN A 56 -10.03 5.98 -19.00
CA GLN A 56 -10.29 7.25 -18.33
C GLN A 56 -10.76 7.01 -16.90
N ASN A 57 -10.80 8.08 -16.11
CA ASN A 57 -11.24 8.00 -14.72
C ASN A 57 -12.76 7.92 -14.64
N THR A 58 -13.34 6.91 -15.27
CA THR A 58 -14.78 6.73 -15.26
C THR A 58 -15.22 5.84 -14.11
N GLY A 59 -14.51 5.93 -12.99
CA GLY A 59 -14.84 5.12 -11.83
C GLY A 59 -14.33 3.70 -11.95
N ALA A 60 -13.04 3.50 -11.67
CA ALA A 60 -12.44 2.18 -11.75
C ALA A 60 -11.33 2.02 -10.72
N ASP A 61 -10.80 0.81 -10.61
CA ASP A 61 -9.72 0.52 -9.66
C ASP A 61 -8.45 1.27 -10.04
N LYS A 62 -7.68 1.66 -9.03
CA LYS A 62 -6.44 2.38 -9.26
C LYS A 62 -5.26 1.65 -8.62
N PRO A 63 -4.32 1.19 -9.47
CA PRO A 63 -3.13 0.46 -9.01
C PRO A 63 -2.15 1.37 -8.26
N LEU A 64 -1.99 1.11 -6.96
CA LEU A 64 -1.09 1.90 -6.13
C LEU A 64 0.29 1.24 -6.06
N ARG A 65 1.32 2.03 -6.34
CA ARG A 65 2.69 1.52 -6.30
C ARG A 65 3.42 2.03 -5.05
N ILE A 66 3.78 1.10 -4.18
CA ILE A 66 4.49 1.45 -2.95
C ILE A 66 5.96 1.04 -3.02
N THR A 67 6.83 2.03 -3.15
CA THR A 67 8.26 1.79 -3.23
C THR A 67 8.93 1.99 -1.88
N GLY A 68 10.07 1.33 -1.67
CA GLY A 68 10.79 1.45 -0.42
C GLY A 68 11.63 0.23 -0.11
N ASP A 69 11.29 -0.48 0.96
CA ASP A 69 12.03 -1.67 1.36
C ASP A 69 11.19 -2.92 1.12
N PRO A 70 11.88 -4.07 0.97
CA PRO A 70 11.23 -5.36 0.75
C PRO A 70 10.46 -5.85 1.97
N TYR A 71 10.96 -5.50 3.15
CA TYR A 71 10.32 -5.90 4.40
C TYR A 71 9.36 -4.83 4.90
N LYS A 72 9.55 -3.61 4.42
CA LYS A 72 8.68 -2.50 4.81
C LYS A 72 7.51 -2.35 3.84
N VAL A 73 7.82 -2.30 2.55
CA VAL A 73 6.80 -2.17 1.52
C VAL A 73 5.61 -3.08 1.81
N GLN A 74 5.86 -4.14 2.56
CA GLN A 74 4.81 -5.10 2.91
C GLN A 74 3.94 -4.57 4.03
N GLN A 75 4.56 -3.86 4.98
CA GLN A 75 3.83 -3.30 6.11
C GLN A 75 2.86 -2.22 5.65
N ALA A 76 3.37 -1.24 4.91
CA ALA A 76 2.55 -0.15 4.40
C ALA A 76 1.39 -0.69 3.57
N LYS A 77 1.68 -1.69 2.74
CA LYS A 77 0.67 -2.29 1.87
C LYS A 77 -0.56 -2.70 2.68
N GLU A 78 -0.33 -3.37 3.80
CA GLU A 78 -1.41 -3.82 4.67
C GLU A 78 -2.19 -2.63 5.22
N MET A 79 -1.47 -1.60 5.65
CA MET A 79 -2.09 -0.40 6.19
C MET A 79 -3.07 0.21 5.19
N VAL A 80 -2.61 0.37 3.95
CA VAL A 80 -3.44 0.95 2.90
C VAL A 80 -4.59 0.01 2.54
N LEU A 81 -4.27 -1.26 2.31
CA LEU A 81 -5.28 -2.25 1.96
C LEU A 81 -6.40 -2.29 3.00
N GLU A 82 -6.03 -2.09 4.26
CA GLU A 82 -6.99 -2.10 5.35
C GLU A 82 -7.75 -0.77 5.42
N LEU A 83 -7.13 0.28 4.93
CA LEU A 83 -7.74 1.61 4.93
C LEU A 83 -8.97 1.64 4.03
N ILE A 84 -8.93 0.87 2.94
CA ILE A 84 -10.05 0.80 2.01
C ILE A 84 -11.04 -0.26 2.41
N ARG A 85 -10.58 -1.23 3.20
CA ARG A 85 -11.44 -2.32 3.67
C ARG A 85 -12.36 -1.85 4.78
N ASP A 86 -13.61 -1.54 4.42
CA ASP A 86 -14.59 -1.08 5.40
C ASP A 86 -15.82 -1.97 5.38
N GLN A 87 -15.75 -3.09 6.08
CA GLN A 87 -16.87 -4.03 6.15
C GLN A 87 -16.86 -4.79 7.46
N GLY A 88 -18.03 -4.96 8.06
CA GLY A 88 -18.14 -5.67 9.32
C GLY A 88 -17.45 -4.95 10.45
N SER A 89 -17.41 -5.58 11.62
CA SER A 89 -16.76 -4.98 12.78
C SER A 89 -15.98 -6.03 13.57
N GLY A 90 -14.77 -5.68 13.98
CA GLY A 90 -13.94 -6.59 14.73
C GLY A 90 -14.20 -6.54 16.22
N PRO A 91 -13.68 -7.53 16.97
CA PRO A 91 -13.86 -7.60 18.42
C PRO A 91 -13.08 -6.51 19.15
N SER A 92 -13.71 -5.36 19.32
CA SER A 92 -13.08 -4.23 20.01
C SER A 92 -12.94 -4.52 21.50
N SER A 93 -11.71 -4.40 22.00
CA SER A 93 -11.44 -4.64 23.41
C SER A 93 -11.92 -3.47 24.27
N GLY A 94 -12.44 -3.80 25.46
CA GLY A 94 -12.92 -2.77 26.35
C GLY A 94 -13.67 -3.34 27.54
N GLY A 1 16.37 -27.08 27.09
CA GLY A 1 16.32 -25.69 26.68
C GLY A 1 16.35 -25.53 25.17
N SER A 2 16.82 -24.38 24.71
CA SER A 2 16.89 -24.10 23.28
C SER A 2 17.98 -23.08 22.98
N SER A 3 18.34 -22.96 21.70
CA SER A 3 19.38 -22.02 21.29
C SER A 3 18.82 -20.98 20.33
N GLY A 4 18.24 -21.45 19.23
CA GLY A 4 17.67 -20.54 18.24
C GLY A 4 18.24 -20.76 16.85
N SER A 5 17.73 -20.01 15.88
CA SER A 5 18.19 -20.13 14.50
C SER A 5 18.44 -18.76 13.90
N SER A 6 19.40 -18.68 12.97
CA SER A 6 19.74 -17.42 12.32
C SER A 6 18.98 -17.29 11.00
N GLY A 7 18.85 -16.05 10.53
CA GLY A 7 18.16 -15.80 9.28
C GLY A 7 18.72 -14.61 8.53
N HIS A 8 18.33 -14.47 7.27
CA HIS A 8 18.81 -13.37 6.43
C HIS A 8 17.76 -12.98 5.40
N GLY A 9 17.76 -11.70 5.02
CA GLY A 9 16.80 -11.22 4.05
C GLY A 9 17.38 -10.14 3.15
N ASP A 10 18.08 -10.56 2.10
CA ASP A 10 18.69 -9.61 1.17
C ASP A 10 17.66 -9.11 0.16
N GLY A 11 17.55 -7.79 0.05
CA GLY A 11 16.61 -7.20 -0.88
C GLY A 11 17.28 -6.61 -2.11
N PRO A 12 16.78 -6.99 -3.30
CA PRO A 12 17.32 -6.51 -4.56
C PRO A 12 17.03 -5.03 -4.80
N GLY A 13 17.89 -4.17 -4.25
CA GLY A 13 17.70 -2.73 -4.41
C GLY A 13 16.46 -2.23 -3.70
N ASN A 14 15.71 -1.38 -4.39
CA ASN A 14 14.48 -0.82 -3.82
C ASN A 14 13.29 -1.73 -4.08
N ALA A 15 12.49 -1.96 -3.05
CA ALA A 15 11.32 -2.82 -3.17
C ALA A 15 10.10 -2.02 -3.62
N VAL A 16 9.34 -2.57 -4.55
CA VAL A 16 8.14 -1.91 -5.05
C VAL A 16 6.97 -2.89 -5.16
N GLN A 17 5.93 -2.64 -4.38
CA GLN A 17 4.75 -3.49 -4.38
C GLN A 17 3.56 -2.77 -5.00
N GLU A 18 2.68 -3.52 -5.67
CA GLU A 18 1.50 -2.95 -6.30
C GLU A 18 0.23 -3.56 -5.71
N ILE A 19 -0.77 -2.72 -5.49
CA ILE A 19 -2.04 -3.16 -4.94
C ILE A 19 -3.22 -2.53 -5.67
N MET A 20 -4.40 -3.11 -5.49
CA MET A 20 -5.60 -2.59 -6.13
C MET A 20 -6.41 -1.73 -5.16
N ILE A 21 -6.61 -0.47 -5.53
CA ILE A 21 -7.37 0.46 -4.70
C ILE A 21 -8.58 1.00 -5.43
N PRO A 22 -9.76 0.84 -4.83
CA PRO A 22 -11.02 1.31 -5.41
C PRO A 22 -11.13 2.83 -5.42
N ALA A 23 -11.26 3.40 -6.62
CA ALA A 23 -11.36 4.85 -6.77
C ALA A 23 -12.20 5.46 -5.65
N SER A 24 -13.12 4.66 -5.11
CA SER A 24 -13.99 5.12 -4.03
C SER A 24 -13.18 5.40 -2.76
N LYS A 25 -12.36 4.42 -2.37
CA LYS A 25 -11.54 4.56 -1.16
C LYS A 25 -10.29 5.38 -1.45
N ALA A 26 -10.06 5.68 -2.74
CA ALA A 26 -8.91 6.46 -3.15
C ALA A 26 -8.97 7.87 -2.56
N GLY A 27 -10.17 8.34 -2.25
CA GLY A 27 -10.34 9.67 -1.69
C GLY A 27 -10.30 9.66 -0.17
N LEU A 28 -10.11 8.48 0.41
CA LEU A 28 -10.05 8.34 1.86
C LEU A 28 -8.60 8.21 2.34
N VAL A 29 -7.80 7.43 1.61
CA VAL A 29 -6.41 7.23 1.96
C VAL A 29 -5.54 8.36 1.41
N ILE A 30 -5.96 8.93 0.29
CA ILE A 30 -5.22 10.01 -0.34
C ILE A 30 -5.52 11.35 0.35
N GLY A 31 -6.78 11.74 0.33
CA GLY A 31 -7.18 12.99 0.95
C GLY A 31 -7.18 14.15 -0.03
N LYS A 32 -7.56 15.33 0.45
CA LYS A 32 -7.60 16.52 -0.38
C LYS A 32 -6.24 16.79 -1.02
N GLY A 33 -5.99 16.16 -2.17
CA GLY A 33 -4.72 16.35 -2.86
C GLY A 33 -3.73 15.25 -2.55
N GLY A 34 -3.78 14.73 -1.33
CA GLY A 34 -2.87 13.67 -0.93
C GLY A 34 -2.16 13.97 0.38
N GLU A 35 -2.93 14.35 1.39
CA GLU A 35 -2.37 14.67 2.70
C GLU A 35 -2.26 13.41 3.56
N THR A 36 -3.33 12.64 3.60
CA THR A 36 -3.36 11.40 4.39
C THR A 36 -2.27 10.45 3.93
N ILE A 37 -2.36 10.00 2.69
CA ILE A 37 -1.38 9.07 2.13
C ILE A 37 0.04 9.57 2.37
N LYS A 38 0.20 10.87 2.45
CA LYS A 38 1.51 11.47 2.70
C LYS A 38 2.04 11.10 4.07
N GLN A 39 1.13 10.96 5.03
CA GLN A 39 1.51 10.60 6.40
C GLN A 39 1.75 9.10 6.51
N LEU A 40 1.18 8.33 5.59
CA LEU A 40 1.34 6.88 5.59
C LEU A 40 2.75 6.49 5.17
N GLN A 41 3.39 7.36 4.40
CA GLN A 41 4.75 7.11 3.94
C GLN A 41 5.74 7.08 5.10
N GLU A 42 5.41 7.81 6.16
CA GLU A 42 6.27 7.87 7.33
C GLU A 42 5.95 6.73 8.30
N ARG A 43 4.65 6.51 8.54
CA ARG A 43 4.21 5.47 9.44
C ARG A 43 4.81 4.12 9.05
N ALA A 44 4.98 3.90 7.74
CA ALA A 44 5.55 2.67 7.24
C ALA A 44 6.97 2.87 6.75
N GLY A 45 7.27 4.08 6.30
CA GLY A 45 8.60 4.39 5.80
C GLY A 45 8.78 4.00 4.35
N VAL A 46 7.85 4.41 3.51
CA VAL A 46 7.92 4.10 2.09
C VAL A 46 7.17 5.15 1.26
N LYS A 47 7.51 5.23 -0.02
CA LYS A 47 6.88 6.19 -0.92
C LYS A 47 5.63 5.59 -1.57
N MET A 48 4.49 6.21 -1.34
CA MET A 48 3.22 5.74 -1.90
C MET A 48 2.84 6.55 -3.13
N VAL A 49 2.75 5.88 -4.27
CA VAL A 49 2.38 6.54 -5.52
C VAL A 49 1.23 5.82 -6.21
N MET A 50 0.08 6.46 -6.25
CA MET A 50 -1.10 5.88 -6.89
C MET A 50 -0.98 5.94 -8.41
N ILE A 51 -1.07 4.78 -9.04
CA ILE A 51 -0.97 4.69 -10.50
C ILE A 51 -2.36 4.60 -11.13
N GLN A 52 -2.64 5.51 -12.06
CA GLN A 52 -3.92 5.53 -12.76
C GLN A 52 -3.73 5.42 -14.26
N ASP A 53 -2.66 6.02 -14.76
CA ASP A 53 -2.36 6.00 -16.19
C ASP A 53 -2.20 4.57 -16.68
N GLY A 54 -2.83 4.26 -17.82
CA GLY A 54 -2.73 2.92 -18.38
C GLY A 54 -3.90 2.61 -19.30
N PRO A 55 -4.16 1.31 -19.51
CA PRO A 55 -5.25 0.85 -20.38
C PRO A 55 -6.62 1.13 -19.79
N GLN A 56 -7.66 0.64 -20.46
CA GLN A 56 -9.03 0.84 -20.00
C GLN A 56 -9.66 -0.47 -19.57
N ASN A 57 -9.39 -1.53 -20.32
CA ASN A 57 -9.93 -2.85 -20.02
C ASN A 57 -10.03 -3.07 -18.51
N THR A 58 -8.92 -2.80 -17.80
CA THR A 58 -8.89 -2.97 -16.36
C THR A 58 -10.20 -2.55 -15.71
N GLY A 59 -10.68 -3.34 -14.76
CA GLY A 59 -11.92 -3.02 -14.08
C GLY A 59 -11.89 -1.67 -13.40
N ALA A 60 -12.85 -1.43 -12.52
CA ALA A 60 -12.93 -0.16 -11.80
C ALA A 60 -12.02 -0.18 -10.57
N ASP A 61 -10.75 0.15 -10.77
CA ASP A 61 -9.79 0.18 -9.69
C ASP A 61 -8.53 0.94 -10.09
N LYS A 62 -7.70 1.27 -9.10
CA LYS A 62 -6.47 2.00 -9.36
C LYS A 62 -5.28 1.30 -8.70
N PRO A 63 -4.31 0.87 -9.52
CA PRO A 63 -3.11 0.18 -9.04
C PRO A 63 -2.18 1.12 -8.28
N LEU A 64 -2.06 0.91 -6.98
CA LEU A 64 -1.19 1.73 -6.14
C LEU A 64 0.21 1.13 -6.05
N ARG A 65 1.21 1.95 -6.36
CA ARG A 65 2.60 1.51 -6.31
C ARG A 65 3.30 2.03 -5.05
N ILE A 66 3.86 1.11 -4.28
CA ILE A 66 4.55 1.48 -3.05
C ILE A 66 6.03 1.11 -3.13
N THR A 67 6.87 2.13 -3.28
CA THR A 67 8.31 1.92 -3.37
C THR A 67 8.99 2.18 -2.03
N GLY A 68 10.11 1.49 -1.79
CA GLY A 68 10.83 1.68 -0.54
C GLY A 68 11.71 0.48 -0.21
N ASP A 69 11.23 -0.37 0.69
CA ASP A 69 11.97 -1.56 1.10
C ASP A 69 11.08 -2.80 1.04
N PRO A 70 11.73 -3.97 0.93
CA PRO A 70 11.03 -5.26 0.86
C PRO A 70 10.36 -5.63 2.18
N TYR A 71 10.94 -5.16 3.28
CA TYR A 71 10.40 -5.43 4.60
C TYR A 71 9.40 -4.36 5.03
N LYS A 72 9.52 -3.18 4.42
CA LYS A 72 8.62 -2.07 4.73
C LYS A 72 7.44 -2.03 3.77
N VAL A 73 7.74 -1.95 2.47
CA VAL A 73 6.70 -1.91 1.46
C VAL A 73 5.60 -2.93 1.74
N GLN A 74 5.99 -4.04 2.38
CA GLN A 74 5.05 -5.09 2.72
C GLN A 74 4.12 -4.66 3.85
N GLN A 75 4.67 -3.89 4.79
CA GLN A 75 3.88 -3.41 5.93
C GLN A 75 2.86 -2.37 5.48
N ALA A 76 3.36 -1.26 4.94
CA ALA A 76 2.49 -0.18 4.48
C ALA A 76 1.34 -0.73 3.64
N LYS A 77 1.67 -1.59 2.68
CA LYS A 77 0.66 -2.19 1.81
C LYS A 77 -0.53 -2.68 2.62
N GLU A 78 -0.25 -3.30 3.76
CA GLU A 78 -1.31 -3.82 4.62
C GLU A 78 -2.09 -2.68 5.27
N MET A 79 -1.37 -1.73 5.86
CA MET A 79 -2.01 -0.59 6.51
C MET A 79 -3.01 0.08 5.58
N VAL A 80 -2.61 0.27 4.33
CA VAL A 80 -3.49 0.90 3.33
C VAL A 80 -4.67 0.01 3.01
N LEU A 81 -4.39 -1.25 2.70
CA LEU A 81 -5.43 -2.21 2.36
C LEU A 81 -6.58 -2.16 3.37
N GLU A 82 -6.23 -1.96 4.65
CA GLU A 82 -7.22 -1.88 5.70
C GLU A 82 -7.96 -0.55 5.66
N LEU A 83 -7.31 0.47 5.12
CA LEU A 83 -7.91 1.80 5.01
C LEU A 83 -9.05 1.80 4.00
N ILE A 84 -8.95 0.93 3.00
CA ILE A 84 -9.97 0.84 1.97
C ILE A 84 -11.06 -0.16 2.37
N ARG A 85 -10.69 -1.09 3.24
CA ARG A 85 -11.64 -2.11 3.71
C ARG A 85 -12.70 -1.50 4.61
N ASP A 86 -13.88 -2.11 4.63
CA ASP A 86 -14.98 -1.62 5.45
C ASP A 86 -14.49 -1.25 6.85
N GLN A 87 -14.93 -0.08 7.32
CA GLN A 87 -14.53 0.39 8.65
C GLN A 87 -15.18 -0.44 9.74
N GLY A 88 -14.49 -0.56 10.87
CA GLY A 88 -15.02 -1.34 11.98
C GLY A 88 -14.01 -1.50 13.10
N SER A 89 -14.48 -1.99 14.25
CA SER A 89 -13.61 -2.19 15.40
C SER A 89 -13.75 -3.60 15.95
N GLY A 90 -14.99 -4.01 16.22
CA GLY A 90 -15.25 -5.34 16.74
C GLY A 90 -14.64 -6.43 15.87
N PRO A 91 -14.19 -7.52 16.52
CA PRO A 91 -13.58 -8.65 15.81
C PRO A 91 -14.60 -9.44 14.99
N SER A 92 -14.71 -9.08 13.72
CA SER A 92 -15.66 -9.74 12.82
C SER A 92 -15.51 -11.26 12.91
N SER A 93 -16.60 -11.94 13.26
CA SER A 93 -16.58 -13.39 13.38
C SER A 93 -18.00 -13.96 13.28
N GLY A 94 -18.11 -15.15 12.69
CA GLY A 94 -19.42 -15.77 12.54
C GLY A 94 -19.60 -16.94 13.49
#